data_9ARN
# 
_entry.id   9ARN 
# 
_audit_conform.dict_name       mmcif_pdbx.dic 
_audit_conform.dict_version    5.402 
_audit_conform.dict_location   http://mmcif.pdb.org/dictionaries/ascii/mmcif_pdbx.dic 
# 
loop_
_database_2.database_id 
_database_2.database_code 
_database_2.pdbx_database_accession 
_database_2.pdbx_DOI 
PDB   9ARN         pdb_00009arn 10.2210/pdb9arn/pdb 
WWPDB D_1000281834 ?            ?                   
# 
_pdbx_audit_revision_history.ordinal             1 
_pdbx_audit_revision_history.data_content_type   'Structure model' 
_pdbx_audit_revision_history.major_revision      1 
_pdbx_audit_revision_history.minor_revision      0 
_pdbx_audit_revision_history.revision_date       2025-03-05 
_pdbx_audit_revision_history.part_number         ? 
# 
_pdbx_audit_revision_details.ordinal             1 
_pdbx_audit_revision_details.revision_ordinal    1 
_pdbx_audit_revision_details.data_content_type   'Structure model' 
_pdbx_audit_revision_details.provider            repository 
_pdbx_audit_revision_details.type                'Initial release' 
_pdbx_audit_revision_details.description         ? 
_pdbx_audit_revision_details.details             ? 
# 
_pdbx_database_status.status_code                     REL 
_pdbx_database_status.status_code_sf                  REL 
_pdbx_database_status.status_code_mr                  ? 
_pdbx_database_status.entry_id                        9ARN 
_pdbx_database_status.recvd_initial_deposition_date   2024-02-23 
_pdbx_database_status.SG_entry                        N 
_pdbx_database_status.deposit_site                    RCSB 
_pdbx_database_status.process_site                    RCSB 
_pdbx_database_status.status_code_cs                  ? 
_pdbx_database_status.status_code_nmr_data            ? 
_pdbx_database_status.methods_development_category    ? 
_pdbx_database_status.pdb_format_compatible           Y 
# 
loop_
_pdbx_database_related.db_name 
_pdbx_database_related.details 
_pdbx_database_related.db_id 
_pdbx_database_related.content_type 
PDB . 8W2Y unspecified 
PDB . 8W32 unspecified 
PDB . 8W37 unspecified 
# 
_pdbx_contact_author.id                 2 
_pdbx_contact_author.email              mgochin@touro.edu 
_pdbx_contact_author.name_first         Miriam 
_pdbx_contact_author.name_last          Gochin 
_pdbx_contact_author.name_mi            ? 
_pdbx_contact_author.role               'principal investigator/group leader' 
_pdbx_contact_author.identifier_ORCID   0000-0002-6652-1103 
# 
loop_
_audit_author.name 
_audit_author.pdbx_ordinal 
_audit_author.identifier_ORCID 
'McAndrew, R.P.' 1 0000-0003-3465-2560 
'Ralston, C.Y.'  2 0000-0002-7899-0951 
'Gochin, M.'     3 0000-0002-6652-1103 
# 
loop_
_citation.abstract 
_citation.abstract_id_CAS 
_citation.book_id_ISBN 
_citation.book_publisher 
_citation.book_publisher_city 
_citation.book_title 
_citation.coordinate_linkage 
_citation.country 
_citation.database_id_Medline 
_citation.details 
_citation.id 
_citation.journal_abbrev 
_citation.journal_id_ASTM 
_citation.journal_id_CSD 
_citation.journal_id_ISSN 
_citation.journal_full 
_citation.journal_issue 
_citation.journal_volume 
_citation.language 
_citation.page_first 
_citation.page_last 
_citation.title 
_citation.year 
_citation.database_id_CSD 
_citation.pdbx_database_id_DOI 
_citation.pdbx_database_id_PubMed 
_citation.pdbx_database_id_patent 
_citation.unpublished_flag 
? ? ? ? ? ? ? UK ? ? primary J.Mol.Biol.                                      JMOBAK 0070 1089-8638 ? ? 436 ? 168650 168650 
'Structure and Interactions of HIV-1 gp41 CHR-NHR Reverse Hairpin Constructs Reveal Molecular Determinants of Antiviral Activity.' 
2024 ? 10.1016/j.jmb.2024.168650 38866091 ? ? 
? ? ? ? ? ? ? DK ? ? 1       'Acta Crystallogr., Sect. D: Biol. Crystallogr.' ABCRE6 0766 0907-4449 ? ? 75  ? 861    877    
'Macromolecular structure determination using X-rays, neutrons and electrons: recent developments in Phenix'                       
2019 ? 10.1107/S2059798319011471 31588918 ? ? 
# 
loop_
_citation_author.citation_id 
_citation_author.name 
_citation_author.ordinal 
_citation_author.identifier_ORCID 
primary 'He, L.'             1  ?                   
primary 'McAndrew, R.'       2  ?                   
primary 'Barbu, R.'          3  ?                   
primary 'Gifford, G.'        4  ?                   
primary 'Halacoglu, C.'      5  ?                   
primary 'Drouin-Allaire, C.' 6  ?                   
primary 'Weber, L.'          7  ?                   
primary 'Kristensen, L.G.'   8  ?                   
primary 'Gupta, S.'          9  ?                   
primary 'Chen, Y.'           10 ?                   
primary 'Petzold, C.J.'      11 ?                   
primary 'Allaire, M.'        12 ?                   
primary 'Li, K.H.'           13 ?                   
primary 'Ralston, C.Y.'      14 ?                   
primary 'Gochin, M.'         15 ?                   
1       'Liebschner, D.'     16 0000-0003-3921-3209 
1       'Afonine, P.V.'      17 0000-0002-5052-991X 
1       'Baker, M.L.'        18 ?                   
1       'Bunkoczi, G.'       19 ?                   
1       'Chen, V.B.'         20 0000-0003-2492-979X 
1       'Croll, T.I.'        21 ?                   
1       'Hintze, B.'         22 0000-0002-4871-2096 
1       'Hung, L.W.'         23 0000-0001-6690-8458 
1       'Jain, S.'           24 ?                   
1       'McCoy, A.J.'        25 ?                   
1       'Moriarty, N.W.'     26 0000-0001-8857-9464 
1       'Oeffner, R.D.'      27 0000-0003-3107-2202 
1       'Poon, B.K.'         28 0000-0001-9633-6067 
1       'Prisant, M.G.'      29 ?                   
1       'Read, R.J.'         30 0000-0001-8273-0047 
1       'Richardson, J.S.'   31 0000-0002-3311-2944 
1       'Richardson, D.C.'   32 ?                   
1       'Sammito, M.D.'      33 0000-0002-8346-9247 
1       'Sobolev, O.V.'      34 0000-0002-0623-3214 
1       'Stockwell, D.H.'    35 ?                   
1       'Terwilliger, T.C.'  36 0000-0001-6384-0320 
1       'Urzhumtsev, A.G.'   37 ?                   
1       'Videau, L.L.'       38 ?                   
1       'Williams, C.J.'     39 ?                   
1       'Adams, P.D.'        40 0000-0001-9333-8219 
# 
loop_
_entity.id 
_entity.type 
_entity.src_method 
_entity.pdbx_description 
_entity.formula_weight 
_entity.pdbx_number_of_molecules 
_entity.pdbx_ec 
_entity.pdbx_mutation 
_entity.pdbx_fragment 
_entity.details 
1 polymer     man 'Transmembrane protein gp41' 9555.728 1  ? ? 'residues 542-591 (Uniprot numbering), plus N-terminal extension' ? 
2 non-polymer syn 'SULFATE ION'                96.063   1  ? ? ?                                                                 ? 
3 water       nat water                        18.015   38 ? ? ?                                                                 ? 
# 
_entity_name_com.entity_id   1 
_entity_name_com.name        'TM,Glycoprotein 41,gp41' 
# 
_entity_poly.entity_id                      1 
_entity_poly.type                           'polypeptide(L)' 
_entity_poly.nstd_linkage                   no 
_entity_poly.nstd_monomer                   no 
_entity_poly.pdbx_seq_one_letter_code       
;PLIEELIRRSEEQQRRNEEALRREDSGGGRQLLSGIVQQQNNLLRAIEAQQHLLQLTVWGIKQLQARILAVERYLRDQQE
D
;
_entity_poly.pdbx_seq_one_letter_code_can   
;PLIEELIRRSEEQQRRNEEALRREDSGGGRQLLSGIVQQQNNLLRAIEAQQHLLQLTVWGIKQLQARILAVERYLRDQQE
D
;
_entity_poly.pdbx_strand_id                 A 
_entity_poly.pdbx_target_identifier         ? 
# 
loop_
_pdbx_entity_nonpoly.entity_id 
_pdbx_entity_nonpoly.name 
_pdbx_entity_nonpoly.comp_id 
2 'SULFATE ION' SO4 
3 water         HOH 
# 
loop_
_entity_poly_seq.entity_id 
_entity_poly_seq.num 
_entity_poly_seq.mon_id 
_entity_poly_seq.hetero 
1 1  PRO n 
1 2  LEU n 
1 3  ILE n 
1 4  GLU n 
1 5  GLU n 
1 6  LEU n 
1 7  ILE n 
1 8  ARG n 
1 9  ARG n 
1 10 SER n 
1 11 GLU n 
1 12 GLU n 
1 13 GLN n 
1 14 GLN n 
1 15 ARG n 
1 16 ARG n 
1 17 ASN n 
1 18 GLU n 
1 19 GLU n 
1 20 ALA n 
1 21 LEU n 
1 22 ARG n 
1 23 ARG n 
1 24 GLU n 
1 25 ASP n 
1 26 SER n 
1 27 GLY n 
1 28 GLY n 
1 29 GLY n 
1 30 ARG n 
1 31 GLN n 
1 32 LEU n 
1 33 LEU n 
1 34 SER n 
1 35 GLY n 
1 36 ILE n 
1 37 VAL n 
1 38 GLN n 
1 39 GLN n 
1 40 GLN n 
1 41 ASN n 
1 42 ASN n 
1 43 LEU n 
1 44 LEU n 
1 45 ARG n 
1 46 ALA n 
1 47 ILE n 
1 48 GLU n 
1 49 ALA n 
1 50 GLN n 
1 51 GLN n 
1 52 HIS n 
1 53 LEU n 
1 54 LEU n 
1 55 GLN n 
1 56 LEU n 
1 57 THR n 
1 58 VAL n 
1 59 TRP n 
1 60 GLY n 
1 61 ILE n 
1 62 LYS n 
1 63 GLN n 
1 64 LEU n 
1 65 GLN n 
1 66 ALA n 
1 67 ARG n 
1 68 ILE n 
1 69 LEU n 
1 70 ALA n 
1 71 VAL n 
1 72 GLU n 
1 73 ARG n 
1 74 TYR n 
1 75 LEU n 
1 76 ARG n 
1 77 ASP n 
1 78 GLN n 
1 79 GLN n 
1 80 GLU n 
1 81 ASP n 
# 
_entity_src_gen.entity_id                          1 
_entity_src_gen.pdbx_src_id                        1 
_entity_src_gen.pdbx_alt_source_flag               sample 
_entity_src_gen.pdbx_seq_type                      'Biological sequence' 
_entity_src_gen.pdbx_beg_seq_num                   1 
_entity_src_gen.pdbx_end_seq_num                   81 
_entity_src_gen.gene_src_common_name               ? 
_entity_src_gen.gene_src_genus                     ? 
_entity_src_gen.pdbx_gene_src_gene                 env 
_entity_src_gen.gene_src_species                   ? 
_entity_src_gen.gene_src_strain                    ? 
_entity_src_gen.gene_src_tissue                    ? 
_entity_src_gen.gene_src_tissue_fraction           ? 
_entity_src_gen.gene_src_details                   ? 
_entity_src_gen.pdbx_gene_src_fragment             ? 
_entity_src_gen.pdbx_gene_src_scientific_name      'Human immunodeficiency virus 1' 
_entity_src_gen.pdbx_gene_src_ncbi_taxonomy_id     11676 
_entity_src_gen.pdbx_gene_src_variant              ? 
_entity_src_gen.pdbx_gene_src_cell_line            ? 
_entity_src_gen.pdbx_gene_src_atcc                 ? 
_entity_src_gen.pdbx_gene_src_organ                ? 
_entity_src_gen.pdbx_gene_src_organelle            ? 
_entity_src_gen.pdbx_gene_src_cell                 ? 
_entity_src_gen.pdbx_gene_src_cellular_location    ? 
_entity_src_gen.host_org_common_name               ? 
_entity_src_gen.pdbx_host_org_scientific_name      'Escherichia coli' 
_entity_src_gen.pdbx_host_org_ncbi_taxonomy_id     562 
_entity_src_gen.host_org_genus                     ? 
_entity_src_gen.pdbx_host_org_gene                 ? 
_entity_src_gen.pdbx_host_org_organ                ? 
_entity_src_gen.host_org_species                   ? 
_entity_src_gen.pdbx_host_org_tissue               ? 
_entity_src_gen.pdbx_host_org_tissue_fraction      ? 
_entity_src_gen.pdbx_host_org_strain               ? 
_entity_src_gen.pdbx_host_org_variant              ? 
_entity_src_gen.pdbx_host_org_cell_line            ? 
_entity_src_gen.pdbx_host_org_atcc                 ? 
_entity_src_gen.pdbx_host_org_culture_collection   ? 
_entity_src_gen.pdbx_host_org_cell                 ? 
_entity_src_gen.pdbx_host_org_organelle            ? 
_entity_src_gen.pdbx_host_org_cellular_location    ? 
_entity_src_gen.pdbx_host_org_vector_type          ? 
_entity_src_gen.pdbx_host_org_vector               ? 
_entity_src_gen.host_org_details                   ? 
_entity_src_gen.expression_system_id               ? 
_entity_src_gen.plasmid_name                       ? 
_entity_src_gen.plasmid_details                    ? 
_entity_src_gen.pdbx_description                   ? 
# 
loop_
_chem_comp.id 
_chem_comp.type 
_chem_comp.mon_nstd_flag 
_chem_comp.name 
_chem_comp.pdbx_synonyms 
_chem_comp.formula 
_chem_comp.formula_weight 
ALA 'L-peptide linking' y ALANINE         ? 'C3 H7 N O2'     89.093  
ARG 'L-peptide linking' y ARGININE        ? 'C6 H15 N4 O2 1' 175.209 
ASN 'L-peptide linking' y ASPARAGINE      ? 'C4 H8 N2 O3'    132.118 
ASP 'L-peptide linking' y 'ASPARTIC ACID' ? 'C4 H7 N O4'     133.103 
GLN 'L-peptide linking' y GLUTAMINE       ? 'C5 H10 N2 O3'   146.144 
GLU 'L-peptide linking' y 'GLUTAMIC ACID' ? 'C5 H9 N O4'     147.129 
GLY 'peptide linking'   y GLYCINE         ? 'C2 H5 N O2'     75.067  
HIS 'L-peptide linking' y HISTIDINE       ? 'C6 H10 N3 O2 1' 156.162 
HOH non-polymer         . WATER           ? 'H2 O'           18.015  
ILE 'L-peptide linking' y ISOLEUCINE      ? 'C6 H13 N O2'    131.173 
LEU 'L-peptide linking' y LEUCINE         ? 'C6 H13 N O2'    131.173 
LYS 'L-peptide linking' y LYSINE          ? 'C6 H15 N2 O2 1' 147.195 
PRO 'L-peptide linking' y PROLINE         ? 'C5 H9 N O2'     115.130 
SER 'L-peptide linking' y SERINE          ? 'C3 H7 N O3'     105.093 
SO4 non-polymer         . 'SULFATE ION'   ? 'O4 S -2'        96.063  
THR 'L-peptide linking' y THREONINE       ? 'C4 H9 N O3'     119.119 
TRP 'L-peptide linking' y TRYPTOPHAN      ? 'C11 H12 N2 O2'  204.225 
TYR 'L-peptide linking' y TYROSINE        ? 'C9 H11 N O3'    181.189 
VAL 'L-peptide linking' y VALINE          ? 'C5 H11 N O2'    117.146 
# 
loop_
_pdbx_poly_seq_scheme.asym_id 
_pdbx_poly_seq_scheme.entity_id 
_pdbx_poly_seq_scheme.seq_id 
_pdbx_poly_seq_scheme.mon_id 
_pdbx_poly_seq_scheme.ndb_seq_num 
_pdbx_poly_seq_scheme.pdb_seq_num 
_pdbx_poly_seq_scheme.auth_seq_num 
_pdbx_poly_seq_scheme.pdb_mon_id 
_pdbx_poly_seq_scheme.auth_mon_id 
_pdbx_poly_seq_scheme.pdb_strand_id 
_pdbx_poly_seq_scheme.pdb_ins_code 
_pdbx_poly_seq_scheme.hetero 
A 1 1  PRO 1  1  1  PRO PRO A . n 
A 1 2  LEU 2  2  2  LEU LEU A . n 
A 1 3  ILE 3  3  3  ILE ILE A . n 
A 1 4  GLU 4  4  4  GLU GLU A . n 
A 1 5  GLU 5  5  5  GLU GLU A . n 
A 1 6  LEU 6  6  6  LEU LEU A . n 
A 1 7  ILE 7  7  7  ILE ILE A . n 
A 1 8  ARG 8  8  8  ARG ARG A . n 
A 1 9  ARG 9  9  9  ARG ARG A . n 
A 1 10 SER 10 10 10 SER SER A . n 
A 1 11 GLU 11 11 11 GLU GLU A . n 
A 1 12 GLU 12 12 12 GLU GLU A . n 
A 1 13 GLN 13 13 13 GLN GLN A . n 
A 1 14 GLN 14 14 14 GLN GLN A . n 
A 1 15 ARG 15 15 15 ARG ARG A . n 
A 1 16 ARG 16 16 16 ARG ARG A . n 
A 1 17 ASN 17 17 17 ASN ASN A . n 
A 1 18 GLU 18 18 18 GLU GLU A . n 
A 1 19 GLU 19 19 19 GLU GLU A . n 
A 1 20 ALA 20 20 20 ALA ALA A . n 
A 1 21 LEU 21 21 21 LEU LEU A . n 
A 1 22 ARG 22 22 22 ARG ARG A . n 
A 1 23 ARG 23 23 ?  ?   ?   A . n 
A 1 24 GLU 24 24 ?  ?   ?   A . n 
A 1 25 ASP 25 25 ?  ?   ?   A . n 
A 1 26 SER 26 26 ?  ?   ?   A . n 
A 1 27 GLY 27 27 ?  ?   ?   A . n 
A 1 28 GLY 28 28 ?  ?   ?   A . n 
A 1 29 GLY 29 29 ?  ?   ?   A . n 
A 1 30 ARG 30 30 ?  ?   ?   A . n 
A 1 31 GLN 31 31 31 GLN GLN A . n 
A 1 32 LEU 32 32 32 LEU LEU A . n 
A 1 33 LEU 33 33 33 LEU LEU A . n 
A 1 34 SER 34 34 34 SER SER A . n 
A 1 35 GLY 35 35 35 GLY GLY A . n 
A 1 36 ILE 36 36 36 ILE ILE A . n 
A 1 37 VAL 37 37 37 VAL VAL A . n 
A 1 38 GLN 38 38 38 GLN GLN A . n 
A 1 39 GLN 39 39 39 GLN GLN A . n 
A 1 40 GLN 40 40 40 GLN GLN A . n 
A 1 41 ASN 41 41 41 ASN ASN A . n 
A 1 42 ASN 42 42 42 ASN ASN A . n 
A 1 43 LEU 43 43 43 LEU LEU A . n 
A 1 44 LEU 44 44 44 LEU LEU A . n 
A 1 45 ARG 45 45 45 ARG ARG A . n 
A 1 46 ALA 46 46 46 ALA ALA A . n 
A 1 47 ILE 47 47 47 ILE ILE A . n 
A 1 48 GLU 48 48 48 GLU GLU A . n 
A 1 49 ALA 49 49 49 ALA ALA A . n 
A 1 50 GLN 50 50 50 GLN GLN A . n 
A 1 51 GLN 51 51 51 GLN GLN A . n 
A 1 52 HIS 52 52 52 HIS HIS A . n 
A 1 53 LEU 53 53 53 LEU LEU A . n 
A 1 54 LEU 54 54 54 LEU LEU A . n 
A 1 55 GLN 55 55 55 GLN GLN A . n 
A 1 56 LEU 56 56 56 LEU LEU A . n 
A 1 57 THR 57 57 57 THR THR A . n 
A 1 58 VAL 58 58 58 VAL VAL A . n 
A 1 59 TRP 59 59 59 TRP TRP A . n 
A 1 60 GLY 60 60 60 GLY GLY A . n 
A 1 61 ILE 61 61 61 ILE ILE A . n 
A 1 62 LYS 62 62 62 LYS LYS A . n 
A 1 63 GLN 63 63 63 GLN GLN A . n 
A 1 64 LEU 64 64 64 LEU LEU A . n 
A 1 65 GLN 65 65 65 GLN GLN A . n 
A 1 66 ALA 66 66 66 ALA ALA A . n 
A 1 67 ARG 67 67 67 ARG ARG A . n 
A 1 68 ILE 68 68 68 ILE ILE A . n 
A 1 69 LEU 69 69 69 LEU LEU A . n 
A 1 70 ALA 70 70 70 ALA ALA A . n 
A 1 71 VAL 71 71 71 VAL VAL A . n 
A 1 72 GLU 72 72 72 GLU GLU A . n 
A 1 73 ARG 73 73 73 ARG ARG A . n 
A 1 74 TYR 74 74 74 TYR TYR A . n 
A 1 75 LEU 75 75 75 LEU LEU A . n 
A 1 76 ARG 76 76 76 ARG ARG A . n 
A 1 77 ASP 77 77 77 ASP ASP A . n 
A 1 78 GLN 78 78 78 GLN GLN A . n 
A 1 79 GLN 79 79 79 GLN GLN A . n 
A 1 80 GLU 80 80 80 GLU GLU A . n 
A 1 81 ASP 81 81 ?  ?   ?   A . n 
# 
loop_
_pdbx_nonpoly_scheme.asym_id 
_pdbx_nonpoly_scheme.entity_id 
_pdbx_nonpoly_scheme.mon_id 
_pdbx_nonpoly_scheme.ndb_seq_num 
_pdbx_nonpoly_scheme.pdb_seq_num 
_pdbx_nonpoly_scheme.auth_seq_num 
_pdbx_nonpoly_scheme.pdb_mon_id 
_pdbx_nonpoly_scheme.auth_mon_id 
_pdbx_nonpoly_scheme.pdb_strand_id 
_pdbx_nonpoly_scheme.pdb_ins_code 
B 2 SO4 1  101 101 SO4 SO4 A . 
C 3 HOH 1  201 4   HOH HOH A . 
C 3 HOH 2  202 10  HOH HOH A . 
C 3 HOH 3  203 21  HOH HOH A . 
C 3 HOH 4  204 8   HOH HOH A . 
C 3 HOH 5  205 19  HOH HOH A . 
C 3 HOH 6  206 2   HOH HOH A . 
C 3 HOH 7  207 16  HOH HOH A . 
C 3 HOH 8  208 45  HOH HOH A . 
C 3 HOH 9  209 5   HOH HOH A . 
C 3 HOH 10 210 6   HOH HOH A . 
C 3 HOH 11 211 3   HOH HOH A . 
C 3 HOH 12 212 1   HOH HOH A . 
C 3 HOH 13 213 14  HOH HOH A . 
C 3 HOH 14 214 20  HOH HOH A . 
C 3 HOH 15 215 13  HOH HOH A . 
C 3 HOH 16 216 9   HOH HOH A . 
C 3 HOH 17 217 30  HOH HOH A . 
C 3 HOH 18 218 29  HOH HOH A . 
C 3 HOH 19 219 31  HOH HOH A . 
C 3 HOH 20 220 46  HOH HOH A . 
C 3 HOH 21 221 41  HOH HOH A . 
C 3 HOH 22 222 27  HOH HOH A . 
C 3 HOH 23 223 35  HOH HOH A . 
C 3 HOH 24 224 22  HOH HOH A . 
C 3 HOH 25 225 23  HOH HOH A . 
C 3 HOH 26 226 40  HOH HOH A . 
C 3 HOH 27 227 33  HOH HOH A . 
C 3 HOH 28 228 44  HOH HOH A . 
C 3 HOH 29 229 25  HOH HOH A . 
C 3 HOH 30 230 11  HOH HOH A . 
C 3 HOH 31 231 43  HOH HOH A . 
C 3 HOH 32 232 34  HOH HOH A . 
C 3 HOH 33 233 39  HOH HOH A . 
C 3 HOH 34 234 24  HOH HOH A . 
C 3 HOH 35 235 28  HOH HOH A . 
C 3 HOH 36 236 7   HOH HOH A . 
C 3 HOH 37 237 37  HOH HOH A . 
C 3 HOH 38 238 15  HOH HOH A . 
# 
loop_
_software.citation_id 
_software.classification 
_software.compiler_name 
_software.compiler_version 
_software.contact_author 
_software.contact_author_email 
_software.date 
_software.description 
_software.dependencies 
_software.hardware 
_software.language 
_software.location 
_software.mods 
_software.name 
_software.os 
_software.os_version 
_software.type 
_software.version 
_software.pdbx_ordinal 
? refinement       ? ? ? ? ? ? ? ? ? ? ? PHENIX ? ? ? dev_5246                     1 
? 'data reduction' ? ? ? ? ? ? ? ? ? ? ? xia2   ? ? ? 0.5.653-g9f819c0c-dials-1.11 2 
? 'data scaling'   ? ? ? ? ? ? ? ? ? ? ? xia2   ? ? ? 0.5.653-g9f819c0c-dials-1.11 3 
? phasing          ? ? ? ? ? ? ? ? ? ? ? PHASER ? ? ? 2.8.3                        4 
# 
_cell.angle_alpha                  90.000 
_cell.angle_alpha_esd              ? 
_cell.angle_beta                   90.000 
_cell.angle_beta_esd               ? 
_cell.angle_gamma                  120.000 
_cell.angle_gamma_esd              ? 
_cell.entry_id                     9ARN 
_cell.details                      ? 
_cell.formula_units_Z              ? 
_cell.length_a                     44.783 
_cell.length_a_esd                 ? 
_cell.length_b                     44.783 
_cell.length_b_esd                 ? 
_cell.length_c                     220.058 
_cell.length_c_esd                 ? 
_cell.volume                       382209.888 
_cell.volume_esd                   ? 
_cell.Z_PDB                        18 
_cell.reciprocal_angle_alpha       ? 
_cell.reciprocal_angle_beta        ? 
_cell.reciprocal_angle_gamma       ? 
_cell.reciprocal_angle_alpha_esd   ? 
_cell.reciprocal_angle_beta_esd    ? 
_cell.reciprocal_angle_gamma_esd   ? 
_cell.reciprocal_length_a          ? 
_cell.reciprocal_length_b          ? 
_cell.reciprocal_length_c          ? 
_cell.reciprocal_length_a_esd      ? 
_cell.reciprocal_length_b_esd      ? 
_cell.reciprocal_length_c_esd      ? 
_cell.pdbx_unique_axis             ? 
_cell.pdbx_esd_method              ? 
# 
_symmetry.entry_id                         9ARN 
_symmetry.cell_setting                     ? 
_symmetry.Int_Tables_number                155 
_symmetry.space_group_name_Hall            
;R 3 2"
;
_symmetry.space_group_name_H-M             'H 3 2' 
_symmetry.pdbx_full_space_group_name_H-M   ? 
# 
_exptl.absorpt_coefficient_mu     ? 
_exptl.absorpt_correction_T_max   ? 
_exptl.absorpt_correction_T_min   ? 
_exptl.absorpt_correction_type    ? 
_exptl.absorpt_process_details    ? 
_exptl.entry_id                   9ARN 
_exptl.crystals_number            1 
_exptl.details                    ? 
_exptl.method                     'X-RAY DIFFRACTION' 
_exptl.method_details             ? 
# 
_exptl_crystal.colour                       ? 
_exptl_crystal.density_diffrn               ? 
_exptl_crystal.density_Matthews             2.22 
_exptl_crystal.density_method               ? 
_exptl_crystal.density_percent_sol          44.65 
_exptl_crystal.description                  ? 
_exptl_crystal.F_000                        ? 
_exptl_crystal.id                           1 
_exptl_crystal.preparation                  ? 
_exptl_crystal.size_max                     ? 
_exptl_crystal.size_mid                     ? 
_exptl_crystal.size_min                     ? 
_exptl_crystal.size_rad                     ? 
_exptl_crystal.colour_lustre                ? 
_exptl_crystal.colour_modifier              ? 
_exptl_crystal.colour_primary               ? 
_exptl_crystal.density_meas                 ? 
_exptl_crystal.density_meas_esd             ? 
_exptl_crystal.density_meas_gt              ? 
_exptl_crystal.density_meas_lt              ? 
_exptl_crystal.density_meas_temp            ? 
_exptl_crystal.density_meas_temp_esd        ? 
_exptl_crystal.density_meas_temp_gt         ? 
_exptl_crystal.density_meas_temp_lt         ? 
_exptl_crystal.pdbx_crystal_image_url       ? 
_exptl_crystal.pdbx_crystal_image_format    ? 
_exptl_crystal.pdbx_mosaicity               ? 
_exptl_crystal.pdbx_mosaicity_esd           ? 
_exptl_crystal.pdbx_mosaic_method           ? 
_exptl_crystal.pdbx_mosaic_block_size       ? 
_exptl_crystal.pdbx_mosaic_block_size_esd   ? 
# 
_exptl_crystal_grow.apparatus       ? 
_exptl_crystal_grow.atmosphere      ? 
_exptl_crystal_grow.crystal_id      1 
_exptl_crystal_grow.details         ? 
_exptl_crystal_grow.method          'VAPOR DIFFUSION' 
_exptl_crystal_grow.method_ref      ? 
_exptl_crystal_grow.pH              6.4 
_exptl_crystal_grow.pressure        ? 
_exptl_crystal_grow.pressure_esd    ? 
_exptl_crystal_grow.seeding         ? 
_exptl_crystal_grow.seeding_ref     ? 
_exptl_crystal_grow.temp_details    ? 
_exptl_crystal_grow.temp_esd        ? 
_exptl_crystal_grow.time            ? 
_exptl_crystal_grow.pdbx_details    '0.1M lithium sulfate, 0.1M sodium citrate trihydrate at pH 6.4 and 25% PEG-1500' 
_exptl_crystal_grow.pdbx_pH_range   ? 
_exptl_crystal_grow.temp            293 
# 
_diffrn.ambient_environment              ? 
_diffrn.ambient_temp                     100 
_diffrn.ambient_temp_details             ? 
_diffrn.ambient_temp_esd                 ? 
_diffrn.crystal_id                       1 
_diffrn.crystal_support                  ? 
_diffrn.crystal_treatment                ? 
_diffrn.details                          ? 
_diffrn.id                               1 
_diffrn.ambient_pressure                 ? 
_diffrn.ambient_pressure_esd             ? 
_diffrn.ambient_pressure_gt              ? 
_diffrn.ambient_pressure_lt              ? 
_diffrn.ambient_temp_gt                  ? 
_diffrn.ambient_temp_lt                  ? 
_diffrn.pdbx_serial_crystal_experiment   N 
# 
_diffrn_detector.details                      ? 
_diffrn_detector.detector                     PIXEL 
_diffrn_detector.diffrn_id                    1 
_diffrn_detector.type                         'DECTRIS PILATUS3 6M' 
_diffrn_detector.area_resol_mean              ? 
_diffrn_detector.dtime                        ? 
_diffrn_detector.pdbx_frames_total            ? 
_diffrn_detector.pdbx_collection_time_total   ? 
_diffrn_detector.pdbx_collection_date         2022-03-18 
_diffrn_detector.pdbx_frequency               ? 
_diffrn_detector.id                           ? 
_diffrn_detector.number_of_axes               ? 
# 
_diffrn_radiation.collimation                      ? 
_diffrn_radiation.diffrn_id                        1 
_diffrn_radiation.filter_edge                      ? 
_diffrn_radiation.inhomogeneity                    ? 
_diffrn_radiation.monochromator                    ? 
_diffrn_radiation.polarisn_norm                    ? 
_diffrn_radiation.polarisn_ratio                   ? 
_diffrn_radiation.probe                            ? 
_diffrn_radiation.type                             ? 
_diffrn_radiation.xray_symbol                      ? 
_diffrn_radiation.wavelength_id                    1 
_diffrn_radiation.pdbx_monochromatic_or_laue_m_l   M 
_diffrn_radiation.pdbx_wavelength_list             ? 
_diffrn_radiation.pdbx_wavelength                  ? 
_diffrn_radiation.pdbx_diffrn_protocol             'SINGLE WAVELENGTH' 
_diffrn_radiation.pdbx_analyzer                    ? 
_diffrn_radiation.pdbx_scattering_type             x-ray 
# 
_diffrn_radiation_wavelength.id           1 
_diffrn_radiation_wavelength.wavelength   1.00003 
_diffrn_radiation_wavelength.wt           1.0 
# 
_diffrn_source.current                     ? 
_diffrn_source.details                     ? 
_diffrn_source.diffrn_id                   1 
_diffrn_source.power                       ? 
_diffrn_source.size                        ? 
_diffrn_source.source                      SYNCHROTRON 
_diffrn_source.target                      ? 
_diffrn_source.type                        'ALS BEAMLINE 5.0.1' 
_diffrn_source.voltage                     ? 
_diffrn_source.take-off_angle              ? 
_diffrn_source.pdbx_wavelength_list        1.00003 
_diffrn_source.pdbx_wavelength             ? 
_diffrn_source.pdbx_synchrotron_beamline   5.0.1 
_diffrn_source.pdbx_synchrotron_site       ALS 
# 
_reflns.B_iso_Wilson_estimate                          21.45 
_reflns.entry_id                                       9ARN 
_reflns.data_reduction_details                         ? 
_reflns.data_reduction_method                          ? 
_reflns.d_resolution_high                              1.41 
_reflns.d_resolution_low                               38.19 
_reflns.details                                        ? 
_reflns.limit_h_max                                    ? 
_reflns.limit_h_min                                    ? 
_reflns.limit_k_max                                    ? 
_reflns.limit_k_min                                    ? 
_reflns.limit_l_max                                    ? 
_reflns.limit_l_min                                    ? 
_reflns.number_all                                     ? 
_reflns.number_obs                                     18490 
_reflns.observed_criterion                             ? 
_reflns.observed_criterion_F_max                       ? 
_reflns.observed_criterion_F_min                       ? 
_reflns.observed_criterion_I_max                       ? 
_reflns.observed_criterion_I_min                       ? 
_reflns.observed_criterion_sigma_F                     ? 
_reflns.observed_criterion_sigma_I                     ? 
_reflns.percent_possible_obs                           92.13 
_reflns.R_free_details                                 ? 
_reflns.Rmerge_F_all                                   ? 
_reflns.Rmerge_F_obs                                   ? 
_reflns.Friedel_coverage                               ? 
_reflns.number_gt                                      ? 
_reflns.threshold_expression                           ? 
_reflns.pdbx_redundancy                                8.2 
_reflns.pdbx_netI_over_av_sigmaI                       ? 
_reflns.pdbx_netI_over_sigmaI                          8.71 
_reflns.pdbx_res_netI_over_av_sigmaI_2                 ? 
_reflns.pdbx_res_netI_over_sigmaI_2                    ? 
_reflns.pdbx_chi_squared                               ? 
_reflns.pdbx_scaling_rejects                           ? 
_reflns.pdbx_d_res_high_opt                            ? 
_reflns.pdbx_d_res_low_opt                             ? 
_reflns.pdbx_d_res_opt_method                          ? 
_reflns.phase_calculation_details                      ? 
_reflns.pdbx_Rrim_I_all                                ? 
_reflns.pdbx_Rpim_I_all                                ? 
_reflns.pdbx_d_opt                                     ? 
_reflns.pdbx_number_measured_all                       ? 
_reflns.pdbx_diffrn_id                                 1 
_reflns.pdbx_ordinal                                   1 
_reflns.pdbx_CC_half                                   1 
_reflns.pdbx_CC_star                                   1 
_reflns.pdbx_R_split                                   ? 
_reflns.pdbx_Rmerge_I_obs                              0.04578 
_reflns.pdbx_Rmerge_I_all                              ? 
_reflns.pdbx_Rsym_value                                ? 
_reflns.pdbx_CC_split_method                           ? 
_reflns.pdbx_aniso_diffraction_limit_axis_1_ortho[1]   ? 
_reflns.pdbx_aniso_diffraction_limit_axis_1_ortho[2]   ? 
_reflns.pdbx_aniso_diffraction_limit_axis_1_ortho[3]   ? 
_reflns.pdbx_aniso_diffraction_limit_axis_2_ortho[1]   ? 
_reflns.pdbx_aniso_diffraction_limit_axis_2_ortho[2]   ? 
_reflns.pdbx_aniso_diffraction_limit_axis_2_ortho[3]   ? 
_reflns.pdbx_aniso_diffraction_limit_axis_3_ortho[1]   ? 
_reflns.pdbx_aniso_diffraction_limit_axis_3_ortho[2]   ? 
_reflns.pdbx_aniso_diffraction_limit_axis_3_ortho[3]   ? 
_reflns.pdbx_aniso_diffraction_limit_1                 ? 
_reflns.pdbx_aniso_diffraction_limit_2                 ? 
_reflns.pdbx_aniso_diffraction_limit_3                 ? 
_reflns.pdbx_aniso_B_tensor_eigenvector_1_ortho[1]     ? 
_reflns.pdbx_aniso_B_tensor_eigenvector_1_ortho[2]     ? 
_reflns.pdbx_aniso_B_tensor_eigenvector_1_ortho[3]     ? 
_reflns.pdbx_aniso_B_tensor_eigenvector_2_ortho[1]     ? 
_reflns.pdbx_aniso_B_tensor_eigenvector_2_ortho[2]     ? 
_reflns.pdbx_aniso_B_tensor_eigenvector_2_ortho[3]     ? 
_reflns.pdbx_aniso_B_tensor_eigenvector_3_ortho[1]     ? 
_reflns.pdbx_aniso_B_tensor_eigenvector_3_ortho[2]     ? 
_reflns.pdbx_aniso_B_tensor_eigenvector_3_ortho[3]     ? 
_reflns.pdbx_aniso_B_tensor_eigenvalue_1               ? 
_reflns.pdbx_aniso_B_tensor_eigenvalue_2               ? 
_reflns.pdbx_aniso_B_tensor_eigenvalue_3               ? 
_reflns.pdbx_orthogonalization_convention              ? 
_reflns.pdbx_percent_possible_ellipsoidal              ? 
_reflns.pdbx_percent_possible_spherical                ? 
_reflns.pdbx_percent_possible_ellipsoidal_anomalous    ? 
_reflns.pdbx_percent_possible_spherical_anomalous      ? 
_reflns.pdbx_redundancy_anomalous                      ? 
_reflns.pdbx_CC_half_anomalous                         ? 
_reflns.pdbx_absDiff_over_sigma_anomalous              ? 
_reflns.pdbx_percent_possible_anomalous                ? 
_reflns.pdbx_observed_signal_threshold                 ? 
_reflns.pdbx_signal_type                               ? 
_reflns.pdbx_signal_details                            ? 
_reflns.pdbx_signal_software_id                        ? 
# 
_reflns_shell.d_res_high                                    1.41 
_reflns_shell.d_res_low                                     1.5 
_reflns_shell.meanI_over_sigI_all                           ? 
_reflns_shell.meanI_over_sigI_obs                           0.11 
_reflns_shell.number_measured_all                           ? 
_reflns_shell.number_measured_obs                           ? 
_reflns_shell.number_possible                               ? 
_reflns_shell.number_unique_all                             ? 
_reflns_shell.number_unique_obs                             2999 
_reflns_shell.percent_possible_obs                          ? 
_reflns_shell.Rmerge_F_all                                  ? 
_reflns_shell.Rmerge_F_obs                                  ? 
_reflns_shell.meanI_over_sigI_gt                            ? 
_reflns_shell.meanI_over_uI_all                             ? 
_reflns_shell.meanI_over_uI_gt                              ? 
_reflns_shell.number_measured_gt                            ? 
_reflns_shell.number_unique_gt                              ? 
_reflns_shell.percent_possible_gt                           ? 
_reflns_shell.Rmerge_F_gt                                   ? 
_reflns_shell.Rmerge_I_gt                                   ? 
_reflns_shell.pdbx_redundancy                               6 
_reflns_shell.pdbx_chi_squared                              ? 
_reflns_shell.pdbx_netI_over_sigmaI_all                     ? 
_reflns_shell.pdbx_netI_over_sigmaI_obs                     ? 
_reflns_shell.pdbx_Rrim_I_all                               ? 
_reflns_shell.pdbx_Rpim_I_all                               ? 
_reflns_shell.pdbx_rejects                                  ? 
_reflns_shell.pdbx_ordinal                                  1 
_reflns_shell.pdbx_diffrn_id                                1 
_reflns_shell.pdbx_CC_half                                  0.64 
_reflns_shell.pdbx_CC_star                                  0.883 
_reflns_shell.pdbx_R_split                                  ? 
_reflns_shell.percent_possible_all                          53.02 
_reflns_shell.Rmerge_I_all                                  ? 
_reflns_shell.Rmerge_I_obs                                  1.368 
_reflns_shell.pdbx_Rsym_value                               ? 
_reflns_shell.pdbx_percent_possible_ellipsoidal             ? 
_reflns_shell.pdbx_percent_possible_spherical               ? 
_reflns_shell.pdbx_percent_possible_ellipsoidal_anomalous   ? 
_reflns_shell.pdbx_percent_possible_spherical_anomalous     ? 
_reflns_shell.pdbx_redundancy_anomalous                     ? 
_reflns_shell.pdbx_CC_half_anomalous                        ? 
_reflns_shell.pdbx_absDiff_over_sigma_anomalous             ? 
_reflns_shell.pdbx_percent_possible_anomalous               ? 
# 
_refine.aniso_B[1][1]                            ? 
_refine.aniso_B[1][2]                            ? 
_refine.aniso_B[1][3]                            ? 
_refine.aniso_B[2][2]                            ? 
_refine.aniso_B[2][3]                            ? 
_refine.aniso_B[3][3]                            ? 
_refine.B_iso_max                                ? 
_refine.B_iso_mean                               39.09 
_refine.B_iso_min                                ? 
_refine.correlation_coeff_Fo_to_Fc               ? 
_refine.correlation_coeff_Fo_to_Fc_free          ? 
_refine.details                                  ? 
_refine.diff_density_max                         ? 
_refine.diff_density_max_esd                     ? 
_refine.diff_density_min                         ? 
_refine.diff_density_min_esd                     ? 
_refine.diff_density_rms                         ? 
_refine.diff_density_rms_esd                     ? 
_refine.entry_id                                 9ARN 
_refine.pdbx_refine_id                           'X-RAY DIFFRACTION' 
_refine.ls_abs_structure_details                 ? 
_refine.ls_abs_structure_Flack                   ? 
_refine.ls_abs_structure_Flack_esd               ? 
_refine.ls_abs_structure_Rogers                  ? 
_refine.ls_abs_structure_Rogers_esd              ? 
_refine.ls_d_res_high                            1.41 
_refine.ls_d_res_low                             38.19 
_refine.ls_extinction_coef                       ? 
_refine.ls_extinction_coef_esd                   ? 
_refine.ls_extinction_expression                 ? 
_refine.ls_extinction_method                     ? 
_refine.ls_goodness_of_fit_all                   ? 
_refine.ls_goodness_of_fit_all_esd               ? 
_refine.ls_goodness_of_fit_obs                   ? 
_refine.ls_goodness_of_fit_obs_esd               ? 
_refine.ls_hydrogen_treatment                    ? 
_refine.ls_matrix_type                           ? 
_refine.ls_number_constraints                    ? 
_refine.ls_number_parameters                     ? 
_refine.ls_number_reflns_all                     ? 
_refine.ls_number_reflns_obs                     15576 
_refine.ls_number_reflns_R_free                  771 
_refine.ls_number_reflns_R_work                  14805 
_refine.ls_number_restraints                     ? 
_refine.ls_percent_reflns_obs                    92.13 
_refine.ls_percent_reflns_R_free                 4.95 
_refine.ls_R_factor_all                          ? 
_refine.ls_R_factor_obs                          0.2573 
_refine.ls_R_factor_R_free                       0.2912 
_refine.ls_R_factor_R_free_error                 ? 
_refine.ls_R_factor_R_free_error_details         ? 
_refine.ls_R_factor_R_work                       0.2555 
_refine.ls_R_Fsqd_factor_obs                     ? 
_refine.ls_R_I_factor_obs                        ? 
_refine.ls_redundancy_reflns_all                 ? 
_refine.ls_redundancy_reflns_obs                 ? 
_refine.ls_restrained_S_all                      ? 
_refine.ls_restrained_S_obs                      ? 
_refine.ls_shift_over_esd_max                    ? 
_refine.ls_shift_over_esd_mean                   ? 
_refine.ls_structure_factor_coef                 ? 
_refine.ls_weighting_details                     ? 
_refine.ls_weighting_scheme                      ? 
_refine.ls_wR_factor_all                         ? 
_refine.ls_wR_factor_obs                         ? 
_refine.ls_wR_factor_R_free                      ? 
_refine.ls_wR_factor_R_work                      ? 
_refine.occupancy_max                            ? 
_refine.occupancy_min                            ? 
_refine.solvent_model_details                    'FLAT BULK SOLVENT MODEL' 
_refine.solvent_model_param_bsol                 ? 
_refine.solvent_model_param_ksol                 ? 
_refine.pdbx_R_complete                          ? 
_refine.ls_R_factor_gt                           ? 
_refine.ls_goodness_of_fit_gt                    ? 
_refine.ls_goodness_of_fit_ref                   ? 
_refine.ls_shift_over_su_max                     ? 
_refine.ls_shift_over_su_max_lt                  ? 
_refine.ls_shift_over_su_mean                    ? 
_refine.ls_shift_over_su_mean_lt                 ? 
_refine.pdbx_ls_sigma_I                          ? 
_refine.pdbx_ls_sigma_F                          1.33 
_refine.pdbx_ls_sigma_Fsqd                       ? 
_refine.pdbx_data_cutoff_high_absF               ? 
_refine.pdbx_data_cutoff_high_rms_absF           ? 
_refine.pdbx_data_cutoff_low_absF                ? 
_refine.pdbx_isotropic_thermal_model             ? 
_refine.pdbx_ls_cross_valid_method               'FREE R-VALUE' 
_refine.pdbx_method_to_determine_struct          'MOLECULAR REPLACEMENT' 
_refine.pdbx_starting_model                      ? 
_refine.pdbx_stereochemistry_target_values       'GeoStd + Monomer Library + CDL v1.2' 
_refine.pdbx_R_Free_selection_details            ? 
_refine.pdbx_stereochem_target_val_spec_case     ? 
_refine.pdbx_overall_ESU_R                       ? 
_refine.pdbx_overall_ESU_R_Free                  ? 
_refine.pdbx_solvent_vdw_probe_radii             1.1000 
_refine.pdbx_solvent_ion_probe_radii             ? 
_refine.pdbx_solvent_shrinkage_radii             0.9000 
_refine.pdbx_real_space_R                        ? 
_refine.pdbx_density_correlation                 ? 
_refine.pdbx_pd_number_of_powder_patterns        ? 
_refine.pdbx_pd_number_of_points                 ? 
_refine.pdbx_pd_meas_number_of_points            ? 
_refine.pdbx_pd_proc_ls_prof_R_factor            ? 
_refine.pdbx_pd_proc_ls_prof_wR_factor           ? 
_refine.pdbx_pd_Marquardt_correlation_coeff      ? 
_refine.pdbx_pd_Fsqrd_R_factor                   ? 
_refine.pdbx_pd_ls_matrix_band_width             ? 
_refine.pdbx_overall_phase_error                 46.3373 
_refine.pdbx_overall_SU_R_free_Cruickshank_DPI   ? 
_refine.pdbx_overall_SU_R_free_Blow_DPI          ? 
_refine.pdbx_overall_SU_R_Blow_DPI               ? 
_refine.pdbx_TLS_residual_ADP_flag               ? 
_refine.pdbx_diffrn_id                           1 
_refine.overall_SU_B                             ? 
_refine.overall_SU_ML                            0.3208 
_refine.overall_SU_R_Cruickshank_DPI             ? 
_refine.overall_SU_R_free                        ? 
_refine.overall_FOM_free_R_set                   ? 
_refine.overall_FOM_work_R_set                   ? 
_refine.pdbx_average_fsc_overall                 ? 
_refine.pdbx_average_fsc_work                    ? 
_refine.pdbx_average_fsc_free                    ? 
# 
_refine_hist.pdbx_refine_id                   'X-RAY DIFFRACTION' 
_refine_hist.cycle_id                         LAST 
_refine_hist.details                          ? 
_refine_hist.d_res_high                       1.41 
_refine_hist.d_res_low                        38.19 
_refine_hist.number_atoms_solvent             38 
_refine_hist.number_atoms_total               649 
_refine_hist.number_reflns_all                ? 
_refine_hist.number_reflns_obs                ? 
_refine_hist.number_reflns_R_free             ? 
_refine_hist.number_reflns_R_work             ? 
_refine_hist.R_factor_all                     ? 
_refine_hist.R_factor_obs                     ? 
_refine_hist.R_factor_R_free                  ? 
_refine_hist.R_factor_R_work                  ? 
_refine_hist.pdbx_number_residues_total       ? 
_refine_hist.pdbx_B_iso_mean_ligand           ? 
_refine_hist.pdbx_B_iso_mean_solvent          ? 
_refine_hist.pdbx_number_atoms_protein        606 
_refine_hist.pdbx_number_atoms_nucleic_acid   0 
_refine_hist.pdbx_number_atoms_ligand         5 
_refine_hist.pdbx_number_atoms_lipid          ? 
_refine_hist.pdbx_number_atoms_carb           ? 
_refine_hist.pdbx_pseudo_atom_details         ? 
# 
loop_
_refine_ls_restr.pdbx_refine_id 
_refine_ls_restr.criterion 
_refine_ls_restr.dev_ideal 
_refine_ls_restr.dev_ideal_target 
_refine_ls_restr.number 
_refine_ls_restr.rejects 
_refine_ls_restr.type 
_refine_ls_restr.weight 
_refine_ls_restr.pdbx_restraint_function 
'X-RAY DIFFRACTION' ? 0.0062  ? 619 ? f_bond_d           ? ? 
'X-RAY DIFFRACTION' ? 0.7259  ? 832 ? f_angle_d          ? ? 
'X-RAY DIFFRACTION' ? 0.0455  ? 95  ? f_chiral_restr     ? ? 
'X-RAY DIFFRACTION' ? 0.0071  ? 109 ? f_plane_restr      ? ? 
'X-RAY DIFFRACTION' ? 21.2748 ? 251 ? f_dihedral_angle_d ? ? 
# 
loop_
_refine_ls_shell.pdbx_refine_id 
_refine_ls_shell.d_res_high 
_refine_ls_shell.d_res_low 
_refine_ls_shell.number_reflns_all 
_refine_ls_shell.number_reflns_obs 
_refine_ls_shell.number_reflns_R_free 
_refine_ls_shell.number_reflns_R_work 
_refine_ls_shell.percent_reflns_obs 
_refine_ls_shell.percent_reflns_R_free 
_refine_ls_shell.R_factor_all 
_refine_ls_shell.R_factor_obs 
_refine_ls_shell.R_factor_R_free_error 
_refine_ls_shell.R_factor_R_work 
_refine_ls_shell.redundancy_reflns_all 
_refine_ls_shell.redundancy_reflns_obs 
_refine_ls_shell.wR_factor_all 
_refine_ls_shell.wR_factor_obs 
_refine_ls_shell.wR_factor_R_free 
_refine_ls_shell.wR_factor_R_work 
_refine_ls_shell.pdbx_R_complete 
_refine_ls_shell.pdbx_total_number_of_bins_used 
_refine_ls_shell.pdbx_phase_error 
_refine_ls_shell.pdbx_fsc_work 
_refine_ls_shell.pdbx_fsc_free 
_refine_ls_shell.R_factor_R_free 
'X-RAY DIFFRACTION' 1.41 1.50  . . 77  1382 53.02 . . . . 0.4935 . . . . . . . . . . . 0.4461 
'X-RAY DIFFRACTION' 1.50 1.62  . . 122 2635 99.24 . . . . 0.4064 . . . . . . . . . . . 0.4201 
'X-RAY DIFFRACTION' 1.62 1.78  . . 141 2621 99.78 . . . . 0.3444 . . . . . . . . . . . 0.3564 
'X-RAY DIFFRACTION' 1.78 2.04  . . 148 2663 99.96 . . . . 0.2750 . . . . . . . . . . . 0.3108 
'X-RAY DIFFRACTION' 2.04 2.57  . . 124 2690 99.96 . . . . 0.2407 . . . . . . . . . . . 0.2492 
'X-RAY DIFFRACTION' 2.57 38.19 . . 159 2814 99.80 . . . . 0.2245 . . . . . . . . . . . 0.2791 
# 
_struct.entry_id                     9ARN 
_struct.title                        
'Structure and interactions of HIV-1 gp41 CHR-NHR reverse hairpin constructs reveal molecular determinants of antiviral activity' 
_struct.pdbx_model_details           ? 
_struct.pdbx_formula_weight          ? 
_struct.pdbx_formula_weight_method   ? 
_struct.pdbx_model_type_details      ? 
_struct.pdbx_CASP_flag               N 
# 
_struct_keywords.entry_id        9ARN 
_struct_keywords.text            'HIV, GP41, Virus, Viral Protein, Reverse Hairpin' 
_struct_keywords.pdbx_keywords   'VIRAL PROTEIN' 
# 
loop_
_struct_asym.id 
_struct_asym.pdbx_blank_PDB_chainid_flag 
_struct_asym.pdbx_modified 
_struct_asym.entity_id 
_struct_asym.details 
A N N 1 ? 
B N N 2 ? 
C N N 3 ? 
# 
_struct_ref.id                         1 
_struct_ref.db_name                    UNP 
_struct_ref.db_code                    ENV_HV1H2 
_struct_ref.pdbx_db_accession          P04578 
_struct_ref.pdbx_db_isoform            ? 
_struct_ref.entity_id                  1 
_struct_ref.pdbx_seq_one_letter_code   RQLLSGIVQQQNNLLRAIEAQQHLLQLTVWGIKQLQARILAVERYLKDQQ 
_struct_ref.pdbx_align_begin           542 
# 
_struct_ref_seq.align_id                      1 
_struct_ref_seq.ref_id                        1 
_struct_ref_seq.pdbx_PDB_id_code              9ARN 
_struct_ref_seq.pdbx_strand_id                A 
_struct_ref_seq.seq_align_beg                 30 
_struct_ref_seq.pdbx_seq_align_beg_ins_code   ? 
_struct_ref_seq.seq_align_end                 79 
_struct_ref_seq.pdbx_seq_align_end_ins_code   ? 
_struct_ref_seq.pdbx_db_accession             P04578 
_struct_ref_seq.db_align_beg                  542 
_struct_ref_seq.pdbx_db_align_beg_ins_code    ? 
_struct_ref_seq.db_align_end                  591 
_struct_ref_seq.pdbx_db_align_end_ins_code    ? 
_struct_ref_seq.pdbx_auth_seq_align_beg       30 
_struct_ref_seq.pdbx_auth_seq_align_end       79 
# 
loop_
_struct_ref_seq_dif.align_id 
_struct_ref_seq_dif.pdbx_pdb_id_code 
_struct_ref_seq_dif.mon_id 
_struct_ref_seq_dif.pdbx_pdb_strand_id 
_struct_ref_seq_dif.seq_num 
_struct_ref_seq_dif.pdbx_pdb_ins_code 
_struct_ref_seq_dif.pdbx_seq_db_name 
_struct_ref_seq_dif.pdbx_seq_db_accession_code 
_struct_ref_seq_dif.db_mon_id 
_struct_ref_seq_dif.pdbx_seq_db_seq_num 
_struct_ref_seq_dif.details 
_struct_ref_seq_dif.pdbx_auth_seq_num 
_struct_ref_seq_dif.pdbx_ordinal 
1 9ARN PRO A 1  ? UNP P04578 ?   ?   'cloning artifact' 1  1  
1 9ARN LEU A 2  ? UNP P04578 ?   ?   'cloning artifact' 2  2  
1 9ARN ILE A 3  ? UNP P04578 ?   ?   'cloning artifact' 3  3  
1 9ARN GLU A 4  ? UNP P04578 ?   ?   'cloning artifact' 4  4  
1 9ARN GLU A 5  ? UNP P04578 ?   ?   'cloning artifact' 5  5  
1 9ARN LEU A 6  ? UNP P04578 ?   ?   'cloning artifact' 6  6  
1 9ARN ILE A 7  ? UNP P04578 ?   ?   'cloning artifact' 7  7  
1 9ARN ARG A 8  ? UNP P04578 ?   ?   'cloning artifact' 8  8  
1 9ARN ARG A 9  ? UNP P04578 ?   ?   'cloning artifact' 9  9  
1 9ARN SER A 10 ? UNP P04578 ?   ?   'cloning artifact' 10 10 
1 9ARN GLU A 11 ? UNP P04578 ?   ?   'cloning artifact' 11 11 
1 9ARN GLU A 12 ? UNP P04578 ?   ?   'cloning artifact' 12 12 
1 9ARN GLN A 13 ? UNP P04578 ?   ?   'cloning artifact' 13 13 
1 9ARN GLN A 14 ? UNP P04578 ?   ?   'cloning artifact' 14 14 
1 9ARN ARG A 15 ? UNP P04578 ?   ?   'cloning artifact' 15 15 
1 9ARN ARG A 16 ? UNP P04578 ?   ?   'cloning artifact' 16 16 
1 9ARN ASN A 17 ? UNP P04578 ?   ?   'cloning artifact' 17 17 
1 9ARN GLU A 18 ? UNP P04578 ?   ?   'cloning artifact' 18 18 
1 9ARN GLU A 19 ? UNP P04578 ?   ?   'cloning artifact' 19 19 
1 9ARN ALA A 20 ? UNP P04578 ?   ?   'cloning artifact' 20 20 
1 9ARN LEU A 21 ? UNP P04578 ?   ?   'cloning artifact' 21 21 
1 9ARN ARG A 22 ? UNP P04578 ?   ?   'cloning artifact' 22 22 
1 9ARN ARG A 23 ? UNP P04578 ?   ?   'cloning artifact' 23 23 
1 9ARN GLU A 24 ? UNP P04578 ?   ?   'cloning artifact' 24 24 
1 9ARN ASP A 25 ? UNP P04578 ?   ?   'cloning artifact' 25 25 
1 9ARN SER A 26 ? UNP P04578 ?   ?   'cloning artifact' 26 26 
1 9ARN GLY A 27 ? UNP P04578 ?   ?   'cloning artifact' 27 27 
1 9ARN GLY A 28 ? UNP P04578 ?   ?   'cloning artifact' 28 28 
1 9ARN GLY A 29 ? UNP P04578 ?   ?   'cloning artifact' 29 29 
1 9ARN ARG A 76 ? UNP P04578 LYS 588 conflict           76 30 
1 9ARN GLU A 80 ? UNP P04578 ?   ?   'expression tag'   80 31 
1 9ARN ASP A 81 ? UNP P04578 ?   ?   'expression tag'   81 32 
# 
_pdbx_struct_assembly.id                   1 
_pdbx_struct_assembly.details              author_and_software_defined_assembly 
_pdbx_struct_assembly.method_details       PISA 
_pdbx_struct_assembly.oligomeric_details   trimeric 
_pdbx_struct_assembly.oligomeric_count     3 
# 
loop_
_pdbx_struct_assembly_gen.assembly_id 
_pdbx_struct_assembly_gen.oper_expression 
_pdbx_struct_assembly_gen.asym_id_list 
1 1 A,B,C 
1 2 A,B,C 
1 3 A,B,C 
# 
loop_
_pdbx_struct_oper_list.id 
_pdbx_struct_oper_list.type 
_pdbx_struct_oper_list.name 
_pdbx_struct_oper_list.symmetry_operation 
_pdbx_struct_oper_list.matrix[1][1] 
_pdbx_struct_oper_list.matrix[1][2] 
_pdbx_struct_oper_list.matrix[1][3] 
_pdbx_struct_oper_list.vector[1] 
_pdbx_struct_oper_list.matrix[2][1] 
_pdbx_struct_oper_list.matrix[2][2] 
_pdbx_struct_oper_list.matrix[2][3] 
_pdbx_struct_oper_list.vector[2] 
_pdbx_struct_oper_list.matrix[3][1] 
_pdbx_struct_oper_list.matrix[3][2] 
_pdbx_struct_oper_list.matrix[3][3] 
_pdbx_struct_oper_list.vector[3] 
1 'identity operation'         1_555 x,y,z     1.0000000000  0.0000000000  0.0000000000  0.0000000000 0.0000000000  1.0000000000 0.0000000000  0.0000000000 0.0000000000  0.0000000000  1.0000000000  0.0000000000  
2 'crystal symmetry operation' 2_555 -y,x-y,z  -0.4660980709 -0.5292681252 -0.7089625095 7.5144846509 0.1162814133  0.7577309676 -0.6421233633 0.5684534852 0.8770582770  -0.3817316235 -0.2916328967 -1.6344689678 
3 'crystal symmetry operation' 3_555 -x+y,-x,z -0.4660980709 0.1162814133  0.8770582770  4.8699107617 -0.5292681252 0.7577309676 -0.3817316235 2.9225139009 -0.7089625095 -0.6421233633 -0.2916328967 5.2158402402 
# 
loop_
_struct_conf.conf_type_id 
_struct_conf.id 
_struct_conf.pdbx_PDB_helix_id 
_struct_conf.beg_label_comp_id 
_struct_conf.beg_label_asym_id 
_struct_conf.beg_label_seq_id 
_struct_conf.pdbx_beg_PDB_ins_code 
_struct_conf.end_label_comp_id 
_struct_conf.end_label_asym_id 
_struct_conf.end_label_seq_id 
_struct_conf.pdbx_end_PDB_ins_code 
_struct_conf.beg_auth_comp_id 
_struct_conf.beg_auth_asym_id 
_struct_conf.beg_auth_seq_id 
_struct_conf.end_auth_comp_id 
_struct_conf.end_auth_asym_id 
_struct_conf.end_auth_seq_id 
_struct_conf.pdbx_PDB_helix_class 
_struct_conf.details 
_struct_conf.pdbx_PDB_helix_length 
HELX_P HELX_P1 AA1 PRO A 1  ? ARG A 22 ? PRO A 1  ARG A 22 1 ? 22 
HELX_P HELX_P2 AA2 LEU A 32 ? GLU A 80 ? LEU A 32 GLU A 80 1 ? 49 
# 
_struct_conf_type.id          HELX_P 
_struct_conf_type.criteria    ? 
_struct_conf_type.reference   ? 
# 
_pdbx_entry_details.entry_id                   9ARN 
_pdbx_entry_details.has_ligand_of_interest     N 
_pdbx_entry_details.compound_details           ? 
_pdbx_entry_details.source_details             ? 
_pdbx_entry_details.nonpolymer_details         ? 
_pdbx_entry_details.sequence_details           ? 
_pdbx_entry_details.has_protein_modification   N 
# 
loop_
_pdbx_struct_special_symmetry.id 
_pdbx_struct_special_symmetry.PDB_model_num 
_pdbx_struct_special_symmetry.auth_asym_id 
_pdbx_struct_special_symmetry.auth_comp_id 
_pdbx_struct_special_symmetry.auth_seq_id 
_pdbx_struct_special_symmetry.PDB_ins_code 
_pdbx_struct_special_symmetry.label_asym_id 
_pdbx_struct_special_symmetry.label_comp_id 
_pdbx_struct_special_symmetry.label_seq_id 
1 1 A HOH 201 ? C HOH . 
2 1 A HOH 226 ? C HOH . 
3 1 A HOH 235 ? C HOH . 
# 
loop_
_space_group_symop.id 
_space_group_symop.operation_xyz 
1  x,y,z                  
2  -y,x-y,z               
3  -x+y,-x,z              
4  x-y,-y,-z              
5  -x,-x+y,-z             
6  y,x,-z                 
7  x+1/3,y+2/3,z+2/3      
8  -y+1/3,x-y+2/3,z+2/3   
9  -x+y+1/3,-x+2/3,z+2/3  
10 x-y+1/3,-y+2/3,-z+2/3  
11 -x+1/3,-x+y+2/3,-z+2/3 
12 y+1/3,x+2/3,-z+2/3     
13 x+2/3,y+1/3,z+1/3      
14 -y+2/3,x-y+1/3,z+1/3   
15 -x+y+2/3,-x+1/3,z+1/3  
16 x-y+2/3,-y+1/3,-z+1/3  
17 -x+2/3,-x+y+1/3,-z+1/3 
18 y+2/3,x+1/3,-z+1/3     
# 
loop_
_pdbx_refine_tls.id 
_pdbx_refine_tls.pdbx_refine_id 
_pdbx_refine_tls.details 
_pdbx_refine_tls.method 
_pdbx_refine_tls.origin_x 
_pdbx_refine_tls.origin_y 
_pdbx_refine_tls.origin_z 
_pdbx_refine_tls.T[1][1] 
_pdbx_refine_tls.T[1][1]_esd 
_pdbx_refine_tls.T[1][2] 
_pdbx_refine_tls.T[1][2]_esd 
_pdbx_refine_tls.T[1][3] 
_pdbx_refine_tls.T[1][3]_esd 
_pdbx_refine_tls.T[2][2] 
_pdbx_refine_tls.T[2][2]_esd 
_pdbx_refine_tls.T[2][3] 
_pdbx_refine_tls.T[2][3]_esd 
_pdbx_refine_tls.T[3][3] 
_pdbx_refine_tls.T[3][3]_esd 
_pdbx_refine_tls.L[1][1] 
_pdbx_refine_tls.L[1][1]_esd 
_pdbx_refine_tls.L[1][2] 
_pdbx_refine_tls.L[1][2]_esd 
_pdbx_refine_tls.L[1][3] 
_pdbx_refine_tls.L[1][3]_esd 
_pdbx_refine_tls.L[2][2] 
_pdbx_refine_tls.L[2][2]_esd 
_pdbx_refine_tls.L[2][3] 
_pdbx_refine_tls.L[2][3]_esd 
_pdbx_refine_tls.L[3][3] 
_pdbx_refine_tls.L[3][3]_esd 
_pdbx_refine_tls.S[1][1] 
_pdbx_refine_tls.S[1][1]_esd 
_pdbx_refine_tls.S[1][2] 
_pdbx_refine_tls.S[1][2]_esd 
_pdbx_refine_tls.S[1][3] 
_pdbx_refine_tls.S[1][3]_esd 
_pdbx_refine_tls.S[2][1] 
_pdbx_refine_tls.S[2][1]_esd 
_pdbx_refine_tls.S[2][2] 
_pdbx_refine_tls.S[2][2]_esd 
_pdbx_refine_tls.S[2][3] 
_pdbx_refine_tls.S[2][3]_esd 
_pdbx_refine_tls.S[3][1] 
_pdbx_refine_tls.S[3][1]_esd 
_pdbx_refine_tls.S[3][2] 
_pdbx_refine_tls.S[3][2]_esd 
_pdbx_refine_tls.S[3][3] 
_pdbx_refine_tls.S[3][3]_esd 
1 'X-RAY DIFFRACTION' ? refined -3.9126314154 -12.6573507522 12.6197510649 0.529907064804 ? -0.057987324538 ? 0.124494299515  ? 0.37994607833  ? 0.080360138052  ? 0.533902844668 ? 3.64982667255 ? 0.677483099702 ? -0.57825663242 ? 2.79255540679  ? -0.49711929663  ? 5.32395928380 ? 0.094687473871 ? -0.661208141564 ? -0.575918146646 ? 0.524835247370  ? 0.164226894215  ? 0.869610658736 ? 0.427786439854 ? -1.00110894437 ? -0.358325670564 ? 
2 'X-RAY DIFFRACTION' ? refined 1.69346969522 6.47893649359  -6.234875098  0.256191702774 ? 0.024827889751  ? -0.016515548660 ? 0.168729043270 ? -0.012637381438 ? 0.237322312731 ? 0.65609139194 ? 0.107878149325 ? -0.17549511028 ? 4.861614849811 ? -2.588218411132 ? 2.44926072993 ? 0.096898482854 ? -0.045756842336 ? -0.272659665211 ? -0.397220682700 ? -0.088410874286 ? 0.073392785970 ? 0.4926771167   ? 0.055790072117 ? 0.014502613141  ? 
# 
loop_
_pdbx_refine_tls_group.id 
_pdbx_refine_tls_group.pdbx_refine_id 
_pdbx_refine_tls_group.refine_tls_id 
_pdbx_refine_tls_group.beg_label_asym_id 
_pdbx_refine_tls_group.beg_label_seq_id 
_pdbx_refine_tls_group.beg_auth_asym_id 
_pdbx_refine_tls_group.beg_auth_seq_id 
_pdbx_refine_tls_group.beg_PDB_ins_code 
_pdbx_refine_tls_group.end_label_asym_id 
_pdbx_refine_tls_group.end_label_seq_id 
_pdbx_refine_tls_group.end_auth_asym_id 
_pdbx_refine_tls_group.end_auth_seq_id 
_pdbx_refine_tls_group.end_PDB_ins_code 
_pdbx_refine_tls_group.selection 
_pdbx_refine_tls_group.selection_details 
1 'X-RAY DIFFRACTION' 1 A 1  A 1  ? A 23 A 31 ? ? 
;chain 'A' and (resid 1 through 31 )
;
2 'X-RAY DIFFRACTION' 2 A 24 A 32 ? A 72 A 80 ? ? 
;chain 'A' and (resid 32 through 80 )
;
# 
_pdbx_distant_solvent_atoms.id                                1 
_pdbx_distant_solvent_atoms.PDB_model_num                     1 
_pdbx_distant_solvent_atoms.auth_atom_id                      O 
_pdbx_distant_solvent_atoms.label_alt_id                      ? 
_pdbx_distant_solvent_atoms.auth_asym_id                      A 
_pdbx_distant_solvent_atoms.auth_comp_id                      HOH 
_pdbx_distant_solvent_atoms.auth_seq_id                       238 
_pdbx_distant_solvent_atoms.PDB_ins_code                      ? 
_pdbx_distant_solvent_atoms.neighbor_macromolecule_distance   5.93 
_pdbx_distant_solvent_atoms.neighbor_ligand_distance          . 
# 
loop_
_pdbx_unobs_or_zero_occ_residues.id 
_pdbx_unobs_or_zero_occ_residues.PDB_model_num 
_pdbx_unobs_or_zero_occ_residues.polymer_flag 
_pdbx_unobs_or_zero_occ_residues.occupancy_flag 
_pdbx_unobs_or_zero_occ_residues.auth_asym_id 
_pdbx_unobs_or_zero_occ_residues.auth_comp_id 
_pdbx_unobs_or_zero_occ_residues.auth_seq_id 
_pdbx_unobs_or_zero_occ_residues.PDB_ins_code 
_pdbx_unobs_or_zero_occ_residues.label_asym_id 
_pdbx_unobs_or_zero_occ_residues.label_comp_id 
_pdbx_unobs_or_zero_occ_residues.label_seq_id 
1 1 Y 1 A ARG 23 ? A ARG 23 
2 1 Y 1 A GLU 24 ? A GLU 24 
3 1 Y 1 A ASP 25 ? A ASP 25 
4 1 Y 1 A SER 26 ? A SER 26 
5 1 Y 1 A GLY 27 ? A GLY 27 
6 1 Y 1 A GLY 28 ? A GLY 28 
7 1 Y 1 A GLY 29 ? A GLY 29 
8 1 Y 1 A ARG 30 ? A ARG 30 
9 1 Y 1 A ASP 81 ? A ASP 81 
# 
loop_
_chem_comp_atom.comp_id 
_chem_comp_atom.atom_id 
_chem_comp_atom.type_symbol 
_chem_comp_atom.pdbx_aromatic_flag 
_chem_comp_atom.pdbx_stereo_config 
_chem_comp_atom.pdbx_ordinal 
ALA N    N N N 1   
ALA CA   C N S 2   
ALA C    C N N 3   
ALA O    O N N 4   
ALA CB   C N N 5   
ALA OXT  O N N 6   
ALA H    H N N 7   
ALA H2   H N N 8   
ALA HA   H N N 9   
ALA HB1  H N N 10  
ALA HB2  H N N 11  
ALA HB3  H N N 12  
ALA HXT  H N N 13  
ARG N    N N N 14  
ARG CA   C N S 15  
ARG C    C N N 16  
ARG O    O N N 17  
ARG CB   C N N 18  
ARG CG   C N N 19  
ARG CD   C N N 20  
ARG NE   N N N 21  
ARG CZ   C N N 22  
ARG NH1  N N N 23  
ARG NH2  N N N 24  
ARG OXT  O N N 25  
ARG H    H N N 26  
ARG H2   H N N 27  
ARG HA   H N N 28  
ARG HB2  H N N 29  
ARG HB3  H N N 30  
ARG HG2  H N N 31  
ARG HG3  H N N 32  
ARG HD2  H N N 33  
ARG HD3  H N N 34  
ARG HE   H N N 35  
ARG HH11 H N N 36  
ARG HH12 H N N 37  
ARG HH21 H N N 38  
ARG HH22 H N N 39  
ARG HXT  H N N 40  
ASN N    N N N 41  
ASN CA   C N S 42  
ASN C    C N N 43  
ASN O    O N N 44  
ASN CB   C N N 45  
ASN CG   C N N 46  
ASN OD1  O N N 47  
ASN ND2  N N N 48  
ASN OXT  O N N 49  
ASN H    H N N 50  
ASN H2   H N N 51  
ASN HA   H N N 52  
ASN HB2  H N N 53  
ASN HB3  H N N 54  
ASN HD21 H N N 55  
ASN HD22 H N N 56  
ASN HXT  H N N 57  
ASP N    N N N 58  
ASP CA   C N S 59  
ASP C    C N N 60  
ASP O    O N N 61  
ASP CB   C N N 62  
ASP CG   C N N 63  
ASP OD1  O N N 64  
ASP OD2  O N N 65  
ASP OXT  O N N 66  
ASP H    H N N 67  
ASP H2   H N N 68  
ASP HA   H N N 69  
ASP HB2  H N N 70  
ASP HB3  H N N 71  
ASP HD2  H N N 72  
ASP HXT  H N N 73  
GLN N    N N N 74  
GLN CA   C N S 75  
GLN C    C N N 76  
GLN O    O N N 77  
GLN CB   C N N 78  
GLN CG   C N N 79  
GLN CD   C N N 80  
GLN OE1  O N N 81  
GLN NE2  N N N 82  
GLN OXT  O N N 83  
GLN H    H N N 84  
GLN H2   H N N 85  
GLN HA   H N N 86  
GLN HB2  H N N 87  
GLN HB3  H N N 88  
GLN HG2  H N N 89  
GLN HG3  H N N 90  
GLN HE21 H N N 91  
GLN HE22 H N N 92  
GLN HXT  H N N 93  
GLU N    N N N 94  
GLU CA   C N S 95  
GLU C    C N N 96  
GLU O    O N N 97  
GLU CB   C N N 98  
GLU CG   C N N 99  
GLU CD   C N N 100 
GLU OE1  O N N 101 
GLU OE2  O N N 102 
GLU OXT  O N N 103 
GLU H    H N N 104 
GLU H2   H N N 105 
GLU HA   H N N 106 
GLU HB2  H N N 107 
GLU HB3  H N N 108 
GLU HG2  H N N 109 
GLU HG3  H N N 110 
GLU HE2  H N N 111 
GLU HXT  H N N 112 
GLY N    N N N 113 
GLY CA   C N N 114 
GLY C    C N N 115 
GLY O    O N N 116 
GLY OXT  O N N 117 
GLY H    H N N 118 
GLY H2   H N N 119 
GLY HA2  H N N 120 
GLY HA3  H N N 121 
GLY HXT  H N N 122 
HIS N    N N N 123 
HIS CA   C N S 124 
HIS C    C N N 125 
HIS O    O N N 126 
HIS CB   C N N 127 
HIS CG   C Y N 128 
HIS ND1  N Y N 129 
HIS CD2  C Y N 130 
HIS CE1  C Y N 131 
HIS NE2  N Y N 132 
HIS OXT  O N N 133 
HIS H    H N N 134 
HIS H2   H N N 135 
HIS HA   H N N 136 
HIS HB2  H N N 137 
HIS HB3  H N N 138 
HIS HD1  H N N 139 
HIS HD2  H N N 140 
HIS HE1  H N N 141 
HIS HE2  H N N 142 
HIS HXT  H N N 143 
HOH O    O N N 144 
HOH H1   H N N 145 
HOH H2   H N N 146 
ILE N    N N N 147 
ILE CA   C N S 148 
ILE C    C N N 149 
ILE O    O N N 150 
ILE CB   C N S 151 
ILE CG1  C N N 152 
ILE CG2  C N N 153 
ILE CD1  C N N 154 
ILE OXT  O N N 155 
ILE H    H N N 156 
ILE H2   H N N 157 
ILE HA   H N N 158 
ILE HB   H N N 159 
ILE HG12 H N N 160 
ILE HG13 H N N 161 
ILE HG21 H N N 162 
ILE HG22 H N N 163 
ILE HG23 H N N 164 
ILE HD11 H N N 165 
ILE HD12 H N N 166 
ILE HD13 H N N 167 
ILE HXT  H N N 168 
LEU N    N N N 169 
LEU CA   C N S 170 
LEU C    C N N 171 
LEU O    O N N 172 
LEU CB   C N N 173 
LEU CG   C N N 174 
LEU CD1  C N N 175 
LEU CD2  C N N 176 
LEU OXT  O N N 177 
LEU H    H N N 178 
LEU H2   H N N 179 
LEU HA   H N N 180 
LEU HB2  H N N 181 
LEU HB3  H N N 182 
LEU HG   H N N 183 
LEU HD11 H N N 184 
LEU HD12 H N N 185 
LEU HD13 H N N 186 
LEU HD21 H N N 187 
LEU HD22 H N N 188 
LEU HD23 H N N 189 
LEU HXT  H N N 190 
LYS N    N N N 191 
LYS CA   C N S 192 
LYS C    C N N 193 
LYS O    O N N 194 
LYS CB   C N N 195 
LYS CG   C N N 196 
LYS CD   C N N 197 
LYS CE   C N N 198 
LYS NZ   N N N 199 
LYS OXT  O N N 200 
LYS H    H N N 201 
LYS H2   H N N 202 
LYS HA   H N N 203 
LYS HB2  H N N 204 
LYS HB3  H N N 205 
LYS HG2  H N N 206 
LYS HG3  H N N 207 
LYS HD2  H N N 208 
LYS HD3  H N N 209 
LYS HE2  H N N 210 
LYS HE3  H N N 211 
LYS HZ1  H N N 212 
LYS HZ2  H N N 213 
LYS HZ3  H N N 214 
LYS HXT  H N N 215 
PRO N    N N N 216 
PRO CA   C N S 217 
PRO C    C N N 218 
PRO O    O N N 219 
PRO CB   C N N 220 
PRO CG   C N N 221 
PRO CD   C N N 222 
PRO OXT  O N N 223 
PRO H    H N N 224 
PRO HA   H N N 225 
PRO HB2  H N N 226 
PRO HB3  H N N 227 
PRO HG2  H N N 228 
PRO HG3  H N N 229 
PRO HD2  H N N 230 
PRO HD3  H N N 231 
PRO HXT  H N N 232 
SER N    N N N 233 
SER CA   C N S 234 
SER C    C N N 235 
SER O    O N N 236 
SER CB   C N N 237 
SER OG   O N N 238 
SER OXT  O N N 239 
SER H    H N N 240 
SER H2   H N N 241 
SER HA   H N N 242 
SER HB2  H N N 243 
SER HB3  H N N 244 
SER HG   H N N 245 
SER HXT  H N N 246 
SO4 S    S N N 247 
SO4 O1   O N N 248 
SO4 O2   O N N 249 
SO4 O3   O N N 250 
SO4 O4   O N N 251 
THR N    N N N 252 
THR CA   C N S 253 
THR C    C N N 254 
THR O    O N N 255 
THR CB   C N R 256 
THR OG1  O N N 257 
THR CG2  C N N 258 
THR OXT  O N N 259 
THR H    H N N 260 
THR H2   H N N 261 
THR HA   H N N 262 
THR HB   H N N 263 
THR HG1  H N N 264 
THR HG21 H N N 265 
THR HG22 H N N 266 
THR HG23 H N N 267 
THR HXT  H N N 268 
TRP N    N N N 269 
TRP CA   C N S 270 
TRP C    C N N 271 
TRP O    O N N 272 
TRP CB   C N N 273 
TRP CG   C Y N 274 
TRP CD1  C Y N 275 
TRP CD2  C Y N 276 
TRP NE1  N Y N 277 
TRP CE2  C Y N 278 
TRP CE3  C Y N 279 
TRP CZ2  C Y N 280 
TRP CZ3  C Y N 281 
TRP CH2  C Y N 282 
TRP OXT  O N N 283 
TRP H    H N N 284 
TRP H2   H N N 285 
TRP HA   H N N 286 
TRP HB2  H N N 287 
TRP HB3  H N N 288 
TRP HD1  H N N 289 
TRP HE1  H N N 290 
TRP HE3  H N N 291 
TRP HZ2  H N N 292 
TRP HZ3  H N N 293 
TRP HH2  H N N 294 
TRP HXT  H N N 295 
TYR N    N N N 296 
TYR CA   C N S 297 
TYR C    C N N 298 
TYR O    O N N 299 
TYR CB   C N N 300 
TYR CG   C Y N 301 
TYR CD1  C Y N 302 
TYR CD2  C Y N 303 
TYR CE1  C Y N 304 
TYR CE2  C Y N 305 
TYR CZ   C Y N 306 
TYR OH   O N N 307 
TYR OXT  O N N 308 
TYR H    H N N 309 
TYR H2   H N N 310 
TYR HA   H N N 311 
TYR HB2  H N N 312 
TYR HB3  H N N 313 
TYR HD1  H N N 314 
TYR HD2  H N N 315 
TYR HE1  H N N 316 
TYR HE2  H N N 317 
TYR HH   H N N 318 
TYR HXT  H N N 319 
VAL N    N N N 320 
VAL CA   C N S 321 
VAL C    C N N 322 
VAL O    O N N 323 
VAL CB   C N N 324 
VAL CG1  C N N 325 
VAL CG2  C N N 326 
VAL OXT  O N N 327 
VAL H    H N N 328 
VAL H2   H N N 329 
VAL HA   H N N 330 
VAL HB   H N N 331 
VAL HG11 H N N 332 
VAL HG12 H N N 333 
VAL HG13 H N N 334 
VAL HG21 H N N 335 
VAL HG22 H N N 336 
VAL HG23 H N N 337 
VAL HXT  H N N 338 
# 
loop_
_chem_comp_bond.comp_id 
_chem_comp_bond.atom_id_1 
_chem_comp_bond.atom_id_2 
_chem_comp_bond.value_order 
_chem_comp_bond.pdbx_aromatic_flag 
_chem_comp_bond.pdbx_stereo_config 
_chem_comp_bond.pdbx_ordinal 
ALA N   CA   sing N N 1   
ALA N   H    sing N N 2   
ALA N   H2   sing N N 3   
ALA CA  C    sing N N 4   
ALA CA  CB   sing N N 5   
ALA CA  HA   sing N N 6   
ALA C   O    doub N N 7   
ALA C   OXT  sing N N 8   
ALA CB  HB1  sing N N 9   
ALA CB  HB2  sing N N 10  
ALA CB  HB3  sing N N 11  
ALA OXT HXT  sing N N 12  
ARG N   CA   sing N N 13  
ARG N   H    sing N N 14  
ARG N   H2   sing N N 15  
ARG CA  C    sing N N 16  
ARG CA  CB   sing N N 17  
ARG CA  HA   sing N N 18  
ARG C   O    doub N N 19  
ARG C   OXT  sing N N 20  
ARG CB  CG   sing N N 21  
ARG CB  HB2  sing N N 22  
ARG CB  HB3  sing N N 23  
ARG CG  CD   sing N N 24  
ARG CG  HG2  sing N N 25  
ARG CG  HG3  sing N N 26  
ARG CD  NE   sing N N 27  
ARG CD  HD2  sing N N 28  
ARG CD  HD3  sing N N 29  
ARG NE  CZ   sing N N 30  
ARG NE  HE   sing N N 31  
ARG CZ  NH1  sing N N 32  
ARG CZ  NH2  doub N N 33  
ARG NH1 HH11 sing N N 34  
ARG NH1 HH12 sing N N 35  
ARG NH2 HH21 sing N N 36  
ARG NH2 HH22 sing N N 37  
ARG OXT HXT  sing N N 38  
ASN N   CA   sing N N 39  
ASN N   H    sing N N 40  
ASN N   H2   sing N N 41  
ASN CA  C    sing N N 42  
ASN CA  CB   sing N N 43  
ASN CA  HA   sing N N 44  
ASN C   O    doub N N 45  
ASN C   OXT  sing N N 46  
ASN CB  CG   sing N N 47  
ASN CB  HB2  sing N N 48  
ASN CB  HB3  sing N N 49  
ASN CG  OD1  doub N N 50  
ASN CG  ND2  sing N N 51  
ASN ND2 HD21 sing N N 52  
ASN ND2 HD22 sing N N 53  
ASN OXT HXT  sing N N 54  
ASP N   CA   sing N N 55  
ASP N   H    sing N N 56  
ASP N   H2   sing N N 57  
ASP CA  C    sing N N 58  
ASP CA  CB   sing N N 59  
ASP CA  HA   sing N N 60  
ASP C   O    doub N N 61  
ASP C   OXT  sing N N 62  
ASP CB  CG   sing N N 63  
ASP CB  HB2  sing N N 64  
ASP CB  HB3  sing N N 65  
ASP CG  OD1  doub N N 66  
ASP CG  OD2  sing N N 67  
ASP OD2 HD2  sing N N 68  
ASP OXT HXT  sing N N 69  
GLN N   CA   sing N N 70  
GLN N   H    sing N N 71  
GLN N   H2   sing N N 72  
GLN CA  C    sing N N 73  
GLN CA  CB   sing N N 74  
GLN CA  HA   sing N N 75  
GLN C   O    doub N N 76  
GLN C   OXT  sing N N 77  
GLN CB  CG   sing N N 78  
GLN CB  HB2  sing N N 79  
GLN CB  HB3  sing N N 80  
GLN CG  CD   sing N N 81  
GLN CG  HG2  sing N N 82  
GLN CG  HG3  sing N N 83  
GLN CD  OE1  doub N N 84  
GLN CD  NE2  sing N N 85  
GLN NE2 HE21 sing N N 86  
GLN NE2 HE22 sing N N 87  
GLN OXT HXT  sing N N 88  
GLU N   CA   sing N N 89  
GLU N   H    sing N N 90  
GLU N   H2   sing N N 91  
GLU CA  C    sing N N 92  
GLU CA  CB   sing N N 93  
GLU CA  HA   sing N N 94  
GLU C   O    doub N N 95  
GLU C   OXT  sing N N 96  
GLU CB  CG   sing N N 97  
GLU CB  HB2  sing N N 98  
GLU CB  HB3  sing N N 99  
GLU CG  CD   sing N N 100 
GLU CG  HG2  sing N N 101 
GLU CG  HG3  sing N N 102 
GLU CD  OE1  doub N N 103 
GLU CD  OE2  sing N N 104 
GLU OE2 HE2  sing N N 105 
GLU OXT HXT  sing N N 106 
GLY N   CA   sing N N 107 
GLY N   H    sing N N 108 
GLY N   H2   sing N N 109 
GLY CA  C    sing N N 110 
GLY CA  HA2  sing N N 111 
GLY CA  HA3  sing N N 112 
GLY C   O    doub N N 113 
GLY C   OXT  sing N N 114 
GLY OXT HXT  sing N N 115 
HIS N   CA   sing N N 116 
HIS N   H    sing N N 117 
HIS N   H2   sing N N 118 
HIS CA  C    sing N N 119 
HIS CA  CB   sing N N 120 
HIS CA  HA   sing N N 121 
HIS C   O    doub N N 122 
HIS C   OXT  sing N N 123 
HIS CB  CG   sing N N 124 
HIS CB  HB2  sing N N 125 
HIS CB  HB3  sing N N 126 
HIS CG  ND1  sing Y N 127 
HIS CG  CD2  doub Y N 128 
HIS ND1 CE1  doub Y N 129 
HIS ND1 HD1  sing N N 130 
HIS CD2 NE2  sing Y N 131 
HIS CD2 HD2  sing N N 132 
HIS CE1 NE2  sing Y N 133 
HIS CE1 HE1  sing N N 134 
HIS NE2 HE2  sing N N 135 
HIS OXT HXT  sing N N 136 
HOH O   H1   sing N N 137 
HOH O   H2   sing N N 138 
ILE N   CA   sing N N 139 
ILE N   H    sing N N 140 
ILE N   H2   sing N N 141 
ILE CA  C    sing N N 142 
ILE CA  CB   sing N N 143 
ILE CA  HA   sing N N 144 
ILE C   O    doub N N 145 
ILE C   OXT  sing N N 146 
ILE CB  CG1  sing N N 147 
ILE CB  CG2  sing N N 148 
ILE CB  HB   sing N N 149 
ILE CG1 CD1  sing N N 150 
ILE CG1 HG12 sing N N 151 
ILE CG1 HG13 sing N N 152 
ILE CG2 HG21 sing N N 153 
ILE CG2 HG22 sing N N 154 
ILE CG2 HG23 sing N N 155 
ILE CD1 HD11 sing N N 156 
ILE CD1 HD12 sing N N 157 
ILE CD1 HD13 sing N N 158 
ILE OXT HXT  sing N N 159 
LEU N   CA   sing N N 160 
LEU N   H    sing N N 161 
LEU N   H2   sing N N 162 
LEU CA  C    sing N N 163 
LEU CA  CB   sing N N 164 
LEU CA  HA   sing N N 165 
LEU C   O    doub N N 166 
LEU C   OXT  sing N N 167 
LEU CB  CG   sing N N 168 
LEU CB  HB2  sing N N 169 
LEU CB  HB3  sing N N 170 
LEU CG  CD1  sing N N 171 
LEU CG  CD2  sing N N 172 
LEU CG  HG   sing N N 173 
LEU CD1 HD11 sing N N 174 
LEU CD1 HD12 sing N N 175 
LEU CD1 HD13 sing N N 176 
LEU CD2 HD21 sing N N 177 
LEU CD2 HD22 sing N N 178 
LEU CD2 HD23 sing N N 179 
LEU OXT HXT  sing N N 180 
LYS N   CA   sing N N 181 
LYS N   H    sing N N 182 
LYS N   H2   sing N N 183 
LYS CA  C    sing N N 184 
LYS CA  CB   sing N N 185 
LYS CA  HA   sing N N 186 
LYS C   O    doub N N 187 
LYS C   OXT  sing N N 188 
LYS CB  CG   sing N N 189 
LYS CB  HB2  sing N N 190 
LYS CB  HB3  sing N N 191 
LYS CG  CD   sing N N 192 
LYS CG  HG2  sing N N 193 
LYS CG  HG3  sing N N 194 
LYS CD  CE   sing N N 195 
LYS CD  HD2  sing N N 196 
LYS CD  HD3  sing N N 197 
LYS CE  NZ   sing N N 198 
LYS CE  HE2  sing N N 199 
LYS CE  HE3  sing N N 200 
LYS NZ  HZ1  sing N N 201 
LYS NZ  HZ2  sing N N 202 
LYS NZ  HZ3  sing N N 203 
LYS OXT HXT  sing N N 204 
PRO N   CA   sing N N 205 
PRO N   CD   sing N N 206 
PRO N   H    sing N N 207 
PRO CA  C    sing N N 208 
PRO CA  CB   sing N N 209 
PRO CA  HA   sing N N 210 
PRO C   O    doub N N 211 
PRO C   OXT  sing N N 212 
PRO CB  CG   sing N N 213 
PRO CB  HB2  sing N N 214 
PRO CB  HB3  sing N N 215 
PRO CG  CD   sing N N 216 
PRO CG  HG2  sing N N 217 
PRO CG  HG3  sing N N 218 
PRO CD  HD2  sing N N 219 
PRO CD  HD3  sing N N 220 
PRO OXT HXT  sing N N 221 
SER N   CA   sing N N 222 
SER N   H    sing N N 223 
SER N   H2   sing N N 224 
SER CA  C    sing N N 225 
SER CA  CB   sing N N 226 
SER CA  HA   sing N N 227 
SER C   O    doub N N 228 
SER C   OXT  sing N N 229 
SER CB  OG   sing N N 230 
SER CB  HB2  sing N N 231 
SER CB  HB3  sing N N 232 
SER OG  HG   sing N N 233 
SER OXT HXT  sing N N 234 
SO4 S   O1   doub N N 235 
SO4 S   O2   doub N N 236 
SO4 S   O3   sing N N 237 
SO4 S   O4   sing N N 238 
THR N   CA   sing N N 239 
THR N   H    sing N N 240 
THR N   H2   sing N N 241 
THR CA  C    sing N N 242 
THR CA  CB   sing N N 243 
THR CA  HA   sing N N 244 
THR C   O    doub N N 245 
THR C   OXT  sing N N 246 
THR CB  OG1  sing N N 247 
THR CB  CG2  sing N N 248 
THR CB  HB   sing N N 249 
THR OG1 HG1  sing N N 250 
THR CG2 HG21 sing N N 251 
THR CG2 HG22 sing N N 252 
THR CG2 HG23 sing N N 253 
THR OXT HXT  sing N N 254 
TRP N   CA   sing N N 255 
TRP N   H    sing N N 256 
TRP N   H2   sing N N 257 
TRP CA  C    sing N N 258 
TRP CA  CB   sing N N 259 
TRP CA  HA   sing N N 260 
TRP C   O    doub N N 261 
TRP C   OXT  sing N N 262 
TRP CB  CG   sing N N 263 
TRP CB  HB2  sing N N 264 
TRP CB  HB3  sing N N 265 
TRP CG  CD1  doub Y N 266 
TRP CG  CD2  sing Y N 267 
TRP CD1 NE1  sing Y N 268 
TRP CD1 HD1  sing N N 269 
TRP CD2 CE2  doub Y N 270 
TRP CD2 CE3  sing Y N 271 
TRP NE1 CE2  sing Y N 272 
TRP NE1 HE1  sing N N 273 
TRP CE2 CZ2  sing Y N 274 
TRP CE3 CZ3  doub Y N 275 
TRP CE3 HE3  sing N N 276 
TRP CZ2 CH2  doub Y N 277 
TRP CZ2 HZ2  sing N N 278 
TRP CZ3 CH2  sing Y N 279 
TRP CZ3 HZ3  sing N N 280 
TRP CH2 HH2  sing N N 281 
TRP OXT HXT  sing N N 282 
TYR N   CA   sing N N 283 
TYR N   H    sing N N 284 
TYR N   H2   sing N N 285 
TYR CA  C    sing N N 286 
TYR CA  CB   sing N N 287 
TYR CA  HA   sing N N 288 
TYR C   O    doub N N 289 
TYR C   OXT  sing N N 290 
TYR CB  CG   sing N N 291 
TYR CB  HB2  sing N N 292 
TYR CB  HB3  sing N N 293 
TYR CG  CD1  doub Y N 294 
TYR CG  CD2  sing Y N 295 
TYR CD1 CE1  sing Y N 296 
TYR CD1 HD1  sing N N 297 
TYR CD2 CE2  doub Y N 298 
TYR CD2 HD2  sing N N 299 
TYR CE1 CZ   doub Y N 300 
TYR CE1 HE1  sing N N 301 
TYR CE2 CZ   sing Y N 302 
TYR CE2 HE2  sing N N 303 
TYR CZ  OH   sing N N 304 
TYR OH  HH   sing N N 305 
TYR OXT HXT  sing N N 306 
VAL N   CA   sing N N 307 
VAL N   H    sing N N 308 
VAL N   H2   sing N N 309 
VAL CA  C    sing N N 310 
VAL CA  CB   sing N N 311 
VAL CA  HA   sing N N 312 
VAL C   O    doub N N 313 
VAL C   OXT  sing N N 314 
VAL CB  CG1  sing N N 315 
VAL CB  CG2  sing N N 316 
VAL CB  HB   sing N N 317 
VAL CG1 HG11 sing N N 318 
VAL CG1 HG12 sing N N 319 
VAL CG1 HG13 sing N N 320 
VAL CG2 HG21 sing N N 321 
VAL CG2 HG22 sing N N 322 
VAL CG2 HG23 sing N N 323 
VAL OXT HXT  sing N N 324 
# 
loop_
_pdbx_audit_support.funding_organization 
_pdbx_audit_support.country 
_pdbx_audit_support.grant_number 
_pdbx_audit_support.ordinal 
'National Institutes of Health/National Institute Of Allergy and Infectious Diseases (NIH/NIAID)' 'United States' 'R21 AI140904' 1 
'National Institutes of Health/National Institute of General Medical Sciences (NIH/NIGMS)'        'United States' 1R01GM126218   2 
'National Institutes of Health/National Institute of General Medical Sciences (NIH/NIGMS)'        'United States' 'P30 GM124169' 3 
# 
_pdbx_initial_refinement_model.id               1 
_pdbx_initial_refinement_model.entity_id_list   ? 
_pdbx_initial_refinement_model.type             'experimental model' 
_pdbx_initial_refinement_model.source_name      PDB 
_pdbx_initial_refinement_model.accession_code   2XRA 
_pdbx_initial_refinement_model.details          ? 
# 
_space_group.name_H-M_alt     'R 3 2 :H' 
_space_group.name_Hall        
;R 3 2"
;
_space_group.IT_number        155 
_space_group.crystal_system   trigonal 
_space_group.id               1 
# 
_atom_sites.entry_id                    9ARN 
_atom_sites.Cartn_transf_matrix[1][1]   ? 
_atom_sites.Cartn_transf_matrix[1][2]   ? 
_atom_sites.Cartn_transf_matrix[1][3]   ? 
_atom_sites.Cartn_transf_matrix[2][1]   ? 
_atom_sites.Cartn_transf_matrix[2][2]   ? 
_atom_sites.Cartn_transf_matrix[2][3]   ? 
_atom_sites.Cartn_transf_matrix[3][1]   ? 
_atom_sites.Cartn_transf_matrix[3][2]   ? 
_atom_sites.Cartn_transf_matrix[3][3]   ? 
_atom_sites.Cartn_transf_vector[1]      ? 
_atom_sites.Cartn_transf_vector[2]      ? 
_atom_sites.Cartn_transf_vector[3]      ? 
_atom_sites.Cartn_transform_axes        ? 
_atom_sites.fract_transf_matrix[1][1]   -0.02456056 
_atom_sites.fract_transf_matrix[1][2]   -0.00085656 
_atom_sites.fract_transf_matrix[1][3]   0.00780242 
_atom_sites.fract_transf_matrix[2][1]   -0.01819082 
_atom_sites.fract_transf_matrix[2][2]   -0.00937156 
_atom_sites.fract_transf_matrix[2][3]   -0.01568702 
_atom_sites.fract_transf_matrix[3][1]   0.00068313 
_atom_sites.fract_transf_matrix[3][2]   -0.00416089 
_atom_sites.fract_transf_matrix[3][3]   0.00169359 
_atom_sites.fract_transf_vector[1]      0.093072 
_atom_sites.fract_transf_vector[2]      0.104726 
_atom_sites.fract_transf_vector[3]      0.300494 
_atom_sites.solution_primary            ? 
_atom_sites.solution_secondary          ? 
_atom_sites.solution_hydrogens          ? 
_atom_sites.special_details             ? 
# 
loop_
_atom_type.symbol 
_atom_type.scat_dispersion_real 
_atom_type.scat_dispersion_imag 
_atom_type.scat_Cromer_Mann_a1 
_atom_type.scat_Cromer_Mann_a2 
_atom_type.scat_Cromer_Mann_a3 
_atom_type.scat_Cromer_Mann_a4 
_atom_type.scat_Cromer_Mann_b1 
_atom_type.scat_Cromer_Mann_b2 
_atom_type.scat_Cromer_Mann_b3 
_atom_type.scat_Cromer_Mann_b4 
_atom_type.scat_Cromer_Mann_c 
_atom_type.scat_source 
_atom_type.scat_dispersion_source 
C ? ? 3.54356 2.42580 ? ? 25.62398 1.50364  ? ? 0.0 
;2-Gaussian fit: Grosse-Kunstleve RW, Sauter NK, Adams PD: Newsletter of the IUCr Commission on Crystallographic Computing 2004, 3, 22-31.
;
? 
N ? ? 4.01032 2.96436 ? ? 19.97189 1.75589  ? ? 0.0 
;2-Gaussian fit: Grosse-Kunstleve RW, Sauter NK, Adams PD: Newsletter of the IUCr Commission on Crystallographic Computing 2004, 3, 22-31.
;
? 
O ? ? 4.49882 3.47563 ? ? 15.80542 1.70748  ? ? 0.0 
;2-Gaussian fit: Grosse-Kunstleve RW, Sauter NK, Adams PD: Newsletter of the IUCr Commission on Crystallographic Computing 2004, 3, 22-31.
;
? 
S ? ? 9.55732 6.39887 ? ? 1.23737  29.19336 ? ? 0.0 
;2-Gaussian fit: Grosse-Kunstleve RW, Sauter NK, Adams PD: Newsletter of the IUCr Commission on Crystallographic Computing 2004, 3, 22-31.
;
? 
# 
loop_
_atom_site.group_PDB 
_atom_site.id 
_atom_site.type_symbol 
_atom_site.label_atom_id 
_atom_site.label_alt_id 
_atom_site.label_comp_id 
_atom_site.label_asym_id 
_atom_site.label_entity_id 
_atom_site.label_seq_id 
_atom_site.pdbx_PDB_ins_code 
_atom_site.Cartn_x 
_atom_site.Cartn_y 
_atom_site.Cartn_z 
_atom_site.occupancy 
_atom_site.B_iso_or_equiv 
_atom_site.pdbx_formal_charge 
_atom_site.auth_seq_id 
_atom_site.auth_comp_id 
_atom_site.auth_asym_id 
_atom_site.auth_atom_id 
_atom_site.pdbx_PDB_model_num 
ATOM   1   N N   . PRO A 1 1  ? -11.40165 -0.34524  2.93663   1.000 64.31643 ? 1   PRO A N   1 
ATOM   2   C CA  . PRO A 1 1  ? -9.97299  -0.49805  2.63720   1.000 61.86730 ? 1   PRO A CA  1 
ATOM   3   C C   . PRO A 1 1  ? -9.50291  -1.95445  2.77194   1.000 58.66436 ? 1   PRO A C   1 
ATOM   4   O O   . PRO A 1 1  ? -9.50957  -2.50105  3.87057   1.000 60.21447 ? 1   PRO A O   1 
ATOM   5   C CB  . PRO A 1 1  ? -9.30284  0.38127   3.69869   1.000 64.16615 ? 1   PRO A CB  1 
ATOM   6   C CG  . PRO A 1 1  ? -10.34449 1.39939   4.05847   1.000 66.00543 ? 1   PRO A CG  1 
ATOM   7   C CD  . PRO A 1 1  ? -11.65014 0.67132   3.97564   1.000 66.10013 ? 1   PRO A CD  1 
ATOM   8   N N   . LEU A 1 2  ? -9.09954  -2.57717  1.66148   1.000 56.28123 ? 2   LEU A N   1 
ATOM   9   C CA  . LEU A 1 2  ? -8.66738  -3.97157  1.71627   1.000 50.29272 ? 2   LEU A CA  1 
ATOM   10  C C   . LEU A 1 2  ? -7.47113  -4.15428  2.64120   1.000 47.57426 ? 2   LEU A C   1 
ATOM   11  O O   . LEU A 1 2  ? -7.41388  -5.12077  3.40609   1.000 47.46046 ? 2   LEU A O   1 
ATOM   12  C CB  . LEU A 1 2  ? -8.32403  -4.47256  0.31551   1.000 48.58698 ? 2   LEU A CB  1 
ATOM   13  C CG  . LEU A 1 2  ? -7.66095  -5.85150  0.29821   1.000 47.39829 ? 2   LEU A CG  1 
ATOM   14  C CD1 . LEU A 1 2  ? -8.62529  -6.89787  0.83191   1.000 47.38783 ? 2   LEU A CD1 1 
ATOM   15  C CD2 . LEU A 1 2  ? -7.14850  -6.23343  -1.08682  1.000 44.12744 ? 2   LEU A CD2 1 
ATOM   16  N N   . ILE A 1 3  ? -6.50512  -3.23746  2.58620   1.000 45.91794 ? 3   ILE A N   1 
ATOM   17  C CA  . ILE A 1 3  ? -5.25962  -3.42990  3.32445   1.000 45.46688 ? 3   ILE A CA  1 
ATOM   18  C C   . ILE A 1 3  ? -5.52266  -3.55814  4.81907   1.000 46.69751 ? 3   ILE A C   1 
ATOM   19  O O   . ILE A 1 3  ? -4.87420  -4.35108  5.50881   1.000 42.34013 ? 3   ILE A O   1 
ATOM   20  C CB  . ILE A 1 3  ? -4.25114  -2.31269  3.00088   1.000 41.63576 ? 3   ILE A CB  1 
ATOM   21  C CG1 . ILE A 1 3  ? -3.86778  -2.36435  1.52749   1.000 39.15019 ? 3   ILE A CG1 1 
ATOM   22  C CG2 . ILE A 1 3  ? -2.99225  -2.46591  3.84128   1.000 40.19471 ? 3   ILE A CG2 1 
ATOM   23  C CD1 . ILE A 1 3  ? -3.41993  -1.02665  0.97671   1.000 36.91611 ? 3   ILE A CD1 1 
ATOM   24  N N   . GLU A 1 4  ? -6.46909  -2.78188  5.34895   1.000 48.91081 ? 4   GLU A N   1 
ATOM   25  C CA  . GLU A 1 4  ? -6.79129  -2.93406  6.76369   1.000 50.78409 ? 4   GLU A CA  1 
ATOM   26  C C   . GLU A 1 4  ? -7.50778  -4.25270  7.02927   1.000 50.75653 ? 4   GLU A C   1 
ATOM   27  O O   . GLU A 1 4  ? -7.41103  -4.80101  8.13365   1.000 50.26398 ? 4   GLU A O   1 
ATOM   28  C CB  . GLU A 1 4  ? -7.58508  -1.73208  7.28818   1.000 58.01876 ? 4   GLU A CB  1 
ATOM   29  C CG  . GLU A 1 4  ? -9.03231  -1.65843  6.82395   1.000 62.97206 ? 4   GLU A CG  1 
ATOM   30  C CD  . GLU A 1 4  ? -9.86256  -0.64482  7.60686   1.000 68.14617 ? 4   GLU A CD  1 
ATOM   31  O OE1 . GLU A 1 4  ? -9.61505  -0.47551  8.82043   1.000 69.66145 ? 4   GLU A OE1 1 
ATOM   32  O OE2 . GLU A 1 4  ? -10.76506 -0.01573  7.00800   1.000 72.11765 ? 4   GLU A OE2 1 
ATOM   33  N N   . GLU A 1 5  ? -8.21437  -4.78641  6.03235   1.000 50.81575 ? 5   GLU A N   1 
ATOM   34  C CA  . GLU A 1 5  ? -8.79953  -6.11273  6.18835   1.000 50.78776 ? 5   GLU A CA  1 
ATOM   35  C C   . GLU A 1 5  ? -7.71494  -7.18260  6.21498   1.000 46.44872 ? 5   GLU A C   1 
ATOM   36  O O   . GLU A 1 5  ? -7.74004  -8.08603  7.05860   1.000 46.93881 ? 5   GLU A O   1 
ATOM   37  C CB  . GLU A 1 5  ? -9.80799  -6.38480  5.07087   1.000 53.87578 ? 5   GLU A CB  1 
ATOM   38  C CG  . GLU A 1 5  ? -10.46107 -7.75950  5.14771   1.000 56.45828 ? 5   GLU A CG  1 
ATOM   39  C CD  . GLU A 1 5  ? -11.35381 -7.92275  6.37272   1.000 61.26247 ? 5   GLU A CD  1 
ATOM   40  O OE1 . GLU A 1 5  ? -11.87197 -6.89916  6.87621   1.000 62.72874 ? 5   GLU A OE1 1 
ATOM   41  O OE2 . GLU A 1 5  ? -11.53764 -9.07396  6.83415   1.000 62.54903 ? 5   GLU A OE2 1 
ATOM   42  N N   . LEU A 1 6  ? -6.75245  -7.09947  5.29156   1.000 47.08268 ? 6   LEU A N   1 
ATOM   43  C CA  . LEU A 1 6  ? -5.65088  -8.05363  5.29709   1.000 43.17626 ? 6   LEU A CA  1 
ATOM   44  C C   . LEU A 1 6  ? -4.79233  -7.89909  6.54038   1.000 43.20253 ? 6   LEU A C   1 
ATOM   45  O O   . LEU A 1 6  ? -4.20711  -8.87899  7.01408   1.000 42.41220 ? 6   LEU A O   1 
ATOM   46  C CB  . LEU A 1 6  ? -4.79535  -7.89401  4.04423   1.000 39.71586 ? 6   LEU A CB  1 
ATOM   47  C CG  . LEU A 1 6  ? -5.44817  -8.12629  2.68346   1.000 40.35211 ? 6   LEU A CG  1 
ATOM   48  C CD1 . LEU A 1 6  ? -4.44081  -7.84505  1.59873   1.000 41.07151 ? 6   LEU A CD1 1 
ATOM   49  C CD2 . LEU A 1 6  ? -5.96907  -9.53852  2.54705   1.000 42.72197 ? 6   LEU A CD2 1 
ATOM   50  N N   . ILE A 1 7  ? -4.70685  -6.68551  7.08554   1.000 43.03197 ? 7   ILE A N   1 
ATOM   51  C CA  . ILE A 1 7  ? -3.94129  -6.47863  8.30942   1.000 42.20844 ? 7   ILE A CA  1 
ATOM   52  C C   . ILE A 1 7  ? -4.67175  -7.06400  9.51306   1.000 44.23250 ? 7   ILE A C   1 
ATOM   53  O O   . ILE A 1 7  ? -4.05771  -7.71301  10.36777  1.000 46.33872 ? 7   ILE A O   1 
ATOM   54  C CB  . ILE A 1 7  ? -3.59061  -4.99208  8.49398   1.000 39.86462 ? 7   ILE A CB  1 
ATOM   55  C CG1 . ILE A 1 7  ? -2.48325  -4.58996  7.51456   1.000 38.63655 ? 7   ILE A CG1 1 
ATOM   56  C CG2 . ILE A 1 7  ? -3.17885  -4.72878  9.92385   1.000 36.71507 ? 7   ILE A CG2 1 
ATOM   57  C CD1 . ILE A 1 7  ? -2.16001  -3.09614  7.51139   1.000 37.93785 ? 7   ILE A CD1 1 
ATOM   58  N N   . ARG A 1 8  ? -5.98901  -6.85442  9.60326   1.000 44.15388 ? 8   ARG A N   1 
ATOM   59  C CA  . ARG A 1 8  ? -6.75686  -7.48770  10.67293  1.000 45.73427 ? 8   ARG A CA  1 
ATOM   60  C C   . ARG A 1 8  ? -6.66398  -9.00512  10.58142  1.000 46.26329 ? 8   ARG A C   1 
ATOM   61  O O   . ARG A 1 8  ? -6.48092  -9.69042  11.59577  1.000 46.12064 ? 8   ARG A O   1 
ATOM   62  C CB  . ARG A 1 8  ? -8.21796  -7.03880  10.60913  1.000 48.87970 ? 8   ARG A CB  1 
ATOM   63  C CG  . ARG A 1 8  ? -8.46764  -5.60361  11.07144  1.000 53.35592 ? 8   ARG A CG  1 
ATOM   64  C CD  . ARG A 1 8  ? -9.95846  -5.28419  11.04776  1.000 58.30933 ? 8   ARG A CD  1 
ATOM   65  N NE  . ARG A 1 8  ? -10.33059 -4.37234  9.97000   1.000 61.74825 ? 8   ARG A NE  1 
ATOM   66  C CZ  . ARG A 1 8  ? -11.50224 -4.38799  9.34557   1.000 62.89210 ? 8   ARG A CZ  1 
ATOM   67  N NH1 . ARG A 1 8  ? -12.42737 -5.29037  9.63401   1.000 63.65351 ? 8   ARG A NH1 1 
ATOM   68  N NH2 . ARG A 1 8  ? -11.74902 -3.47985  8.40266   1.000 63.87282 ? 8   ARG A NH2 1 
ATOM   69  N N   . ARG A 1 9  ? -6.78096  -9.53726  9.36200   1.000 43.75350 ? 9   ARG A N   1 
ATOM   70  C CA  . ARG A 1 9  ? -6.68968  -10.97223 9.11951   1.000 44.89730 ? 9   ARG A CA  1 
ATOM   71  C C   . ARG A 1 9  ? -5.32787  -11.51618 9.54405   1.000 44.10811 ? 9   ARG A C   1 
ATOM   72  O O   . ARG A 1 9  ? -5.23176  -12.62840 10.08188  1.000 43.83634 ? 9   ARG A O   1 
ATOM   73  C CB  . ARG A 1 9  ? -6.93816  -11.20831 7.62937   1.000 45.84642 ? 9   ARG A CB  1 
ATOM   74  C CG  . ARG A 1 9  ? -7.01995  -12.63445 7.19997   1.000 49.72957 ? 9   ARG A CG  1 
ATOM   75  C CD  . ARG A 1 9  ? -8.07554  -13.35106 7.98059   1.000 55.05669 ? 9   ARG A CD  1 
ATOM   76  N NE  . ARG A 1 9  ? -7.57156  -14.62827 8.46497   1.000 57.29729 ? 9   ARG A NE  1 
ATOM   77  C CZ  . ARG A 1 9  ? -8.00550  -15.23337 9.56015   1.000 58.84027 ? 9   ARG A CZ  1 
ATOM   78  N NH1 . ARG A 1 9  ? -8.95033  -14.69774 10.31877  1.000 60.85203 ? 9   ARG A NH1 1 
ATOM   79  N NH2 . ARG A 1 9  ? -7.47751  -16.40342 9.90515   1.000 59.83549 ? 9   ARG A NH2 1 
ATOM   80  N N   . SER A 1 10 ? -4.26292  -10.73769 9.31712   1.000 43.02432 ? 10  SER A N   1 
ATOM   81  C CA  . SER A 1 10 ? -2.92904  -11.12792 9.75974   1.000 42.11465 ? 10  SER A CA  1 
ATOM   82  C C   . SER A 1 10 ? -2.78792  -11.02637 11.27272  1.000 44.66725 ? 10  SER A C   1 
ATOM   83  O O   . SER A 1 10 ? -2.08164  -11.83643 11.88462  1.000 43.68013 ? 10  SER A O   1 
ATOM   84  C CB  . SER A 1 10 ? -1.87618  -10.25024 9.08956   1.000 39.78702 ? 10  SER A CB  1 
ATOM   85  O OG  . SER A 1 10 ? -1.95932  -10.34743 7.68805   1.000 34.50185 ? 10  SER A OG  1 
ATOM   86  N N   . GLU A 1 11 ? -3.42560  -10.02488 11.89030  1.000 40.01012 ? 11  GLU A N   1 
ATOM   87  C CA  . GLU A 1 11 ? -3.34939  -9.88522  13.34189  1.000 42.28330 ? 11  GLU A CA  1 
ATOM   88  C C   . GLU A 1 11 ? -4.02630  -11.05442 14.04326  1.000 45.98569 ? 11  GLU A C   1 
ATOM   89  O O   . GLU A 1 11 ? -3.53773  -11.53417 15.07240  1.000 45.92900 ? 11  GLU A O   1 
ATOM   90  C CB  . GLU A 1 11 ? -3.96261  -8.56201  13.79223  1.000 43.84613 ? 11  GLU A CB  1 
ATOM   91  C CG  . GLU A 1 11 ? -3.02693  -7.35579  13.64376  1.000 45.39612 ? 11  GLU A CG  1 
ATOM   92  C CD  . GLU A 1 11 ? -2.03197  -7.21636  14.79995  1.000 48.92963 ? 11  GLU A CD  1 
ATOM   93  O OE1 . GLU A 1 11 ? -2.35030  -7.68867  15.91736  1.000 50.29564 ? 11  GLU A OE1 1 
ATOM   94  O OE2 . GLU A 1 11 ? -0.93754  -6.62584  14.59231  1.000 47.59416 ? 11  GLU A OE2 1 
ATOM   95  N N   . GLU A 1 12 ? -5.15535  -11.51965 13.50484  1.000 45.33357 ? 12  GLU A N   1 
ATOM   96  C CA  . GLU A 1 12 ? -5.78991  -12.71823 14.04194  1.000 46.59598 ? 12  GLU A CA  1 
ATOM   97  C C   . GLU A 1 12 ? -4.87404  -13.91946 13.89813  1.000 44.90568 ? 12  GLU A C   1 
ATOM   98  O O   . GLU A 1 12 ? -4.68604  -14.69180 14.84778  1.000 50.03378 ? 12  GLU A O   1 
ATOM   99  C CB  . GLU A 1 12 ? -7.08346  -13.01660 13.29209  1.000 50.24079 ? 12  GLU A CB  1 
ATOM   100 C CG  . GLU A 1 12 ? -8.11665  -11.92812 13.26445  1.000 54.22323 ? 12  GLU A CG  1 
ATOM   101 C CD  . GLU A 1 12 ? -9.34206  -12.36897 12.48588  1.000 59.02147 ? 12  GLU A CD  1 
ATOM   102 O OE1 . GLU A 1 12 ? -9.73621  -13.54854 12.64424  1.000 61.78474 ? 12  GLU A OE1 1 
ATOM   103 O OE2 . GLU A 1 12 ? -9.89182  -11.55510 11.70447  1.000 60.87126 ? 12  GLU A OE2 1 
ATOM   104 N N   . GLN A 1 13 ? -4.33743  -14.12696 12.69325  1.000 44.80035 ? 13  GLN A N   1 
ATOM   105 C CA  . GLN A 1 13 ? -3.50091  -15.29756 12.46690  1.000 45.59394 ? 13  GLN A CA  1 
ATOM   106 C C   . GLN A 1 13 ? -2.24891  -15.24706 13.32914  1.000 44.48343 ? 13  GLN A C   1 
ATOM   107 O O   . GLN A 1 13 ? -1.73684  -16.29005 13.75313  1.000 43.10786 ? 13  GLN A O   1 
ATOM   108 C CB  . GLN A 1 13 ? -3.16513  -15.43880 10.97929  1.000 42.98415 ? 13  GLN A CB  1 
ATOM   109 C CG  . GLN A 1 13 ? -2.48758  -16.75573 10.62568  1.000 48.61142 ? 13  GLN A CG  1 
ATOM   110 C CD  . GLN A 1 13 ? -3.37240  -17.96279 10.89410  1.000 48.90780 ? 13  GLN A CD  1 
ATOM   111 O OE1 . GLN A 1 13 ? -4.55499  -17.95815 10.55515  1.000 53.40693 ? 13  GLN A OE1 1 
ATOM   112 N NE2 . GLN A 1 13 ? -2.80662  -19.00429 11.51687  1.000 50.37215 ? 13  GLN A NE2 1 
ATOM   113 N N   . GLN A 1 14 ? -1.76499  -14.04818 13.63218  1.000 42.33991 ? 14  GLN A N   1 
ATOM   114 C CA  . GLN A 1 14 ? -0.61982  -13.93107 14.52080  1.000 43.37779 ? 14  GLN A CA  1 
ATOM   115 C C   . GLN A 1 14 ? -0.96929  -14.39612 15.92920  1.000 46.30547 ? 14  GLN A C   1 
ATOM   116 O O   . GLN A 1 14 ? -0.21283  -15.14984 16.54757  1.000 45.14200 ? 14  GLN A O   1 
ATOM   117 C CB  . GLN A 1 14 ? -0.12345  -12.48895 14.54092  1.000 42.33261 ? 14  GLN A CB  1 
ATOM   118 C CG  . GLN A 1 14 ? 1.16632   -12.30635 15.30664  1.000 40.18434 ? 14  GLN A CG  1 
ATOM   119 C CD  . GLN A 1 14 ? 2.34464   -12.99750 14.65428  1.000 37.73232 ? 14  GLN A CD  1 
ATOM   120 O OE1 . GLN A 1 14 ? 2.34799   -13.27213 13.45466  1.000 36.09228 ? 14  GLN A OE1 1 
ATOM   121 N NE2 . GLN A 1 14 ? 3.36118   -13.27698 15.44990  1.000 39.64228 ? 14  GLN A NE2 1 
ATOM   122 N N   . ARG A 1 15 ? -2.10502  -13.93711 16.46202  1.000 46.14778 ? 15  ARG A N   1 
ATOM   123 C CA  . ARG A 1 15 ? -2.50696  -14.34830 17.80342  1.000 47.51434 ? 15  ARG A CA  1 
ATOM   124 C C   . ARG A 1 15 ? -2.67609  -15.85905 17.88562  1.000 47.99977 ? 15  ARG A C   1 
ATOM   125 O O   . ARG A 1 15 ? -2.30024  -16.48673 18.88452  1.000 48.80525 ? 15  ARG A O   1 
ATOM   126 C CB  . ARG A 1 15 ? -3.80969  -13.65485 18.19659  1.000 49.42703 ? 15  ARG A CB  1 
ATOM   127 C CG  . ARG A 1 15 ? -3.67200  -12.16907 18.43008  1.000 52.36656 ? 15  ARG A CG  1 
ATOM   128 C CD  . ARG A 1 15 ? -4.88635  -11.63065 19.15836  1.000 56.08051 ? 15  ARG A CD  1 
ATOM   129 N NE  . ARG A 1 15 ? -6.04534  -11.53514 18.28074  1.000 58.95395 ? 15  ARG A NE  1 
ATOM   130 C CZ  . ARG A 1 15 ? -6.25251  -10.53824 17.43118  1.000 59.69675 ? 15  ARG A CZ  1 
ATOM   131 N NH1 . ARG A 1 15 ? -5.39236  -9.53956  17.31604  1.000 58.45633 ? 15  ARG A NH1 1 
ATOM   132 N NH2 . ARG A 1 15 ? -7.34915  -10.54422 16.67674  1.000 60.81484 ? 15  ARG A NH2 1 
ATOM   133 N N   . ARG A 1 16 ? -3.23470  -16.45735 16.83710  1.000 46.94729 ? 16  ARG A N   1 
ATOM   134 C CA  . ARG A 1 16 ? -3.43101  -17.89668 16.83318  1.000 49.70960 ? 16  ARG A CA  1 
ATOM   135 C C   . ARG A 1 16 ? -2.10592  -18.64205 16.80029  1.000 48.76750 ? 16  ARG A C   1 
ATOM   136 O O   . ARG A 1 16 ? -1.94271  -19.64164 17.50962  1.000 51.34455 ? 16  ARG A O   1 
ATOM   137 C CB  . ARG A 1 16 ? -4.34161  -18.28842 15.67856  1.000 51.50563 ? 16  ARG A CB  1 
ATOM   138 C CG  . ARG A 1 16 ? -5.77148  -17.90220 15.96413  1.000 57.38124 ? 16  ARG A CG  1 
ATOM   139 C CD  . ARG A 1 16 ? -6.73075  -18.74334 15.17005  1.000 64.37572 ? 16  ARG A CD  1 
ATOM   140 N NE  . ARG A 1 16 ? -6.52546  -18.54309 13.74458  1.000 64.03426 ? 16  ARG A NE  1 
ATOM   141 C CZ  . ARG A 1 16 ? -7.43782  -18.79574 12.81818  1.000 66.46596 ? 16  ARG A CZ  1 
ATOM   142 N NH1 . ARG A 1 16 ? -8.63171  -19.27360 13.13698  1.000 69.26926 ? 16  ARG A NH1 1 
ATOM   143 N NH2 . ARG A 1 16 ? -7.14760  -18.55340 11.54204  1.000 63.94997 ? 16  ARG A NH2 1 
ATOM   144 N N   . ASN A 1 17 ? -1.14447  -18.16996 15.99957  1.000 48.96758 ? 17  ASN A N   1 
ATOM   145 C CA  . ASN A 1 17 ? 0.16263   -18.82255 15.96061  1.000 46.99647 ? 17  ASN A CA  1 
ATOM   146 C C   . ASN A 1 17 ? 0.89374   -18.66812 17.28499  1.000 47.87516 ? 17  ASN A C   1 
ATOM   147 O O   . ASN A 1 17 ? 1.61193   -19.57940 17.71362  1.000 50.48251 ? 17  ASN A O   1 
ATOM   148 C CB  . ASN A 1 17 ? 1.01040   -18.27563 14.81123  1.000 44.50712 ? 17  ASN A CB  1 
ATOM   149 C CG  . ASN A 1 17 ? 0.49349   -18.69525 13.44931  1.000 43.48883 ? 17  ASN A CG  1 
ATOM   150 O OD1 . ASN A 1 17 ? -0.35391  -19.57879 13.34217  1.000 47.92130 ? 17  ASN A OD1 1 
ATOM   151 N ND2 . ASN A 1 17 ? 1.01142   -18.07267 12.39901  1.000 42.25751 ? 17  ASN A ND2 1 
ATOM   152 N N   . GLU A 1 18 ? 0.71654   -17.52767 17.95038  1.000 45.80321 ? 18  GLU A N   1 
ATOM   153 C CA  . GLU A 1 18 ? 1.34292   -17.32943 19.25121  1.000 46.48184 ? 18  GLU A CA  1 
ATOM   154 C C   . GLU A 1 18 ? 0.66760   -18.17535 20.32509  1.000 50.96934 ? 18  GLU A C   1 
ATOM   155 O O   . GLU A 1 18 ? 1.34383   -18.78108 21.16431  1.000 54.38689 ? 18  GLU A O   1 
ATOM   156 C CB  . GLU A 1 18 ? 1.32229   -15.84653 19.61120  1.000 45.82753 ? 18  GLU A CB  1 
ATOM   157 C CG  . GLU A 1 18 ? 2.22511   -15.03138 18.72290  1.000 42.05439 ? 18  GLU A CG  1 
ATOM   158 C CD  . GLU A 1 18 ? 2.03896   -13.54347 18.89377  1.000 42.76130 ? 18  GLU A CD  1 
ATOM   159 O OE1 . GLU A 1 18 ? 1.05683   -13.13196 19.55233  1.000 43.63112 ? 18  GLU A OE1 1 
ATOM   160 O OE2 . GLU A 1 18 ? 2.87446   -12.78349 18.36033  1.000 40.42077 ? 18  GLU A OE2 1 
ATOM   161 N N   . GLU A 1 19 ? -0.66545  -18.22769 20.30908  1.000 51.99130 ? 19  GLU A N   1 
ATOM   162 C CA  . GLU A 1 19 ? -1.38544  -19.07682 21.24439  1.000 56.13129 ? 19  GLU A CA  1 
ATOM   163 C C   . GLU A 1 19 ? -1.07396  -20.54436 20.98724  1.000 58.06297 ? 19  GLU A C   1 
ATOM   164 O O   . GLU A 1 19 ? -0.82713  -21.30794 21.92808  1.000 61.20763 ? 19  GLU A O   1 
ATOM   165 C CB  . GLU A 1 19 ? -2.88421  -18.79896 21.14084  1.000 57.44423 ? 19  GLU A CB  1 
ATOM   166 C CG  . GLU A 1 19 ? -3.73462  -19.72610 21.97297  1.000 62.01941 ? 19  GLU A CG  1 
ATOM   167 C CD  . GLU A 1 19 ? -5.09271  -19.14837 22.30384  1.000 63.83924 ? 19  GLU A CD  1 
ATOM   168 O OE1 . GLU A 1 19 ? -5.73843  -18.58202 21.39893  1.000 62.78881 ? 19  GLU A OE1 1 
ATOM   169 O OE2 . GLU A 1 19 ? -5.51118  -19.25577 23.47527  1.000 67.19721 ? 19  GLU A OE2 1 
ATOM   170 N N   . ALA A 1 20 ? -1.05171  -20.95037 19.71419  1.000 56.51573 ? 20  ALA A N   1 
ATOM   171 C CA  . ALA A 1 20 ? -0.69847  -22.32878 19.38633  1.000 58.54965 ? 20  ALA A CA  1 
ATOM   172 C C   . ALA A 1 20 ? 0.75199   -22.62863 19.73726  1.000 58.36442 ? 20  ALA A C   1 
ATOM   173 O O   . ALA A 1 20 ? 1.07270   -23.75181 20.13441  1.000 61.52170 ? 20  ALA A O   1 
ATOM   174 C CB  . ALA A 1 20 ? -0.97944  -22.62847 17.91297  1.000 57.12012 ? 20  ALA A CB  1 
ATOM   175 N N   . LEU A 1 21 ? 1.64537   -21.64308 19.58888  1.000 55.05585 ? 21  LEU A N   1 
ATOM   176 C CA  . LEU A 1 21 ? 3.00774   -21.80396 20.09016  1.000 57.21614 ? 21  LEU A CA  1 
ATOM   177 C C   . LEU A 1 21 ? 2.99492   -22.12142 21.57921  1.000 59.81681 ? 21  LEU A C   1 
ATOM   178 O O   . LEU A 1 21 ? 3.81712   -22.90710 22.06739  1.000 62.08768 ? 21  LEU A O   1 
ATOM   179 C CB  . LEU A 1 21 ? 3.81968   -20.53587 19.83230  1.000 57.16976 ? 21  LEU A CB  1 
ATOM   180 C CG  . LEU A 1 21 ? 5.27537   -20.59546 20.28839  1.000 56.04265 ? 21  LEU A CG  1 
ATOM   181 C CD1 . LEU A 1 21 ? 6.08243   -21.47915 19.35669  1.000 53.54611 ? 21  LEU A CD1 1 
ATOM   182 C CD2 . LEU A 1 21 ? 5.86110   -19.19777 20.33998  1.000 56.43787 ? 21  LEU A CD2 1 
ATOM   183 N N   . ARG A 1 22 ? 2.06173   -21.52270 22.31161  1.000 61.75290 ? 22  ARG A N   1 
ATOM   184 C CA  . ARG A 1 22 ? 1.85953   -21.82245 23.71735  1.000 64.98366 ? 22  ARG A CA  1 
ATOM   185 C C   . ARG A 1 22 ? 0.75602   -22.86933 23.86938  1.000 68.62766 ? 22  ARG A C   1 
ATOM   186 O O   . ARG A 1 22 ? 1.03267   -24.05753 24.04770  1.000 71.68039 ? 22  ARG A O   1 
ATOM   187 C CB  . ARG A 1 22 ? 1.51611   -20.54226 24.48700  1.000 64.28284 ? 22  ARG A CB  1 
ATOM   188 C CG  . ARG A 1 22 ? 2.68710   -19.57834 24.56937  1.000 61.71410 ? 22  ARG A CG  1 
ATOM   189 C CD  . ARG A 1 22 ? 2.26472   -18.13211 24.53467  1.000 59.34660 ? 22  ARG A CD  1 
ATOM   190 N NE  . ARG A 1 22 ? 3.43388   -17.26074 24.49626  1.000 57.05247 ? 22  ARG A NE  1 
ATOM   191 C CZ  . ARG A 1 22 ? 4.01164   -16.80532 23.39194  1.000 53.48361 ? 22  ARG A CZ  1 
ATOM   192 N NH1 . ARG A 1 22 ? 3.51710   -17.05866 22.18877  1.000 53.53592 ? 22  ARG A NH1 1 
ATOM   193 N NH2 . ARG A 1 22 ? 5.11143   -16.06659 23.49577  1.000 53.25468 ? 22  ARG A NH2 1 
ATOM   194 N N   . GLN A 1 31 ? -0.45782  -27.92184 13.30606  1.000 73.23645 ? 31  GLN A N   1 
ATOM   195 C CA  . GLN A 1 31 ? -1.32098  -26.75730 13.17331  1.000 70.52979 ? 31  GLN A CA  1 
ATOM   196 C C   . GLN A 1 31 ? -0.48083  -25.49742 13.10002  1.000 67.37885 ? 31  GLN A C   1 
ATOM   197 O O   . GLN A 1 31 ? -0.87786  -24.50660 12.49673  1.000 69.42959 ? 31  GLN A O   1 
ATOM   198 C CB  . GLN A 1 31 ? -2.26629  -26.65128 14.36836  1.000 76.83097 ? 31  GLN A CB  1 
ATOM   199 C CG  . GLN A 1 31 ? -3.36818  -25.61800 14.18813  1.000 81.59087 ? 31  GLN A CG  1 
ATOM   200 C CD  . GLN A 1 31 ? -4.50681  -26.13691 13.32867  1.000 83.89624 ? 31  GLN A CD  1 
ATOM   201 O OE1 . GLN A 1 31 ? -4.57740  -27.33000 13.02519  1.000 81.34964 ? 31  GLN A OE1 1 
ATOM   202 N NE2 . GLN A 1 31 ? -5.40555  -25.24179 12.93275  1.000 86.85816 ? 31  GLN A NE2 1 
ATOM   203 N N   . LEU A 1 32 ? 0.69010   -25.54229 13.73344  1.000 60.36358 ? 32  LEU A N   1 
ATOM   204 C CA  . LEU A 1 32 ? 1.52721   -24.35166 13.81295  1.000 56.98473 ? 32  LEU A CA  1 
ATOM   205 C C   . LEU A 1 32 ? 2.17680   -24.04498 12.47272  1.000 52.88695 ? 32  LEU A C   1 
ATOM   206 O O   . LEU A 1 32 ? 2.06457   -22.92557 11.96816  1.000 47.14983 ? 32  LEU A O   1 
ATOM   207 C CB  . LEU A 1 32 ? 2.58006   -24.50688 14.91288  1.000 56.17739 ? 32  LEU A CB  1 
ATOM   208 C CG  . LEU A 1 32 ? 3.36752   -23.22069 15.18341  1.000 51.73753 ? 32  LEU A CG  1 
ATOM   209 C CD1 . LEU A 1 32 ? 2.43525   -22.02523 15.28031  1.000 52.92854 ? 32  LEU A CD1 1 
ATOM   210 C CD2 . LEU A 1 32 ? 4.17329   -23.36574 16.45673  1.000 53.50644 ? 32  LEU A CD2 1 
ATOM   211 N N   . LEU A 1 33 ? 2.85663   -25.03109 11.87953  1.000 49.46563 ? 33  LEU A N   1 
ATOM   212 C CA  . LEU A 1 33 ? 3.54367   -24.80479 10.61044  1.000 49.63945 ? 33  LEU A CA  1 
ATOM   213 C C   . LEU A 1 33 ? 2.58011   -24.34076 9.52572   1.000 49.65150 ? 33  LEU A C   1 
ATOM   214 O O   . LEU A 1 33 ? 2.89052   -23.42115 8.75977   1.000 47.38567 ? 33  LEU A O   1 
ATOM   215 C CB  . LEU A 1 33 ? 4.26173   -26.07601 10.16678  1.000 51.75839 ? 33  LEU A CB  1 
ATOM   216 C CG  . LEU A 1 33 ? 5.64772   -26.31335 10.75461  1.000 52.68598 ? 33  LEU A CG  1 
ATOM   217 C CD1 . LEU A 1 33 ? 6.24127   -27.58889 10.17914  1.000 57.32028 ? 33  LEU A CD1 1 
ATOM   218 C CD2 . LEU A 1 33 ? 6.54147   -25.10751 10.48077  1.000 51.73046 ? 33  LEU A CD2 1 
ATOM   219 N N   . SER A 1 34 ? 1.40534   -24.96957 9.44410   1.000 49.49435 ? 34  SER A N   1 
ATOM   220 C CA  . SER A 1 34 ? 0.40689   -24.52977 8.47626   1.000 49.45540 ? 34  SER A CA  1 
ATOM   221 C C   . SER A 1 34 ? -0.06172  -23.11389 8.78221   1.000 48.64914 ? 34  SER A C   1 
ATOM   222 O O   . SER A 1 34 ? -0.29830  -22.32110 7.86689   1.000 46.66431 ? 34  SER A O   1 
ATOM   223 C CB  . SER A 1 34 ? -0.77421  -25.49669 8.47209   1.000 55.12945 ? 34  SER A CB  1 
ATOM   224 O OG  . SER A 1 34 ? -1.77136  -25.05376 9.37520   1.000 58.51794 ? 34  SER A OG  1 
ATOM   225 N N   . GLY A 1 35 ? -0.19136  -22.77291 10.06533  1.000 49.19412 ? 35  GLY A N   1 
ATOM   226 C CA  . GLY A 1 35 ? -0.59722  -21.42299 10.41991  1.000 46.99167 ? 35  GLY A CA  1 
ATOM   227 C C   . GLY A 1 35 ? 0.47115   -20.39141 10.10946  1.000 44.66414 ? 35  GLY A C   1 
ATOM   228 O O   . GLY A 1 35 ? 0.16128   -19.25466 9.74866   1.000 43.41387 ? 35  GLY A O   1 
ATOM   229 N N   . ILE A 1 36 ? 1.74274   -20.76531 10.26936  1.000 43.23956 ? 36  ILE A N   1 
ATOM   230 C CA  . ILE A 1 36 ? 2.84116   -19.88761 9.88326   1.000 42.09033 ? 36  ILE A CA  1 
ATOM   231 C C   . ILE A 1 36 ? 2.85680   -19.71012 8.37569   1.000 41.92601 ? 36  ILE A C   1 
ATOM   232 O O   . ILE A 1 36 ? 3.07669   -18.60322 7.86741   1.000 42.20069 ? 36  ILE A O   1 
ATOM   233 C CB  . ILE A 1 36 ? 4.18511   -20.42810 10.40899  1.000 44.98247 ? 36  ILE A CB  1 
ATOM   234 C CG1 . ILE A 1 36 ? 4.26880   -20.29245 11.93060  1.000 44.49962 ? 36  ILE A CG1 1 
ATOM   235 C CG2 . ILE A 1 36 ? 5.35262   -19.70891 9.74772   1.000 47.04473 ? 36  ILE A CG2 1 
ATOM   236 C CD1 . ILE A 1 36 ? 5.26901   -21.22785 12.57713  1.000 46.86286 ? 36  ILE A CD1 1 
ATOM   237 N N   . VAL A 1 37 ? 2.60925   -20.79656 7.63518   1.000 43.57390 ? 37  VAL A N   1 
ATOM   238 C CA  . VAL A 1 37 ? 2.58688   -20.69476 6.17840   1.000 43.83462 ? 37  VAL A CA  1 
ATOM   239 C C   . VAL A 1 37 ? 1.42773   -19.82627 5.71979   1.000 42.55130 ? 37  VAL A C   1 
ATOM   240 O O   . VAL A 1 37 ? 1.59391   -18.96818 4.85242   1.000 41.58733 ? 37  VAL A O   1 
ATOM   241 C CB  . VAL A 1 37 ? 2.57958   -22.08564 5.51393   1.000 46.31739 ? 37  VAL A CB  1 
ATOM   242 C CG1 . VAL A 1 37 ? 2.24064   -21.95007 4.03850   1.000 46.82227 ? 37  VAL A CG1 1 
ATOM   243 C CG2 . VAL A 1 37 ? 3.93076   -22.75127 5.67670   1.000 47.67952 ? 37  VAL A CG2 1 
ATOM   244 N N   . GLN A 1 38 ? 0.24139   -20.02599 6.29864   1.000 42.70054 ? 38  GLN A N   1 
ATOM   245 C CA  . GLN A 1 38 ? -0.88635  -19.18026 5.93423   1.000 41.75464 ? 38  GLN A CA  1 
ATOM   246 C C   . GLN A 1 38 ? -0.59253  -17.72158 6.24677   1.000 39.51931 ? 38  GLN A C   1 
ATOM   247 O O   . GLN A 1 38 ? -0.88373  -16.83442 5.43659   1.000 39.13561 ? 38  GLN A O   1 
ATOM   248 C CB  . GLN A 1 38 ? -2.16233  -19.60728 6.65098   1.000 42.56737 ? 38  GLN A CB  1 
ATOM   249 C CG  . GLN A 1 38 ? -3.26765  -18.58930 6.41141   1.000 47.47008 ? 38  GLN A CG  1 
ATOM   250 C CD  . GLN A 1 38 ? -4.57381  -18.90741 7.11100   1.000 50.96238 ? 38  GLN A CD  1 
ATOM   251 O OE1 . GLN A 1 38 ? -4.74761  -19.97822 7.69625   1.000 54.02669 ? 38  GLN A OE1 1 
ATOM   252 N NE2 . GLN A 1 38 ? -5.51380  -17.95394 7.04811   1.000 53.28572 ? 38  GLN A NE2 1 
ATOM   253 N N   . GLN A 1 39 ? -0.01143  -17.46045 7.42140   1.000 38.86443 ? 39  GLN A N   1 
ATOM   254 C CA  . GLN A 1 39 ? 0.32706   -16.09483 7.80803   1.000 39.14073 ? 39  GLN A CA  1 
ATOM   255 C C   . GLN A 1 39 ? 1.29823   -15.47721 6.81604   1.000 36.69136 ? 39  GLN A C   1 
ATOM   256 O O   . GLN A 1 39 ? 1.24386   -14.27367 6.53588   1.000 36.52780 ? 39  GLN A O   1 
ATOM   257 C CB  . GLN A 1 39 ? 0.91262   -16.10062 9.22229   1.000 38.47384 ? 39  GLN A CB  1 
ATOM   258 C CG  . GLN A 1 39 ? 1.46282   -14.78892 9.74359   1.000 41.65987 ? 39  GLN A CG  1 
ATOM   259 C CD  . GLN A 1 39 ? 0.38318   -13.80224 10.09657  1.000 43.58830 ? 39  GLN A CD  1 
ATOM   260 O OE1 . GLN A 1 39 ? -0.67524  -13.76034 9.46101   1.000 43.27914 ? 39  GLN A OE1 1 
ATOM   261 N NE2 . GLN A 1 39 ? 0.64175   -12.98155 11.11084  1.000 44.45580 ? 39  GLN A NE2 1 
ATOM   262 N N   . GLN A 1 40 ? 2.19544   -16.28979 6.26220   1.000 37.45426 ? 40  GLN A N   1 
ATOM   263 C CA  . GLN A 1 40 ? 3.07942   -15.75359 5.24136   1.000 37.77578 ? 40  GLN A CA  1 
ATOM   264 C C   . GLN A 1 40 ? 2.29418   -15.34169 4.00130   1.000 36.73795 ? 40  GLN A C   1 
ATOM   265 O O   . GLN A 1 40 ? 2.62936   -14.34468 3.35524   1.000 36.31050 ? 40  GLN A O   1 
ATOM   266 C CB  . GLN A 1 40 ? 4.19817   -16.73647 4.92782   1.000 39.57597 ? 40  GLN A CB  1 
ATOM   267 C CG  . GLN A 1 40 ? 5.30391   -16.63952 5.93557   1.000 40.96877 ? 40  GLN A CG  1 
ATOM   268 C CD  . GLN A 1 40 ? 6.38807   -17.61085 5.66103   1.000 40.91010 ? 40  GLN A CD  1 
ATOM   269 O OE1 . GLN A 1 40 ? 6.15477   -18.69072 5.12656   1.000 43.73999 ? 40  GLN A OE1 1 
ATOM   270 N NE2 . GLN A 1 40 ? 7.60691   -17.23606 6.01125   1.000 42.35832 ? 40  GLN A NE2 1 
ATOM   271 N N   . ASN A 1 41 ? 1.23041   -16.08780 3.66599   1.000 37.83139 ? 41  ASN A N   1 
ATOM   272 C CA  . ASN A 1 41 ? 0.37621   -15.66118 2.55951   1.000 37.74163 ? 41  ASN A CA  1 
ATOM   273 C C   . ASN A 1 41 ? -0.37239  -14.37060 2.89780   1.000 35.90628 ? 41  ASN A C   1 
ATOM   274 O O   . ASN A 1 41 ? -0.52532  -13.49272 2.03670   1.000 35.80975 ? 41  ASN A O   1 
ATOM   275 C CB  . ASN A 1 41 ? -0.59347  -16.76757 2.14667   1.000 39.74150 ? 41  ASN A CB  1 
ATOM   276 C CG  . ASN A 1 41 ? -1.25653  -16.48170 0.81011   1.000 40.28864 ? 41  ASN A CG  1 
ATOM   277 O OD1 . ASN A 1 41 ? -0.59884  -16.44168 -0.23261  1.000 41.42191 ? 41  ASN A OD1 1 
ATOM   278 N ND2 . ASN A 1 41 ? -2.56189  -16.25087 0.83538   1.000 42.51467 ? 41  ASN A ND2 1 
ATOM   279 N N   . ASN A 1 42 ? -0.84795  -14.23453 4.14375   1.000 35.42183 ? 42  ASN A N   1 
ATOM   280 C CA  . ASN A 1 42 ? -1.49938  -12.98785 4.55512   1.000 33.94549 ? 42  ASN A CA  1 
ATOM   281 C C   . ASN A 1 42 ? -0.55861  -11.80064 4.39222   1.000 32.75726 ? 42  ASN A C   1 
ATOM   282 O O   . ASN A 1 42 ? -0.94536  -10.75848 3.85217   1.000 32.26729 ? 42  ASN A O   1 
ATOM   283 C CB  . ASN A 1 42 ? -1.96111  -13.05344 6.01352   1.000 37.26650 ? 42  ASN A CB  1 
ATOM   284 C CG  . ASN A 1 42 ? -3.06419  -14.08472 6.26043   1.000 39.02196 ? 42  ASN A CG  1 
ATOM   285 O OD1 . ASN A 1 42 ? -3.88041  -14.36839 5.38053   1.000 43.92430 ? 42  ASN A OD1 1 
ATOM   286 N ND2 . ASN A 1 42 ? -3.10339  -14.63309 7.47911   1.000 44.35218 ? 42  ASN A ND2 1 
ATOM   287 N N   . LEU A 1 43 ? 0.67607   -11.93008 4.88564   1.000 32.33942 ? 43  LEU A N   1 
ATOM   288 C CA  . LEU A 1 43 ? 1.62609   -10.82382 4.79445   1.000 31.46515 ? 43  LEU A CA  1 
ATOM   289 C C   . LEU A 1 43 ? 1.96937   -10.51089 3.34624   1.000 33.02450 ? 43  LEU A C   1 
ATOM   290 O O   . LEU A 1 43 ? 2.05281   -9.33603  2.96267   1.000 31.64978 ? 43  LEU A O   1 
ATOM   291 C CB  . LEU A 1 43 ? 2.90290   -11.15055 5.55560   1.000 32.06879 ? 43  LEU A CB  1 
ATOM   292 C CG  . LEU A 1 43 ? 2.76643   -11.45027 7.03755   1.000 35.21542 ? 43  LEU A CG  1 
ATOM   293 C CD1 . LEU A 1 43 ? 4.12330   -11.78938 7.60024   1.000 38.67189 ? 43  LEU A CD1 1 
ATOM   294 C CD2 . LEU A 1 43 ? 2.16173   -10.28471 7.76741   1.000 33.69720 ? 43  LEU A CD2 1 
ATOM   295 N N   . LEU A 1 44 ? 2.20267   -11.55716 2.53918   1.000 33.05400 ? 44  LEU A N   1 
ATOM   296 C CA  . LEU A 1 44 ? 2.46914   -11.33951 1.12452   1.000 32.64379 ? 44  LEU A CA  1 
ATOM   297 C C   . LEU A 1 44 ? 1.32307   -10.58382 0.46641   1.000 34.61896 ? 44  LEU A C   1 
ATOM   298 O O   . LEU A 1 44 ? 1.55944   -9.64568  -0.29630  1.000 30.90607 ? 44  LEU A O   1 
ATOM   299 C CB  . LEU A 1 44 ? 2.73781   -12.66356 0.41689   1.000 34.88564 ? 44  LEU A CB  1 
ATOM   300 C CG  . LEU A 1 44 ? 3.03960   -12.54971 -1.07882  1.000 35.88650 ? 44  LEU A CG  1 
ATOM   301 C CD1 . LEU A 1 44 ? 4.23597   -11.64916 -1.34485  1.000 37.99493 ? 44  LEU A CD1 1 
ATOM   302 C CD2 . LEU A 1 44 ? 3.27958   -13.92856 -1.66016  1.000 37.91937 ? 44  LEU A CD2 1 
ATOM   303 N N   . ARG A 1 45 ? 0.07305   -10.96429 0.75809   1.000 32.21172 ? 45  ARG A N   1 
ATOM   304 C CA  . ARG A 1 45 ? -1.06435  -10.23771 0.18359   1.000 31.79852 ? 45  ARG A CA  1 
ATOM   305 C C   . ARG A 1 45 ? -1.08260  -8.77913  0.61911   1.000 31.81842 ? 45  ARG A C   1 
ATOM   306 O O   . ARG A 1 45 ? -1.37386  -7.88859  -0.19039  1.000 31.09308 ? 45  ARG A O   1 
ATOM   307 C CB  . ARG A 1 45 ? -2.37314  -10.91372 0.57780   1.000 32.96066 ? 45  ARG A CB  1 
ATOM   308 C CG  . ARG A 1 45 ? -2.66749  -12.19394 -0.17959  1.000 36.07843 ? 45  ARG A CG  1 
ATOM   309 C CD  . ARG A 1 45 ? -3.79657  -12.93384 0.50786   1.000 40.31500 ? 45  ARG A CD  1 
ATOM   310 N NE  . ARG A 1 45 ? -4.43924  -13.91781 -0.35019  1.000 46.94980 ? 45  ARG A NE  1 
ATOM   311 C CZ  . ARG A 1 45 ? -5.26354  -14.85400 0.09227   1.000 46.66465 ? 45  ARG A CZ  1 
ATOM   312 N NH1 . ARG A 1 45 ? -5.55026  -14.96616 1.38132   1.000 49.13824 ? 45  ARG A NH1 1 
ATOM   313 N NH2 . ARG A 1 45 ? -5.79699  -15.71264 -0.77348  1.000 47.59021 ? 45  ARG A NH2 1 
ATOM   314 N N   . ALA A 1 46 ? -0.78319  -8.51197  1.89506   1.000 31.47876 ? 46  ALA A N   1 
ATOM   315 C CA  . ALA A 1 46 ? -0.73010  -7.13134  2.36815   1.000 30.90783 ? 46  ALA A CA  1 
ATOM   316 C C   . ALA A 1 46 ? 0.32506   -6.33085  1.61736   1.000 31.23216 ? 46  ALA A C   1 
ATOM   317 O O   . ALA A 1 46 ? 0.05582   -5.21723  1.15326   1.000 28.70648 ? 46  ALA A O   1 
ATOM   318 C CB  . ALA A 1 46 ? -0.46969  -7.08599  3.86813   1.000 31.12352 ? 46  ALA A CB  1 
ATOM   319 N N   . ILE A 1 47 ? 1.53743   -6.87914  1.50085   1.000 29.01984 ? 47  ILE A N   1 
ATOM   320 C CA  . ILE A 1 47 ? 2.59934   -6.20567  0.75846   1.000 30.19184 ? 47  ILE A CA  1 
ATOM   321 C C   . ILE A 1 47 ? 2.16120   -5.92895  -0.67077  1.000 30.40815 ? 47  ILE A C   1 
ATOM   322 O O   . ILE A 1 47 ? 2.41912   -4.84736  -1.21799  1.000 28.54580 ? 47  ILE A O   1 
ATOM   323 C CB  . ILE A 1 47 ? 3.89027   -7.04157  0.81552   1.000 28.42881 ? 47  ILE A CB  1 
ATOM   324 C CG1 . ILE A 1 47 ? 4.54495   -6.90521  2.18779   1.000 31.61831 ? 47  ILE A CG1 1 
ATOM   325 C CG2 . ILE A 1 47 ? 4.85417   -6.65377  -0.30236  1.000 28.84360 ? 47  ILE A CG2 1 
ATOM   326 C CD1 . ILE A 1 47 ? 5.51473   -8.03530  2.49041   1.000 30.16547 ? 47  ILE A CD1 1 
ATOM   327 N N   . GLU A 1 48 ? 1.47019   -6.88507  -1.29220  1.000 28.01424 ? 48  GLU A N   1 
ATOM   328 C CA  . GLU A 1 48 ? 1.04157   -6.69835  -2.67533  1.000 28.87494 ? 48  GLU A CA  1 
ATOM   329 C C   . GLU A 1 48 ? -0.01282  -5.61198  -2.78545  1.000 29.28393 ? 48  GLU A C   1 
ATOM   330 O O   . GLU A 1 48 ? 0.00348   -4.81820  -3.73175  1.000 30.25175 ? 48  GLU A O   1 
ATOM   331 C CB  . GLU A 1 48 ? 0.49494   -8.00578  -3.22639  1.000 32.20154 ? 48  GLU A CB  1 
ATOM   332 C CG  . GLU A 1 48 ? 1.53646   -9.08553  -3.32789  1.000 33.93349 ? 48  GLU A CG  1 
ATOM   333 C CD  . GLU A 1 48 ? 0.93452   -10.39046 -3.79216  1.000 41.20163 ? 48  GLU A CD  1 
ATOM   334 O OE1 . GLU A 1 48 ? 1.69508   -11.31512 -4.14210  1.000 43.67977 ? 48  GLU A OE1 1 
ATOM   335 O OE2 . GLU A 1 48 ? -0.31855  -10.48098 -3.82213  1.000 45.95376 ? 48  GLU A OE2 1 
ATOM   336 N N   . ALA A 1 49 ? -0.94967  -5.57368  -1.84028  1.000 29.32915 ? 49  ALA A N   1 
ATOM   337 C CA  . ALA A 1 49 ? -1.95562  -4.52028  -1.84091  1.000 30.82849 ? 49  ALA A CA  1 
ATOM   338 C C   . ALA A 1 49 ? -1.31600  -3.16231  -1.59381  1.000 31.34170 ? 49  ALA A C   1 
ATOM   339 O O   . ALA A 1 49 ? -1.65616  -2.16861  -2.25414  1.000 29.09883 ? 49  ALA A O   1 
ATOM   340 C CB  . ALA A 1 49 ? -3.00781  -4.83089  -0.78054  1.000 32.21801 ? 49  ALA A CB  1 
ATOM   341 N N   . GLN A 1 50 ? -0.36708  -3.10021  -0.65815  1.000 29.62078 ? 50  GLN A N   1 
ATOM   342 C CA  . GLN A 1 50 ? 0.35743   -1.85527  -0.43568  1.000 28.15121 ? 50  GLN A CA  1 
ATOM   343 C C   . GLN A 1 50 ? 1.10723   -1.42523  -1.68402  1.000 28.31699 ? 50  GLN A C   1 
ATOM   344 O O   . GLN A 1 50 ? 1.14001   -0.23344  -2.01564  1.000 27.98958 ? 50  GLN A O   1 
ATOM   345 C CB  . GLN A 1 50 ? 1.31097   -1.99788  0.74120   1.000 26.86834 ? 50  GLN A CB  1 
ATOM   346 C CG  . GLN A 1 50 ? 0.61979   -1.77341  2.05738   1.000 30.87281 ? 50  GLN A CG  1 
ATOM   347 C CD  . GLN A 1 50 ? 1.51364   -2.06053  3.22301   1.000 31.88541 ? 50  GLN A CD  1 
ATOM   348 O OE1 . GLN A 1 50 ? 2.47743   -2.84005  3.12181   1.000 31.69913 ? 50  GLN A OE1 1 
ATOM   349 N NE2 . GLN A 1 50 ? 1.20706   -1.44595  4.35371   1.000 30.09437 ? 50  GLN A NE2 1 
ATOM   350 N N   . GLN A 1 51 ? 1.69830   -2.37701  -2.40358  1.000 27.51702 ? 51  GLN A N   1 
ATOM   351 C CA  . GLN A 1 51 ? 2.40731   -2.02488  -3.62700  1.000 30.04378 ? 51  GLN A CA  1 
ATOM   352 C C   . GLN A 1 51 ? 1.46738   -1.39494  -4.64223  1.000 29.10388 ? 51  GLN A C   1 
ATOM   353 O O   . GLN A 1 51 ? 1.83055   -0.42808  -5.32348  1.000 29.42771 ? 51  GLN A O   1 
ATOM   354 C CB  . GLN A 1 51 ? 3.06795   -3.25428  -4.22890  1.000 30.49077 ? 51  GLN A CB  1 
ATOM   355 C CG  . GLN A 1 51 ? 3.90493   -2.93407  -5.43266  1.000 32.72057 ? 51  GLN A CG  1 
ATOM   356 C CD  . GLN A 1 51 ? 4.96081   -1.89227  -5.14414  1.000 33.65288 ? 51  GLN A CD  1 
ATOM   357 O OE1 . GLN A 1 51 ? 5.36091   -1.67534  -3.99272  1.000 34.21098 ? 51  GLN A OE1 1 
ATOM   358 N NE2 . GLN A 1 51 ? 5.42359   -1.23256  -6.19648  1.000 36.65246 ? 51  GLN A NE2 1 
ATOM   359 N N   . HIS A 1 52 ? 0.25454   -1.92645  -4.75090  1.000 28.52524 ? 52  HIS A N   1 
ATOM   360 C CA  . HIS A 1 52 ? -0.72590  -1.35562  -5.66245  1.000 28.84181 ? 52  HIS A CA  1 
ATOM   361 C C   . HIS A 1 52 ? -1.04944  0.08271   -5.27158  1.000 31.01252 ? 52  HIS A C   1 
ATOM   362 O O   . HIS A 1 52 ? -1.07526  0.98261   -6.12506  1.000 31.41981 ? 52  HIS A O   1 
ATOM   363 C CB  . HIS A 1 52 ? -1.97436  -2.23608  -5.66520  1.000 31.38943 ? 52  HIS A CB  1 
ATOM   364 C CG  . HIS A 1 52 ? -3.03514  -1.76556  -6.60010  1.000 34.22222 ? 52  HIS A CG  1 
ATOM   365 N ND1 . HIS A 1 52 ? -4.02202  -0.88752  -6.21485  1.000 37.45430 ? 52  HIS A ND1 1 
ATOM   366 C CD2 . HIS A 1 52 ? -3.25656  -2.03893  -7.90706  1.000 38.73976 ? 52  HIS A CD2 1 
ATOM   367 C CE1 . HIS A 1 52 ? -4.80508  -0.63312  -7.24913  1.000 37.66166 ? 52  HIS A CE1 1 
ATOM   368 N NE2 . HIS A 1 52 ? -4.36329  -1.32055  -8.28677  1.000 38.60208 ? 52  HIS A NE2 1 
ATOM   369 N N   . LEU A 1 53 ? -1.26638  0.32976   -3.97575  1.000 29.82591 ? 53  LEU A N   1 
ATOM   370 C CA  . LEU A 1 53 ? -1.58499  1.68145   -3.52546  1.000 27.20748 ? 53  LEU A CA  1 
ATOM   371 C C   . LEU A 1 53 ? -0.39988  2.61332   -3.72418  1.000 28.30968 ? 53  LEU A C   1 
ATOM   372 O O   . LEU A 1 53 ? -0.57516  3.77829   -4.10957  1.000 26.71637 ? 53  LEU A O   1 
ATOM   373 C CB  . LEU A 1 53 ? -2.01935  1.65723   -2.05965  1.000 25.74712 ? 53  LEU A CB  1 
ATOM   374 C CG  . LEU A 1 53 ? -2.41551  2.98709   -1.40568  1.000 32.00562 ? 53  LEU A CG  1 
ATOM   375 C CD1 . LEU A 1 53 ? -3.40656  3.76143   -2.27412  1.000 31.70816 ? 53  LEU A CD1 1 
ATOM   376 C CD2 . LEU A 1 53 ? -3.00466  2.72437   -0.03587  1.000 31.31464 ? 53  LEU A CD2 1 
ATOM   377 N N   . LEU A 1 54 ? 0.81135   2.11128   -3.47967  1.000 27.45817 ? 54  LEU A N   1 
ATOM   378 C CA  . LEU A 1 54 ? 2.01972   2.89969   -3.66758  1.000 27.66249 ? 54  LEU A CA  1 
ATOM   379 C C   . LEU A 1 54 ? 2.18110   3.29999   -5.12604  1.000 27.34861 ? 54  LEU A C   1 
ATOM   380 O O   . LEU A 1 54 ? 2.51495   4.45385   -5.43448  1.000 29.89368 ? 54  LEU A O   1 
ATOM   381 C CB  . LEU A 1 54 ? 3.20701   2.06562   -3.19332  1.000 27.67544 ? 54  LEU A CB  1 
ATOM   382 C CG  . LEU A 1 54 ? 4.60779   2.64580   -3.11410  1.000 27.82013 ? 54  LEU A CG  1 
ATOM   383 C CD1 . LEU A 1 54 ? 4.59635   4.00675   -2.44602  1.000 30.57126 ? 54  LEU A CD1 1 
ATOM   384 C CD2 . LEU A 1 54 ? 5.48192   1.65682   -2.34484  1.000 31.53518 ? 54  LEU A CD2 1 
ATOM   385 N N   . GLN A 1 55 ? 1.89693   2.37518   -6.04224  1.000 25.36984 ? 55  GLN A N   1 
ATOM   386 C CA  . GLN A 1 55 ? 1.99044   2.69029   -7.45765  1.000 28.06469 ? 55  GLN A CA  1 
ATOM   387 C C   . GLN A 1 55 ? 1.00722   3.79020   -7.81983  1.000 29.76527 ? 55  GLN A C   1 
ATOM   388 O O   . GLN A 1 55 ? 1.32138   4.66868   -8.62981  1.000 30.61287 ? 55  GLN A O   1 
ATOM   389 C CB  . GLN A 1 55 ? 1.73022   1.43561   -8.28706  1.000 32.85220 ? 55  GLN A CB  1 
ATOM   390 C CG  . GLN A 1 55 ? 2.15561   1.56856   -9.73303  1.000 39.99764 ? 55  GLN A CG  1 
ATOM   391 C CD  . GLN A 1 55 ? 3.52786   2.21876   -9.87958  1.000 41.50291 ? 55  GLN A CD  1 
ATOM   392 O OE1 . GLN A 1 55 ? 4.55430   1.60808   -9.55476  1.000 45.16039 ? 55  GLN A OE1 1 
ATOM   393 N NE2 . GLN A 1 55 ? 3.55199   3.46356   -10.35984 1.000 40.57820 ? 55  GLN A NE2 1 
ATOM   394 N N   . LEU A 1 56 ? -0.18130  3.77077   -7.21103  1.000 27.25015 ? 56  LEU A N   1 
ATOM   395 C CA  . LEU A 1 56 ? -1.17420  4.80284   -7.49166  1.000 30.61845 ? 56  LEU A CA  1 
ATOM   396 C C   . LEU A 1 56 ? -0.69823  6.16723   -7.01877  1.000 30.09333 ? 56  LEU A C   1 
ATOM   397 O O   . LEU A 1 56 ? -0.92559  7.18215   -7.69345  1.000 29.57402 ? 56  LEU A O   1 
ATOM   398 C CB  . LEU A 1 56 ? -2.49796  4.45787   -6.82120  1.000 32.08156 ? 56  LEU A CB  1 
ATOM   399 C CG  . LEU A 1 56 ? -3.23114  3.20984   -7.29627  1.000 34.49148 ? 56  LEU A CG  1 
ATOM   400 C CD1 . LEU A 1 56 ? -4.57915  3.12214   -6.62171  1.000 34.71312 ? 56  LEU A CD1 1 
ATOM   401 C CD2 . LEU A 1 56 ? -3.38311  3.21101   -8.79878  1.000 38.80526 ? 56  LEU A CD2 1 
ATOM   402 N N   . THR A 1 57 ? -0.04427  6.22195   -5.85818  1.000 26.37755 ? 57  THR A N   1 
ATOM   403 C CA  . THR A 1 57 ? 0.44350   7.50860   -5.36833  1.000 27.03727 ? 57  THR A CA  1 
ATOM   404 C C   . THR A 1 57 ? 1.56354   8.04409   -6.24684  1.000 29.10517 ? 57  THR A C   1 
ATOM   405 O O   . THR A 1 57 ? 1.64978   9.25623   -6.47387  1.000 26.34021 ? 57  THR A O   1 
ATOM   406 C CB  . THR A 1 57 ? 0.89529   7.40669   -3.91328  1.000 27.49602 ? 57  THR A CB  1 
ATOM   407 O OG1 . THR A 1 57 ? 2.01252   6.52001   -3.81534  1.000 30.11350 ? 57  THR A OG1 1 
ATOM   408 C CG2 . THR A 1 57 ? -0.23318  6.91333   -3.03896  1.000 25.60553 ? 57  THR A CG2 1 
ATOM   409 N N   . VAL A 1 58 ? 2.43447   7.15826   -6.73996  1.000 27.39330 ? 58  VAL A N   1 
ATOM   410 C CA  . VAL A 1 58 ? 3.48809   7.56634   -7.66543  1.000 28.25128 ? 58  VAL A CA  1 
ATOM   411 C C   . VAL A 1 58 ? 2.88421   8.22581   -8.89878  1.000 28.96888 ? 58  VAL A C   1 
ATOM   412 O O   . VAL A 1 58 ? 3.33210   9.29632   -9.33334  1.000 27.55652 ? 58  VAL A O   1 
ATOM   413 C CB  . VAL A 1 58 ? 4.37262   6.36292   -8.03344  1.000 28.78159 ? 58  VAL A CB  1 
ATOM   414 C CG1 . VAL A 1 58 ? 5.27895   6.71155   -9.19643  1.000 31.74548 ? 58  VAL A CG1 1 
ATOM   415 C CG2 . VAL A 1 58 ? 5.18314   5.91359   -6.82575  1.000 29.48869 ? 58  VAL A CG2 1 
ATOM   416 N N   . TRP A 1 59 ? 1.84289   7.61368   -9.47087  1.000 26.96409 ? 59  TRP A N   1 
ATOM   417 C CA  . TRP A 1 59 ? 1.17616   8.20852   -10.62775 1.000 30.94486 ? 59  TRP A CA  1 
ATOM   418 C C   . TRP A 1 59 ? 0.45961   9.50288   -10.25309 1.000 31.27903 ? 59  TRP A C   1 
ATOM   419 O O   . TRP A 1 59 ? 0.46496   10.46665  -11.02777 1.000 29.14721 ? 59  TRP A O   1 
ATOM   420 C CB  . TRP A 1 59 ? 0.21406   7.20324   -11.26712 1.000 34.83927 ? 59  TRP A CB  1 
ATOM   421 C CG  . TRP A 1 59 ? 0.92649   6.02720   -11.91466 1.000 39.64259 ? 59  TRP A CG  1 
ATOM   422 C CD1 . TRP A 1 59 ? 2.14725   6.05221   -12.52139 1.000 40.67791 ? 59  TRP A CD1 1 
ATOM   423 C CD2 . TRP A 1 59 ? 0.47219   4.65694   -11.99147 1.000 43.07452 ? 59  TRP A CD2 1 
ATOM   424 N NE1 . TRP A 1 59 ? 2.47966   4.80045   -12.97852 1.000 44.68236 ? 59  TRP A NE1 1 
ATOM   425 C CE2 . TRP A 1 59 ? 1.46910   3.92549   -12.67046 1.000 43.42243 ? 59  TRP A CE2 1 
ATOM   426 C CE3 . TRP A 1 59 ? -0.68315  3.98519   -11.56417 1.000 41.48292 ? 59  TRP A CE3 1 
ATOM   427 C CZ2 . TRP A 1 59 ? 1.34953   2.55583   -12.93162 1.000 46.31239 ? 59  TRP A CZ2 1 
ATOM   428 C CZ3 . TRP A 1 59 ? -0.79915  2.61551   -11.82308 1.000 42.54876 ? 59  TRP A CZ3 1 
ATOM   429 C CH2 . TRP A 1 59 ? 0.21250   1.92121   -12.49797 1.000 44.33214 ? 59  TRP A CH2 1 
ATOM   430 N N   . GLY A 1 60 ? -0.15612  9.55087   -9.06977  1.000 27.79864 ? 60  GLY A N   1 
ATOM   431 C CA  . GLY A 1 60 ? -0.78912  10.78269  -8.62781  1.000 28.11571 ? 60  GLY A CA  1 
ATOM   432 C C   . GLY A 1 60 ? 0.19719   11.92588  -8.49351  1.000 27.37229 ? 60  GLY A C   1 
ATOM   433 O O   . GLY A 1 60 ? -0.10724  13.07243  -8.85894  1.000 23.48326 ? 60  GLY A O   1 
ATOM   434 N N   . ILE A 1 61 ? 1.39404   11.63384  -7.97689  1.000 25.69909 ? 61  ILE A N   1 
ATOM   435 C CA  . ILE A 1 61 ? 2.43158   12.65186  -7.84923  1.000 25.24113 ? 61  ILE A CA  1 
ATOM   436 C C   . ILE A 1 61 ? 2.86854   13.15036  -9.22166  1.000 26.45267 ? 61  ILE A C   1 
ATOM   437 O O   . ILE A 1 61 ? 3.07376   14.35781  -9.42294  1.000 23.79633 ? 61  ILE A O   1 
ATOM   438 C CB  . ILE A 1 61 ? 3.60457   12.10206  -7.02210  1.000 25.29476 ? 61  ILE A CB  1 
ATOM   439 C CG1 . ILE A 1 61 ? 3.22088   12.05315  -5.53680  1.000 25.12098 ? 61  ILE A CG1 1 
ATOM   440 C CG2 . ILE A 1 61 ? 4.85447   12.91644  -7.25631  1.000 26.63809 ? 61  ILE A CG2 1 
ATOM   441 C CD1 . ILE A 1 61 ? 4.26101   11.33574  -4.65635  1.000 26.71315 ? 61  ILE A CD1 1 
ATOM   442 N N   . LYS A 1 62 ? 2.99227   12.24244  -10.19415 1.000 24.86983 ? 62  LYS A N   1 
ATOM   443 C CA  . LYS A 1 62 ? 3.33921   12.65040  -11.55377 1.000 27.33696 ? 62  LYS A CA  1 
ATOM   444 C C   . LYS A 1 62 ? 2.26782   13.55333  -12.14279 1.000 26.68270 ? 62  LYS A C   1 
ATOM   445 O O   . LYS A 1 62 ? 2.57796   14.53553  -12.83447 1.000 24.93426 ? 62  LYS A O   1 
ATOM   446 C CB  . LYS A 1 62 ? 3.52588   11.42374  -12.43699 1.000 28.04003 ? 62  LYS A CB  1 
ATOM   447 C CG  . LYS A 1 62 ? 4.85557   10.74358  -12.25240 1.000 31.52649 ? 62  LYS A CG  1 
ATOM   448 C CD  . LYS A 1 62 ? 4.92147   9.44565   -13.06404 1.000 36.98703 ? 62  LYS A CD  1 
ATOM   449 C CE  . LYS A 1 62 ? 4.61848   9.68083   -14.55029 1.000 41.38548 ? 62  LYS A CE  1 
ATOM   450 N NZ  . LYS A 1 62 ? 3.15596   9.62474   -14.88503 1.000 44.46464 ? 62  LYS A NZ  1 
ATOM   451 N N   . GLN A 1 63 ? 0.99954   13.24573  -11.87128 1.000 24.70011 ? 63  GLN A N   1 
ATOM   452 C CA  . GLN A 1 63 ? -0.08860  14.07672  -12.37024 1.000 25.75344 ? 63  GLN A CA  1 
ATOM   453 C C   . GLN A 1 63 ? -0.01302  15.47895  -11.78907 1.000 24.20003 ? 63  GLN A C   1 
ATOM   454 O O   . GLN A 1 63 ? -0.18410  16.47442  -12.50881 1.000 21.78437 ? 63  GLN A O   1 
ATOM   455 C CB  . GLN A 1 63 ? -1.41493  13.44070  -11.99561 1.000 28.98832 ? 63  GLN A CB  1 
ATOM   456 C CG  . GLN A 1 63 ? -2.60433  14.14407  -12.57963 1.000 36.46764 ? 63  GLN A CG  1 
ATOM   457 C CD  . GLN A 1 63 ? -3.48220  13.16740  -13.28619 1.000 45.83794 ? 63  GLN A CD  1 
ATOM   458 O OE1 . GLN A 1 63 ? -3.02550  12.08114  -13.61998 1.000 51.05968 ? 63  GLN A OE1 1 
ATOM   459 N NE2 . GLN A 1 63 ? -4.74739  13.52233  -13.50492 1.000 46.92617 ? 63  GLN A NE2 1 
ATOM   460 N N   . LEU A 1 64 ? 0.22765   15.57505  -10.48342 1.000 22.87787 ? 64  LEU A N   1 
ATOM   461 C CA  . LEU A 1 64 ? 0.36039   16.87436  -9.83900  1.000 22.10767 ? 64  LEU A CA  1 
ATOM   462 C C   . LEU A 1 64 ? 1.55620   17.63142  -10.38866 1.000 22.86924 ? 64  LEU A C   1 
ATOM   463 O O   . LEU A 1 64 ? 1.49026   18.85451  -10.57536 1.000 22.67088 ? 64  LEU A O   1 
ATOM   464 C CB  . LEU A 1 64 ? 0.50376   16.68201  -8.33356  1.000 21.77119 ? 64  LEU A CB  1 
ATOM   465 C CG  . LEU A 1 64 ? -0.76834  16.23920  -7.62953  1.000 22.76394 ? 64  LEU A CG  1 
ATOM   466 C CD1 . LEU A 1 64 ? -0.47729  16.07360  -6.14459  1.000 25.94136 ? 64  LEU A CD1 1 
ATOM   467 C CD2 . LEU A 1 64 ? -1.87431  17.24826  -7.88079  1.000 26.19515 ? 64  LEU A CD2 1 
ATOM   468 N N   . GLN A 1 65 ? 2.66175   16.92466  -10.63905 1.000 21.72038 ? 65  GLN A N   1 
ATOM   469 C CA  . GLN A 1 65 ? 3.83238   17.56194  -11.23083 1.000 22.28882 ? 65  GLN A CA  1 
ATOM   470 C C   . GLN A 1 65 ? 3.47415   18.20594  -12.55979 1.000 22.34534 ? 65  GLN A C   1 
ATOM   471 O O   . GLN A 1 65 ? 3.84618   19.35707  -12.82042 1.000 22.96361 ? 65  GLN A O   1 
ATOM   472 C CB  . GLN A 1 65 ? 4.94901   16.54366  -11.42645 1.000 24.57027 ? 65  GLN A CB  1 
ATOM   473 C CG  . GLN A 1 65 ? 5.74925   16.26944  -10.15181 1.000 26.10781 ? 65  GLN A CG  1 
ATOM   474 C CD  . GLN A 1 65 ? 6.64982   15.04799  -10.25815 1.000 30.17696 ? 65  GLN A CD  1 
ATOM   475 O OE1 . GLN A 1 65 ? 6.63036   14.32038  -11.26226 1.000 32.70447 ? 65  GLN A OE1 1 
ATOM   476 N NE2 . GLN A 1 65 ? 7.43352   14.80146  -9.20913  1.000 32.96887 ? 65  GLN A NE2 1 
ATOM   477 N N   . ALA A 1 66 ? 2.73618   17.48473  -13.40406 1.000 19.46245 ? 66  ALA A N   1 
ATOM   478 C CA  . ALA A 1 66 ? 2.32578   18.03493  -14.68967 1.000 22.69602 ? 66  ALA A CA  1 
ATOM   479 C C   . ALA A 1 66 ? 1.41059   19.23125  -14.49906 1.000 22.02268 ? 66  ALA A C   1 
ATOM   480 O O   . ALA A 1 66 ? 1.50509   20.20882  -15.24645 1.000 21.39087 ? 66  ALA A O   1 
ATOM   481 C CB  . ALA A 1 66 ? 1.62941   16.97101  -15.53125 1.000 24.50585 ? 66  ALA A CB  1 
ATOM   482 N N   . ARG A 1 67 ? 0.50633   19.17587  -13.51852 1.000 20.22101 ? 67  ARG A N   1 
ATOM   483 C CA  . ARG A 1 67 ? -0.41275  20.29365  -13.30598 1.000 20.28997 ? 67  ARG A CA  1 
ATOM   484 C C   . ARG A 1 67 ? 0.31352   21.53028  -12.80748 1.000 20.92493 ? 67  ARG A C   1 
ATOM   485 O O   . ARG A 1 67 ? 0.00890   22.64669  -13.24270 1.000 20.17892 ? 67  ARG A O   1 
ATOM   486 C CB  . ARG A 1 67 ? -1.52543  19.93064  -12.32740 1.000 19.04794 ? 67  ARG A CB  1 
ATOM   487 C CG  . ARG A 1 67 ? -2.57323  19.03755  -12.91697 1.000 21.48968 ? 67  ARG A CG  1 
ATOM   488 C CD  . ARG A 1 67 ? -3.49947  18.53545  -11.83195 1.000 23.03546 ? 67  ARG A CD  1 
ATOM   489 N NE  . ARG A 1 67 ? -4.49325  19.52303  -11.44347 1.000 22.39076 ? 67  ARG A NE  1 
ATOM   490 C CZ  . ARG A 1 67 ? -5.45543  19.27492  -10.56948 1.000 25.18717 ? 67  ARG A CZ  1 
ATOM   491 N NH1 . ARG A 1 67 ? -5.55405  18.09952  -9.97447  1.000 26.22410 ? 67  ARG A NH1 1 
ATOM   492 N NH2 . ARG A 1 67 ? -6.35419  20.21776  -10.30457 1.000 21.32014 ? 67  ARG A NH2 1 
ATOM   493 N N   . ILE A 1 68 ? 1.24127   21.37729  -11.86742 1.000 19.10517 ? 68  ILE A N   1 
ATOM   494 C CA  A ILE A 1 68 ? 1.96290   22.55173  -11.39635 0.453 20.46587 ? 68  ILE A CA  1 
ATOM   495 C CA  B ILE A 1 68 ? 2.01013   22.52200  -11.37958 0.547 21.07630 ? 68  ILE A CA  1 
ATOM   496 C C   . ILE A 1 68 ? 2.86737   23.10687  -12.49609 1.000 21.18203 ? 68  ILE A C   1 
ATOM   497 O O   . ILE A 1 68 ? 2.99572   24.32818  -12.63653 1.000 19.37495 ? 68  ILE A O   1 
ATOM   498 C CB  A ILE A 1 68 ? 2.69907   22.29932  -10.06312 0.453 20.84668 ? 68  ILE A CB  1 
ATOM   499 C CB  B ILE A 1 68 ? 2.87587   22.09461  -10.18309 0.547 20.14869 ? 68  ILE A CB  1 
ATOM   500 C CG1 A ILE A 1 68 ? 3.18515   23.62010  -9.45698  0.453 21.12112 ? 68  ILE A CG1 1 
ATOM   501 C CG1 B ILE A 1 68 ? 2.02990   21.99927  -8.93247  0.547 21.02542 ? 68  ILE A CG1 1 
ATOM   502 C CG2 A ILE A 1 68 ? 3.87996   21.36318  -10.25034 0.453 21.60237 ? 68  ILE A CG2 1 
ATOM   503 C CG2 B ILE A 1 68 ? 4.04903   23.03999  -9.96888  0.547 21.93469 ? 68  ILE A CG2 1 
ATOM   504 C CD1 A ILE A 1 68 ? 2.10001   24.66256  -9.29156  0.453 20.92199 ? 68  ILE A CD1 1 
ATOM   505 C CD1 B ILE A 1 68 ? 2.61649   21.08050  -7.92301  0.547 21.41616 ? 68  ILE A CD1 1 
ATOM   506 N N   . LEU A 1 69 ? 3.47441   22.22714  -13.29696 1.000 19.26272 ? 69  LEU A N   1 
ATOM   507 C CA  . LEU A 1 69 ? 4.32771   22.67580  -14.39018 1.000 20.38271 ? 69  LEU A CA  1 
ATOM   508 C C   . LEU A 1 69 ? 3.52928   23.49918  -15.39180 1.000 19.51165 ? 69  LEU A C   1 
ATOM   509 O O   . LEU A 1 69 ? 3.99684   24.54230  -15.87376 1.000 19.35124 ? 69  LEU A O   1 
ATOM   510 C CB  . LEU A 1 69 ? 4.94212   21.46389  -15.07145 1.000 19.37673 ? 69  LEU A CB  1 
ATOM   511 C CG  . LEU A 1 69 ? 5.80562   21.73934  -16.28920 1.000 20.21643 ? 69  LEU A CG  1 
ATOM   512 C CD1 . LEU A 1 69 ? 6.92026   22.69882  -15.91031 1.000 21.45616 ? 69  LEU A CD1 1 
ATOM   513 C CD2 . LEU A 1 69 ? 6.34629   20.44133  -16.86339 1.000 21.11411 ? 69  LEU A CD2 1 
ATOM   514 N N   . ALA A 1 70 ? 2.30623   23.05908  -15.70115 1.000 18.40726 ? 70  ALA A N   1 
ATOM   515 C CA  . ALA A 1 70 ? 1.45298   23.81835  -16.61483 1.000 20.14250 ? 70  ALA A CA  1 
ATOM   516 C C   . ALA A 1 70 ? 1.15528   25.19845  -16.05623 1.000 20.61126 ? 70  ALA A C   1 
ATOM   517 O O   . ALA A 1 70 ? 1.10459   26.17628  -16.81244 1.000 19.97282 ? 70  ALA A O   1 
ATOM   518 C CB  . ALA A 1 70 ? 0.14796   23.07343  -16.88077 1.000 21.05089 ? 70  ALA A CB  1 
ATOM   519 N N   . VAL A 1 71 ? 0.93786   25.30336  -14.74127 1.000 18.67681 ? 71  VAL A N   1 
ATOM   520 C CA  . VAL A 1 71 ? 0.67991   26.60758  -14.12308 1.000 18.83308 ? 71  VAL A CA  1 
ATOM   521 C C   . VAL A 1 71 ? 1.93484   27.46762  -14.13417 1.000 21.32172 ? 71  VAL A C   1 
ATOM   522 O O   . VAL A 1 71 ? 1.87854   28.66331  -14.46408 1.000 19.15116 ? 71  VAL A O   1 
ATOM   523 C CB  . VAL A 1 71 ? 0.09801   26.45488  -12.70642 1.000 19.85912 ? 71  VAL A CB  1 
ATOM   524 C CG1 . VAL A 1 71 ? 0.22381   27.77957  -11.91828 1.000 20.83573 ? 71  VAL A CG1 1 
ATOM   525 C CG2 . VAL A 1 71 ? -1.36715  25.96080  -12.77723 1.000 17.11396 ? 71  VAL A CG2 1 
ATOM   526 N N   . GLU A 1 72 ? 3.08587   26.88494  -13.79551 1.000 18.07534 ? 72  GLU A N   1 
ATOM   527 C CA  . GLU A 1 72 ? 4.32699   27.65389  -13.81784 1.000 20.04578 ? 72  GLU A CA  1 
ATOM   528 C C   . GLU A 1 72 ? 4.60768   28.18832  -15.21494 1.000 20.59014 ? 72  GLU A C   1 
ATOM   529 O O   . GLU A 1 72 ? 5.07317   29.32164  -15.37294 1.000 22.25870 ? 72  GLU A O   1 
ATOM   530 C CB  . GLU A 1 72 ? 5.49184   26.78697  -13.34502 1.000 20.69677 ? 72  GLU A CB  1 
ATOM   531 C CG  . GLU A 1 72 ? 5.41140   26.38766  -11.88157 1.000 19.62451 ? 72  GLU A CG  1 
ATOM   532 C CD  . GLU A 1 72 ? 6.39516   25.25238  -11.54338 1.000 20.61444 ? 72  GLU A CD  1 
ATOM   533 O OE1 . GLU A 1 72 ? 6.71365   25.05965  -10.34855 1.000 20.43236 ? 72  GLU A OE1 1 
ATOM   534 O OE2 . GLU A 1 72 ? 6.84629   24.55976  -12.47699 1.000 20.34868 ? 72  GLU A OE2 1 
ATOM   535 N N   . ARG A 1 73 ? 4.34652   27.37086  -16.23704 1.000 18.38040 ? 73  ARG A N   1 
ATOM   536 C CA  . ARG A 1 73 ? 4.58140   27.78972  -17.61297 1.000 20.58506 ? 73  ARG A CA  1 
ATOM   537 C C   . ARG A 1 73 ? 3.59782   28.87097  -18.02034 1.000 21.00583 ? 73  ARG A C   1 
ATOM   538 O O   . ARG A 1 73 ? 3.96885   29.81274  -18.72747 1.000 22.20576 ? 73  ARG A O   1 
ATOM   539 C CB  . ARG A 1 73 ? 4.45514   26.60528  -18.55434 1.000 20.64564 ? 73  ARG A CB  1 
ATOM   540 C CG  . ARG A 1 73 ? 5.68778   25.70713  -18.54413 1.000 20.45001 ? 73  ARG A CG  1 
ATOM   541 C CD  . ARG A 1 73 ? 5.41074   24.39718  -19.24519 1.000 21.22695 ? 73  ARG A CD  1 
ATOM   542 N NE  . ARG A 1 73 ? 6.63028   23.65332  -19.52709 1.000 22.12965 ? 73  ARG A NE  1 
ATOM   543 C CZ  . ARG A 1 73 ? 6.64343   22.37847  -19.88312 1.000 22.94891 ? 73  ARG A CZ  1 
ATOM   544 N NH1 . ARG A 1 73 ? 5.52580   21.66446  -19.92943 1.000 22.32574 ? 73  ARG A NH1 1 
ATOM   545 N NH2 . ARG A 1 73 ? 7.80064   21.80278  -20.19425 1.000 21.89478 ? 73  ARG A NH2 1 
ATOM   546 N N   . TYR A 1 74 ? 2.33868   28.72773  -17.61501 1.000 18.01601 ? 74  TYR A N   1 
ATOM   547 C CA  . TYR A 1 74 ? 1.34240   29.75349  -17.91339 1.000 21.76744 ? 74  TYR A CA  1 
ATOM   548 C C   . TYR A 1 74 ? 1.77460   31.09848  -17.35864 1.000 22.80122 ? 74  TYR A C   1 
ATOM   549 O O   . TYR A 1 74 ? 1.64085   32.13591  -18.03016 1.000 23.16053 ? 74  TYR A O   1 
ATOM   550 C CB  . TYR A 1 74 ? 0.01301   29.35390  -17.28666 1.000 21.23588 ? 74  TYR A CB  1 
ATOM   551 C CG  . TYR A 1 74 ? -1.06525  30.39386  -17.42879 1.000 23.56754 ? 74  TYR A CG  1 
ATOM   552 C CD1 . TYR A 1 74 ? -1.78614  30.51810  -18.60510 1.000 27.55352 ? 74  TYR A CD1 1 
ATOM   553 C CD2 . TYR A 1 74 ? -1.35416  31.26568  -16.39607 1.000 24.11067 ? 74  TYR A CD2 1 
ATOM   554 C CE1 . TYR A 1 74 ? -2.77760  31.48516  -18.74131 1.000 27.59421 ? 74  TYR A CE1 1 
ATOM   555 C CE2 . TYR A 1 74 ? -2.33840  32.22379  -16.52418 1.000 25.49980 ? 74  TYR A CE2 1 
ATOM   556 C CZ  . TYR A 1 74 ? -3.04330  32.32715  -17.69267 1.000 27.23409 ? 74  TYR A CZ  1 
ATOM   557 O OH  . TYR A 1 74 ? -4.01502  33.30090  -17.79220 1.000 31.37357 ? 74  TYR A OH  1 
ATOM   558 N N   . LEU A 1 75 ? 2.28253   31.10394  -16.12724 1.000 20.26575 ? 75  LEU A N   1 
ATOM   559 C CA  . LEU A 1 75 ? 2.69492   32.35041  -15.48744 1.000 22.63891 ? 75  LEU A CA  1 
ATOM   560 C C   . LEU A 1 75 ? 3.94295   32.92251  -16.14306 1.000 25.57799 ? 75  LEU A C   1 
ATOM   561 O O   . LEU A 1 75 ? 4.06965   34.14832  -16.26755 1.000 26.75719 ? 75  LEU A O   1 
ATOM   562 C CB  . LEU A 1 75 ? 2.90499   32.13803  -13.99205 1.000 22.90458 ? 75  LEU A CB  1 
ATOM   563 C CG  . LEU A 1 75 ? 1.64987   31.70172  -13.22882 1.000 21.31385 ? 75  LEU A CG  1 
ATOM   564 C CD1 . LEU A 1 75 ? 1.99090   31.37610  -11.78954 1.000 22.36926 ? 75  LEU A CD1 1 
ATOM   565 C CD2 . LEU A 1 75 ? 0.55883   32.75541  -13.27991 1.000 22.60459 ? 75  LEU A CD2 1 
ATOM   566 N N   . ARG A 1 76 ? 4.87763   32.06551  -16.55934 1.000 23.13648 ? 76  ARG A N   1 
ATOM   567 C CA  . ARG A 1 76 ? 6.00658   32.54322  -17.35198 1.000 25.69994 ? 76  ARG A CA  1 
ATOM   568 C C   . ARG A 1 76 ? 5.53828   33.14567  -18.66873 1.000 27.82174 ? 76  ARG A C   1 
ATOM   569 O O   . ARG A 1 76 ? 6.04409   34.19049  -19.10139 1.000 29.38255 ? 76  ARG A O   1 
ATOM   570 C CB  . ARG A 1 76 ? 6.98318   31.40329  -17.63110 1.000 25.14095 ? 76  ARG A CB  1 
ATOM   571 C CG  . ARG A 1 76 ? 7.87144   31.07365  -16.46390 1.000 29.04759 ? 76  ARG A CG  1 
ATOM   572 C CD  . ARG A 1 76 ? 9.10009   30.27386  -16.90247 1.000 32.75693 ? 76  ARG A CD  1 
ATOM   573 N NE  . ARG A 1 76 ? 8.83026   28.87731  -17.23164 1.000 31.17596 ? 76  ARG A NE  1 
ATOM   574 C CZ  . ARG A 1 76 ? 8.58912   27.93489  -16.32865 1.000 29.06682 ? 76  ARG A CZ  1 
ATOM   575 N NH1 . ARG A 1 76 ? 8.47735   28.22333  -15.04125 1.000 28.60941 ? 76  ARG A NH1 1 
ATOM   576 N NH2 . ARG A 1 76 ? 8.46426   26.67131  -16.72404 1.000 29.39596 ? 76  ARG A NH2 1 
ATOM   577 N N   . ASP A 1 77 ? 4.57490   32.49939  -19.32685 1.000 25.61429 ? 77  ASP A N   1 
ATOM   578 C CA  . ASP A 1 77 ? 4.14746   32.95603  -20.64296 1.000 26.15468 ? 77  ASP A CA  1 
ATOM   579 C C   . ASP A 1 77 ? 3.37778   34.26256  -20.55168 1.000 31.35620 ? 77  ASP A C   1 
ATOM   580 O O   . ASP A 1 77 ? 3.41912   35.06806  -21.48622 1.000 34.67089 ? 77  ASP A O   1 
ATOM   581 C CB  . ASP A 1 77 ? 3.28634   31.90033  -21.33064 1.000 27.57214 ? 77  ASP A CB  1 
ATOM   582 C CG  . ASP A 1 77 ? 4.05908   30.63163  -21.65621 1.000 26.01220 ? 77  ASP A CG  1 
ATOM   583 O OD1 . ASP A 1 77 ? 5.29631   30.61796  -21.54610 1.000 24.54624 ? 77  ASP A OD1 1 
ATOM   584 O OD2 . ASP A 1 77 ? 3.41988   29.63220  -22.02855 1.000 24.53538 ? 77  ASP A OD2 1 
ATOM   585 N N   . GLN A 1 78 ? 2.66887   34.48075  -19.44556 1.000 28.53350 ? 78  GLN A N   1 
ATOM   586 C CA  . GLN A 1 78 ? 1.94349   35.73652  -19.26248 1.000 33.06357 ? 78  GLN A CA  1 
ATOM   587 C C   . GLN A 1 78 ? 2.89405   36.91690  -19.11737 1.000 38.13245 ? 78  GLN A C   1 
ATOM   588 O O   . GLN A 1 78 ? 2.50875   38.05558  -19.39664 1.000 42.98513 ? 78  GLN A O   1 
ATOM   589 C CB  . GLN A 1 78 ? 1.00280   35.64603  -18.05579 1.000 31.42876 ? 78  GLN A CB  1 
ATOM   590 C CG  . GLN A 1 78 ? -0.23422  34.76757  -18.26023 1.000 32.14812 ? 78  GLN A CG  1 
ATOM   591 C CD  . GLN A 1 78 ? -1.08675  35.19660  -19.44986 1.000 35.47137 ? 78  GLN A CD  1 
ATOM   592 O OE1 . GLN A 1 78 ? -1.15504  34.49920  -20.46528 1.000 39.30699 ? 78  GLN A OE1 1 
ATOM   593 N NE2 . GLN A 1 78 ? -1.73561  36.35618  -19.33464 1.000 38.93932 ? 78  GLN A NE2 1 
ATOM   594 N N   . GLN A 1 79 ? 4.13110   36.67318  -18.68653 1.000 37.03329 ? 79  GLN A N   1 
ATOM   595 C CA  . GLN A 1 79 ? 5.08787   37.76547  -18.55850 1.000 41.67437 ? 79  GLN A CA  1 
ATOM   596 C C   . GLN A 1 79 ? 5.62842   38.20880  -19.91191 1.000 49.29661 ? 79  GLN A C   1 
ATOM   597 O O   . GLN A 1 79 ? 5.99385   39.38127  -20.07337 1.000 57.30592 ? 79  GLN A O   1 
ATOM   598 C CB  . GLN A 1 79 ? 6.21117   37.38370  -17.59767 1.000 40.83538 ? 79  GLN A CB  1 
ATOM   599 C CG  . GLN A 1 79 ? 5.72584   37.12732  -16.17676 1.000 39.69444 ? 79  GLN A CG  1 
ATOM   600 C CD  . GLN A 1 79 ? 6.86671   37.02239  -15.17593 1.000 44.96660 ? 79  GLN A CD  1 
ATOM   601 O OE1 . GLN A 1 79 ? 7.92080   36.45089  -15.47242 1.000 50.81707 ? 79  GLN A OE1 1 
ATOM   602 N NE2 . GLN A 1 79 ? 6.66250   37.58441  -13.97974 1.000 45.75558 ? 79  GLN A NE2 1 
ATOM   603 N N   . GLU A 1 80 ? 5.68033   37.30033  -20.88467 1.000 52.70837 ? 80  GLU A N   1 
ATOM   604 C CA  . GLU A 1 80 ? 6.03580   37.63806  -22.26543 1.000 57.85637 ? 80  GLU A CA  1 
ATOM   605 C C   . GLU A 1 80 ? 7.39110   38.32883  -22.39765 1.000 67.91166 ? 80  GLU A C   1 
ATOM   606 O O   . GLU A 1 80 ? 8.42387   37.67121  -22.54413 1.000 74.13373 ? 80  GLU A O   1 
ATOM   607 C CB  . GLU A 1 80 ? 4.93985   38.49371  -22.90538 1.000 57.17260 ? 80  GLU A CB  1 
ATOM   608 C CG  . GLU A 1 80 ? 3.67321   37.71140  -23.22122 1.000 56.58816 ? 80  GLU A CG  1 
ATOM   609 C CD  . GLU A 1 80 ? 2.41722   38.47453  -22.86270 1.000 58.01931 ? 80  GLU A CD  1 
ATOM   610 O OE1 . GLU A 1 80 ? 2.51161   39.71416  -22.73085 1.000 59.60028 ? 80  GLU A OE1 1 
ATOM   611 O OE2 . GLU A 1 80 ? 1.34479   37.83930  -22.70564 1.000 56.86557 ? 80  GLU A OE2 1 
HETATM 612 S S   . SO4 B 2 .  ? 9.99911   24.90748  -20.41604 0.461 27.74169 ? 101 SO4 A S   1 
HETATM 613 O O1  . SO4 B 2 .  ? 9.50009   25.10075  -19.01515 0.461 27.58844 ? 101 SO4 A O1  1 
HETATM 614 O O2  . SO4 B 2 .  ? 9.00811   25.47617  -21.39211 0.461 26.83380 ? 101 SO4 A O2  1 
HETATM 615 O O3  . SO4 B 2 .  ? 11.30311  25.62283  -20.57422 0.461 28.14563 ? 101 SO4 A O3  1 
HETATM 616 O O4  . SO4 B 2 .  ? 10.17359  23.44086  -20.66312 0.461 28.69813 ? 101 SO4 A O4  1 
HETATM 617 O O   . HOH C 3 .  ? 4.83895   -3.16648  2.95644   0.273 31.98776 ? 201 HOH A O   1 
HETATM 618 O O   . HOH C 3 .  ? 5.27921   -19.75221 3.16415   1.000 40.01096 ? 202 HOH A O   1 
HETATM 619 O O   . HOH C 3 .  ? 0.18129   -16.23101 -2.56307  1.000 44.05916 ? 203 HOH A O   1 
HETATM 620 O O   . HOH C 3 .  ? -4.97512  34.35480  -15.66653 1.000 25.62066 ? 204 HOH A O   1 
HETATM 621 O O   . HOH C 3 .  ? 5.35134   -13.28796 18.95424  1.000 37.51112 ? 205 HOH A O   1 
HETATM 622 O O   . HOH C 3 .  ? 6.73306   26.88725  -8.47930  1.000 18.82911 ? 206 HOH A O   1 
HETATM 623 O O   . HOH C 3 .  ? 7.94081   16.13186  -6.98607  1.000 31.77164 ? 207 HOH A O   1 
HETATM 624 O O   . HOH C 3 .  ? -13.58086 -7.93483  8.60245   1.000 66.67105 ? 208 HOH A O   1 
HETATM 625 O O   . HOH C 3 .  ? 0.68462   25.83035  -19.53127 1.000 25.00413 ? 209 HOH A O   1 
HETATM 626 O O   . HOH C 3 .  ? 8.87081   25.44857  -14.15923 1.000 31.23157 ? 210 HOH A O   1 
HETATM 627 O O   . HOH C 3 .  ? 2.24069   19.84180  -17.91059 1.000 23.86035 ? 211 HOH A O   1 
HETATM 628 O O   . HOH C 3 .  ? 2.84941   22.11691  -19.26459 1.000 21.84592 ? 212 HOH A O   1 
HETATM 629 O O   . HOH C 3 .  ? 2.30963   29.98395  -24.59053 1.000 28.88841 ? 213 HOH A O   1 
HETATM 630 O O   . HOH C 3 .  ? -4.22384  15.59762  -10.14317 1.000 30.16859 ? 214 HOH A O   1 
HETATM 631 O O   . HOH C 3 .  ? 0.67764   29.04595  -21.54880 1.000 29.71516 ? 215 HOH A O   1 
HETATM 632 O O   . HOH C 3 .  ? -8.10790  18.47041  -8.63562  1.000 26.40257 ? 216 HOH A O   1 
HETATM 633 O O   . HOH C 3 .  ? -3.60047  -17.25084 3.38906   1.000 45.26630 ? 217 HOH A O   1 
HETATM 634 O O   . HOH C 3 .  ? 4.76606   14.57932  -14.80243 1.000 32.18088 ? 218 HOH A O   1 
HETATM 635 O O   . HOH C 3 .  ? 6.19398   9.96595   -9.04106  1.000 37.50758 ? 219 HOH A O   1 
HETATM 636 O O   . HOH C 3 .  ? -10.52560 -9.39314  9.75478   1.000 55.59567 ? 220 HOH A O   1 
HETATM 637 O O   . HOH C 3 .  ? -2.09472  -22.34647 14.21245  1.000 58.20142 ? 221 HOH A O   1 
HETATM 638 O O   . HOH C 3 .  ? -3.33652  8.84658   -6.78363  1.000 39.10021 ? 222 HOH A O   1 
HETATM 639 O O   . HOH C 3 .  ? 2.77079   34.03749  -24.35693 1.000 40.94674 ? 223 HOH A O   1 
HETATM 640 O O   . HOH C 3 .  ? -0.29768  31.82154  -21.82427 1.000 33.75975 ? 224 HOH A O   1 
HETATM 641 O O   . HOH C 3 .  ? -3.62809  -8.56842  -2.42920  1.000 39.54323 ? 225 HOH A O   1 
HETATM 642 O O   . HOH C 3 .  ? -3.61733  -10.16881 -4.22956  0.454 43.23718 ? 226 HOH A O   1 
HETATM 643 O O   . HOH C 3 .  ? 5.74451   17.34615  -15.37131 1.000 34.26819 ? 227 HOH A O   1 
HETATM 644 O O   . HOH C 3 .  ? -1.55518  18.66442  -16.50387 1.000 29.78125 ? 228 HOH A O   1 
HETATM 645 O O   . HOH C 3 .  ? -3.33371  -19.57566 2.71316   1.000 42.76255 ? 229 HOH A O   1 
HETATM 646 O O   . HOH C 3 .  ? -0.06163  18.84930  -18.84461 1.000 32.09982 ? 230 HOH A O   1 
HETATM 647 O O   . HOH C 3 .  ? 9.37868   26.57224  -7.44453  1.000 31.41882 ? 231 HOH A O   1 
HETATM 648 O O   . HOH C 3 .  ? 6.30213   -14.17952 27.16007  1.000 45.38108 ? 232 HOH A O   1 
HETATM 649 O O   . HOH C 3 .  ? 7.17172   29.37955  -9.66801  1.000 36.84970 ? 233 HOH A O   1 
HETATM 650 O O   . HOH C 3 .  ? 0.38921   31.42025  -24.80580 1.000 37.25532 ? 234 HOH A O   1 
HETATM 651 O O   . HOH C 3 .  ? -5.55424  -9.73563  -2.29816  0.513 41.56207 ? 235 HOH A O   1 
HETATM 652 O O   . HOH C 3 .  ? 0.70922   23.24576  -20.55144 1.000 25.78906 ? 236 HOH A O   1 
HETATM 653 O O   . HOH C 3 .  ? 6.08590   31.22112  -11.06636 1.000 34.56144 ? 237 HOH A O   1 
HETATM 654 O O   . HOH C 3 .  ? -1.20619  21.56996  -20.33984 1.000 33.48465 ? 238 HOH A O   1 
# 
loop_
_atom_site_anisotrop.id 
_atom_site_anisotrop.type_symbol 
_atom_site_anisotrop.pdbx_label_atom_id 
_atom_site_anisotrop.pdbx_label_alt_id 
_atom_site_anisotrop.pdbx_label_comp_id 
_atom_site_anisotrop.pdbx_label_asym_id 
_atom_site_anisotrop.pdbx_label_seq_id 
_atom_site_anisotrop.pdbx_PDB_ins_code 
_atom_site_anisotrop.U[1][1] 
_atom_site_anisotrop.U[2][2] 
_atom_site_anisotrop.U[3][3] 
_atom_site_anisotrop.U[1][2] 
_atom_site_anisotrop.U[1][3] 
_atom_site_anisotrop.U[2][3] 
_atom_site_anisotrop.pdbx_auth_seq_id 
_atom_site_anisotrop.pdbx_auth_comp_id 
_atom_site_anisotrop.pdbx_auth_asym_id 
_atom_site_anisotrop.pdbx_auth_atom_id 
1   N N   . PRO A 1  ? 0.65326 0.83604 0.95443 0.22252  0.09931  0.08858  1  PRO A N   
2   C CA  . PRO A 1  ? 0.67064 0.77040 0.90963 0.20075  0.08733  0.06637  1  PRO A CA  
3   C C   . PRO A 1  ? 0.63197 0.73115 0.86586 0.15443  0.07385  0.05785  1  PRO A C   
4   O O   . PRO A 1  ? 0.65007 0.75362 0.88418 0.14478  0.09185  0.05513  1  PRO A O   
5   C CB  . PRO A 1  ? 0.73668 0.77206 0.92928 0.22409  0.11860  0.04970  1  PRO A CB  
6   C CG  . PRO A 1  ? 0.73905 0.80680 0.96205 0.26914  0.14213  0.06338  1  PRO A CG  
7   C CD  . PRO A 1  ? 0.68278 0.85153 0.97721 0.26354  0.13638  0.08640  1  PRO A CD  
8   N N   . LEU A 2  ? 0.60697 0.69793 0.83354 0.12692  0.04327  0.05397  2  LEU A N   
9   C CA  . LEU A 2  ? 0.53554 0.61874 0.75660 0.08556  0.03070  0.04534  2  LEU A CA  
10  C C   . LEU A 2  ? 0.53912 0.55681 0.71168 0.08056  0.04581  0.02656  2  LEU A C   
11  O O   . LEU A 2  ? 0.53581 0.55602 0.71146 0.06007  0.05164  0.02642  2  LEU A O   
12  C CB  . LEU A 2  ? 0.51967 0.59465 0.73177 0.06099  -0.00224 0.03953  2  LEU A CB  
13  C CG  . LEU A 2  ? 0.51940 0.56637 0.71515 0.02202  -0.01391 0.02566  2  LEU A CG  
14  C CD1 . LEU A 2  ? 0.48734 0.58603 0.72713 -0.00169 -0.01233 0.03897  2  LEU A CD1 
15  C CD2 . LEU A 2  ? 0.49131 0.51850 0.66683 0.00128  -0.04255 0.01399  2  LEU A CD2 
16  N N   . ILE A 3  ? 0.55254 0.51246 0.67967 0.09773  0.05156  0.01208  3  ILE A N   
17  C CA  . ILE A 3  ? 0.58127 0.48424 0.66202 0.08962  0.06056  -0.00653 3  ILE A CA  
18  C C   . ILE A 3  ? 0.59296 0.50597 0.67536 0.09550  0.08666  -0.00335 3  ILE A C   
19  O O   . ILE A 3  ? 0.55096 0.44385 0.61392 0.07798  0.08871  -0.00970 3  ILE A O   
20  C CB  . ILE A 3  ? 0.56723 0.41308 0.60166 0.10466  0.06300  -0.02181 3  ILE A CB  
21  C CG1 . ILE A 3  ? 0.54167 0.37711 0.56875 0.09318  0.03707  -0.02501 3  ILE A CG1 
22  C CG2 . ILE A 3  ? 0.57956 0.37764 0.57002 0.09587  0.07206  -0.04031 3  ILE A CG2 
23  C CD1 . ILE A 3  ? 0.53644 0.33347 0.53274 0.11268  0.03978  -0.02923 3  ILE A CD1 
24  N N   . GLU A 4  ? 0.60317 0.54794 0.70727 0.12182  0.10772  0.00718  4  GLU A N   
25  C CA  . GLU A 4  ? 0.62174 0.58165 0.72617 0.12628  0.13448  0.01025  4  GLU A CA  
26  C C   . GLU A 4  ? 0.59134 0.60233 0.73485 0.09973  0.13000  0.02653  4  GLU A C   
27  O O   . GLU A 4  ? 0.58887 0.59971 0.72122 0.08993  0.14522  0.02843  4  GLU A O   
28  C CB  . GLU A 4  ? 0.70401 0.68179 0.81865 0.16408  0.16210  0.01446  4  GLU A CB  
29  C CG  . GLU A 4  ? 0.72027 0.77338 0.89900 0.17787  0.16181  0.03691  4  GLU A CG  
30  C CD  . GLU A 4  ? 0.77334 0.85011 0.96579 0.21765  0.19545  0.04151  4  GLU A CD  
31  O OE1 . GLU A 4  ? 0.80948 0.86559 0.97175 0.22350  0.22249  0.03107  4  GLU A OE1 
32  O OE2 . GLU A 4  ? 0.79689 0.91390 1.02936 0.24446  0.19510  0.05558  4  GLU A OE2 
33  N N   . GLU A 5  ? 0.56368 0.61711 0.74998 0.08514  0.10867  0.03879  5  GLU A N   
34  C CA  . GLU A 5  ? 0.53925 0.63197 0.75848 0.05236  0.10168  0.05228  5  GLU A CA  
35  C C   . GLU A 5  ? 0.51404 0.55241 0.69838 0.02310  0.08766  0.04128  5  GLU A C   
36  O O   . GLU A 5  ? 0.52040 0.55923 0.70383 0.00427  0.09573  0.04867  5  GLU A O   
37  C CB  . GLU A 5  ? 0.54117 0.69340 0.81246 0.04070  0.08021  0.06586  5  GLU A CB  
38  C CG  . GLU A 5  ? 0.54921 0.74076 0.85520 0.00084  0.07158  0.07888  5  GLU A CG  
39  C CD  . GLU A 5  ? 0.58269 0.82646 0.91855 0.00210  0.09988  0.09637  5  GLU A CD  
40  O OE1 . GLU A 5  ? 0.58628 0.86187 0.93526 0.03716  0.12316  0.10148  5  GLU A OE1 
41  O OE2 . GLU A 5  ? 0.59379 0.84448 0.93830 -0.03176 0.10034  0.10513  5  GLU A OE2 
42  N N   . LEU A 6  ? 0.54738 0.53889 0.70267 0.02021  0.06749  0.02487  6  LEU A N   
43  C CA  . LEU A 6  ? 0.52588 0.46574 0.64889 -0.00130 0.05583  0.01317  6  LEU A CA  
44  C C   . LEU A 6  ? 0.55136 0.45525 0.63490 0.00877  0.07444  0.00700  6  LEU A C   
45  O O   . LEU A 6  ? 0.55533 0.43332 0.62281 -0.00789 0.07138  0.00719  6  LEU A O   
46  C CB  . LEU A 6  ? 0.50158 0.40525 0.60219 -0.00347 0.03376  -0.00415 6  LEU A CB  
47  C CG  . LEU A 6  ? 0.49071 0.42330 0.61918 -0.01735 0.01058  -0.00126 6  LEU A CG  
48  C CD1 . LEU A 6  ? 0.52454 0.41620 0.61980 -0.01651 -0.00590 -0.01992 6  LEU A CD1 
49  C CD2 . LEU A 6  ? 0.50721 0.45554 0.66049 -0.05183 -0.00146 0.00558  6  LEU A CD2 
50  N N   . ILE A 7  ? 0.55641 0.45659 0.62203 0.03586  0.09331  0.00172  7  ILE A N   
51  C CA  . ILE A 7  ? 0.56924 0.44019 0.59430 0.04321  0.11063  -0.00536 7  ILE A CA  
52  C C   . ILE A 7  ? 0.57977 0.48291 0.61795 0.03674  0.12961  0.01204  7  ILE A C   
53  O O   . ILE A 7  ? 0.62220 0.50460 0.63386 0.02634  0.13287  0.01377  7  ILE A O   
54  C CB  . ILE A 7  ? 0.55656 0.40577 0.55233 0.07033  0.12508  -0.01986 7  ILE A CB  
55  C CG1 . ILE A 7  ? 0.56446 0.37019 0.53336 0.06942  0.10686  -0.03770 7  ILE A CG1 
56  C CG2 . ILE A 7  ? 0.53376 0.36841 0.49283 0.07683  0.14717  -0.02504 7  ILE A CG2 
57  C CD1 . ILE A 7  ? 0.57472 0.35205 0.51469 0.09196  0.11912  -0.05125 7  ILE A CD1 
58  N N   . ARG A 8  ? 0.54671 0.50457 0.62637 0.04300  0.14255  0.02697  8  ARG A N   
59  C CA  . ARG A 8  ? 0.54864 0.54428 0.64477 0.03277  0.16145  0.04562  8  ARG A CA  
60  C C   . ARG A 8  ? 0.55438 0.54337 0.66004 -0.00228 0.14501  0.05783  8  ARG A C   
61  O O   . ARG A 8  ? 0.56157 0.54196 0.64886 -0.01423 0.15517  0.06802  8  ARG A O   
62  C CB  . ARG A 8  ? 0.54783 0.61332 0.69607 0.04474  0.17640  0.06007  8  ARG A CB  
63  C CG  . ARG A 8  ? 0.60596 0.67780 0.74354 0.08338  0.20227  0.05133  8  ARG A CG  
64  C CD  . ARG A 8  ? 0.62317 0.77282 0.81950 0.09773  0.21816  0.06858  8  ARG A CD  
65  N NE  . ARG A 8  ? 0.65419 0.81624 0.87572 0.12225  0.20808  0.06624  8  ARG A NE  
66  C CZ  . ARG A 8  ? 0.62445 0.85734 0.90782 0.12596  0.20298  0.08380  8  ARG A CZ  
67  N NH1 . ARG A 8  ? 0.59653 0.89609 0.92593 0.10276  0.20656  0.10358  8  ARG A NH1 
68  N NH2 . ARG A 8  ? 0.62949 0.86838 0.92900 0.15223  0.19324  0.08308  8  ARG A NH2 
69  N N   . ARG A 9  ? 0.51428 0.50323 0.64493 -0.01919 0.11963  0.05687  9  ARG A N   
70  C CA  . ARG A 9  ? 0.53198 0.50415 0.66978 -0.05312 0.10292  0.06492  9  ARG A CA  
71  C C   . ARG A 9  ? 0.55981 0.46686 0.64923 -0.05553 0.09710  0.05631  9  ARG A C   
72  O O   . ARG A 9  ? 0.56419 0.45353 0.64785 -0.07588 0.09661  0.06943  9  ARG A O   
73  C CB  . ARG A 9  ? 0.53329 0.51149 0.69719 -0.06686 0.07656  0.05820  9  ARG A CB  
74  C CG  . ARG A 9  ? 0.58466 0.54564 0.75919 -0.10379 0.05900  0.06334  9  ARG A CG  
75  C CD  . ARG A 9  ? 0.62805 0.63026 0.83359 -0.12682 0.07251  0.08789  9  ARG A CD  
76  N NE  . ARG A 9  ? 0.68068 0.63214 0.86422 -0.15119 0.06970  0.09482  9  ARG A NE  
77  C CZ  . ARG A 9  ? 0.69562 0.65796 0.88208 -0.16584 0.08708  0.11704  9  ARG A CZ  
78  N NH1 . ARG A 9  ? 0.69152 0.71800 0.90258 -0.15935 0.11044  0.13275  9  ARG A NH1 
79  N NH2 . ARG A 9  ? 0.73452 0.64128 0.89766 -0.18619 0.08215  0.12457  9  ARG A NH2 
80  N N   . SER A 10 ? 0.56913 0.44138 0.62422 -0.03486 0.09270  0.03591  10 SER A N   
81  C CA  . SER A 10 ? 0.58874 0.41028 0.60114 -0.03337 0.08746  0.02787  10 SER A CA  
82  C C   . SER A 10 ? 0.62897 0.45369 0.61449 -0.02629 0.10840  0.03811  10 SER A C   
83  O O   . SER A 10 ? 0.63399 0.43028 0.59537 -0.03348 0.10467  0.04508  10 SER A O   
84  C CB  . SER A 10 ? 0.57727 0.37060 0.56385 -0.01632 0.07802  0.00355  10 SER A CB  
85  O OG  . SER A 10 ? 0.50512 0.29529 0.51051 -0.02332 0.05903  -0.00567 10 SER A OG  
86  N N   . GLU A 11 ? 0.55863 0.41647 0.54511 -0.01046 0.13072  0.03893  11 GLU A N   
87  C CA  . GLU A 11 ? 0.59568 0.45914 0.55175 -0.00480 0.15255  0.04671  11 GLU A CA  
88  C C   . GLU A 11 ? 0.63150 0.51366 0.60210 -0.02665 0.15971  0.07429  11 GLU A C   
89  O O   . GLU A 11 ? 0.64702 0.51377 0.58431 -0.03096 0.16552  0.08474  11 GLU A O   
90  C CB  . GLU A 11 ? 0.60663 0.49882 0.56050 0.01791  0.17762  0.03899  11 GLU A CB  
91  C CG  . GLU A 11 ? 0.64990 0.50864 0.56630 0.03825  0.17696  0.01239  11 GLU A CG  
92  C CD  . GLU A 11 ? 0.72172 0.55540 0.58199 0.03997  0.18407  0.00493  11 GLU A CD  
93  O OE1 . GLU A 11 ? 0.73730 0.58851 0.58519 0.03377  0.19911  0.02036  11 GLU A OE1 
94  O OE2 . GLU A 11 ? 0.72688 0.52678 0.55471 0.04577  0.17435  -0.01563 11 GLU A OE2 
95  N N   . GLU A 12 ? 0.59535 0.51248 0.61464 -0.04239 0.15884  0.08775  12 GLU A N   
96  C CA  . GLU A 12 ? 0.60170 0.53210 0.63663 -0.06973 0.16375  0.11469  12 GLU A CA  
97  C C   . GLU A 12 ? 0.60665 0.47905 0.62050 -0.08653 0.14280  0.11935  12 GLU A C   
98  O O   . GLU A 12 ? 0.68445 0.54072 0.67589 -0.09724 0.14924  0.13899  12 GLU A O   
99  C CB  . GLU A 12 ? 0.61215 0.59070 0.70608 -0.08827 0.16143  0.12521  12 GLU A CB  
100 C CG  . GLU A 12 ? 0.62987 0.67332 0.75704 -0.06970 0.17998  0.12377  12 GLU A CG  
101 C CD  . GLU A 12 ? 0.65191 0.74966 0.84098 -0.09176 0.17283  0.13667  12 GLU A CD  
102 O OE1 . GLU A 12 ? 0.68091 0.78170 0.88493 -0.12646 0.16940  0.15550  12 GLU A OE1 
103 O OE2 . GLU A 12 ? 0.65176 0.78774 0.87334 -0.07584 0.16933  0.12888  12 GLU A OE2 
104 N N   . GLN A 13 ? 0.61363 0.45402 0.63456 -0.08855 0.11832  0.10283  13 GLN A N   
105 C CA  . GLN A 13 ? 0.64832 0.43150 0.65255 -0.10127 0.09978  0.10544  13 GLN A CA  
106 C C   . GLN A 13 ? 0.66154 0.41106 0.61756 -0.08329 0.10050  0.10420  13 GLN A C   
107 O O   . GLN A 13 ? 0.66261 0.37429 0.60099 -0.09127 0.09420  0.11914  13 GLN A O   
108 C CB  . GLN A 13 ? 0.61863 0.37746 0.63710 -0.10469 0.07613  0.08419  13 GLN A CB  
109 C CG  . GLN A 13 ? 0.71364 0.41241 0.72096 -0.11885 0.05907  0.08572  13 GLN A CG  
110 C CD  . GLN A 13 ? 0.71307 0.40597 0.73924 -0.15172 0.06170  0.11027  13 GLN A CD  
111 O OE1 . GLN A 13 ? 0.74400 0.47863 0.80659 -0.17256 0.06483  0.11646  13 GLN A OE1 
112 N NE2 . GLN A 13 ? 0.75657 0.39876 0.75858 -0.15709 0.06028  0.12610  13 GLN A NE2 
113 N N   . GLN A 14 ? 0.63736 0.40035 0.57101 -0.05966 0.10804  0.08787  14 GLN A N   
114 C CA  . GLN A 14 ? 0.67292 0.41443 0.56082 -0.04555 0.10813  0.08662  14 GLN A CA  
115 C C   . GLN A 14 ? 0.71271 0.46620 0.58048 -0.05286 0.12495  0.11399  14 GLN A C   
116 O O   . GLN A 14 ? 0.71660 0.44195 0.55663 -0.05341 0.11768  0.12816  14 GLN A O   
117 C CB  . GLN A 14 ? 0.66268 0.41601 0.52975 -0.02419 0.11379  0.06155  14 GLN A CB  
118 C CG  . GLN A 14 ? 0.65688 0.39213 0.47782 -0.01278 0.10942  0.05584  14 GLN A CG  
119 C CD  . GLN A 14 ? 0.63884 0.33837 0.45644 -0.01067 0.08510  0.04966  14 GLN A CD  
120 O OE1 . GLN A 14 ? 0.61439 0.29884 0.45811 -0.01416 0.07218  0.03948  14 GLN A OE1 
121 N NE2 . GLN A 14 ? 0.67749 0.36659 0.46215 -0.00388 0.07899  0.05567  14 GLN A NE2 
122 N N   . ARG A 15 ? 0.69166 0.48943 0.57231 -0.05681 0.14827  0.12280  15 ARG A N   
123 C CA  . ARG A 15 ? 0.71055 0.52465 0.57013 -0.06552 0.16738  0.14932  15 ARG A CA  
124 C C   . ARG A 15 ? 0.72258 0.51010 0.59109 -0.08995 0.15899  0.17873  15 ARG A C   
125 O O   . ARG A 15 ? 0.74951 0.52069 0.58417 -0.09389 0.16196  0.20140  15 ARG A O   
126 C CB  . ARG A 15 ? 0.70848 0.58000 0.58952 -0.06593 0.19579  0.15288  15 ARG A CB  
127 C CG  . ARG A 15 ? 0.74610 0.63620 0.60738 -0.03994 0.21028  0.12708  15 ARG A CG  
128 C CD  . ARG A 15 ? 0.77096 0.71579 0.64405 -0.03704 0.24360  0.13496  15 ARG A CD  
129 N NE  . ARG A 15 ? 0.77373 0.75768 0.70859 -0.04099 0.24690  0.13709  15 ARG A NE  
130 C CZ  . ARG A 15 ? 0.77186 0.76659 0.72976 -0.02158 0.24510  0.11552  15 ARG A CZ  
131 N NH1 . ARG A 15 ? 0.77761 0.74178 0.70168 0.00089  0.24156  0.08911  15 ARG A NH1 
132 N NH2 . ARG A 15 ? 0.75224 0.79029 0.76815 -0.02616 0.24612  0.12203  15 ARG A NH2 
133 N N   . ARG A 16 ? 0.69761 0.47761 0.60857 -0.10752 0.14788  0.17903  16 ARG A N   
134 C CA  . ARG A 16 ? 0.74157 0.48694 0.66023 -0.13390 0.14022  0.20448  16 ARG A CA  
135 C C   . ARG A 16 ? 0.76193 0.44207 0.64894 -0.12425 0.11960  0.20557  16 ARG A C   
136 O O   . ARG A 16 ? 0.81191 0.46025 0.67871 -0.13447 0.11986  0.23392  16 ARG A O   
137 C CB  . ARG A 16 ? 0.74466 0.49856 0.71376 -0.15753 0.13233  0.20005  16 ARG A CB  
138 C CG  . ARG A 16 ? 0.78397 0.60798 0.78828 -0.17209 0.15449  0.21166  16 ARG A CG  
139 C CD  . ARG A 16 ? 0.85506 0.68611 0.90481 -0.20787 0.14678  0.22051  16 ARG A CD  
140 N NE  . ARG A 16 ? 0.84799 0.66602 0.91901 -0.20471 0.12376  0.19296  16 ARG A NE  
141 C CZ  . ARG A 16 ? 0.85506 0.69990 0.97045 -0.22980 0.11525  0.19035  16 ARG A CZ  
142 N NH1 . ARG A 16 ? 0.86485 0.75362 1.01345 -0.26156 0.12751  0.21338  16 ARG A NH1 
143 N NH2 . ARG A 16 ? 0.82396 0.65573 0.95013 -0.22462 0.09379  0.16439  16 ARG A NH2 
144 N N   . ASN A 17 ? 0.77233 0.43335 0.65487 -0.10349 0.10248  0.17683  17 ASN A N   
145 C CA  . ASN A 17 ? 0.77365 0.38152 0.63049 -0.08975 0.08404  0.17677  17 ASN A CA  
146 C C   . ASN A 17 ? 0.79784 0.41092 0.61027 -0.07404 0.08922  0.19233  17 ASN A C   
147 O O   . ASN A 17 ? 0.85104 0.42505 0.64202 -0.06924 0.07919  0.21188  17 ASN A O   
148 C CB  . ASN A 17 ? 0.74357 0.34019 0.60731 -0.07208 0.06728  0.14194  17 ASN A CB  
149 C CG  . ASN A 17 ? 0.72447 0.30407 0.62384 -0.08822 0.05707  0.12816  17 ASN A CG  
150 O OD1 . ASN A 17 ? 0.77884 0.34513 0.69682 -0.11388 0.05890  0.14465  17 ASN A OD1 
151 N ND2 . ASN A 17 ? 0.70638 0.28637 0.61284 -0.07596 0.04600  0.09788  17 ASN A ND2 
152 N N   . GLU A 18 ? 0.76140 0.42124 0.55767 -0.06540 0.10466  0.18413  18 GLU A N   
153 C CA  . GLU A 18 ? 0.78233 0.45226 0.53151 -0.05428 0.10986  0.19724  18 GLU A CA  
154 C C   . GLU A 18 ? 0.84386 0.51445 0.57827 -0.07188 0.12390  0.23691  18 GLU A C   
155 O O   . GLU A 18 ? 0.90551 0.55657 0.60439 -0.06684 0.11752  0.26053  18 GLU A O   
156 C CB  . GLU A 18 ? 0.76542 0.47841 0.49741 -0.04225 0.12378  0.17286  18 GLU A CB  
157 C CG  . GLU A 18 ? 0.71868 0.42520 0.45398 -0.02558 0.10881  0.13776  18 GLU A CG  
158 C CD  . GLU A 18 ? 0.72106 0.45982 0.44385 -0.01673 0.12410  0.11193  18 GLU A CD  
159 O OE1 . GLU A 18 ? 0.72330 0.49161 0.44288 -0.02147 0.14803  0.11853  18 GLU A OE1 
160 O OE2 . GLU A 18 ? 0.69565 0.42861 0.41155 -0.00502 0.11354  0.08482  18 GLU A OE2 
161 N N   . GLU A 19 ? 0.83901 0.53541 0.60101 -0.09294 0.14289  0.24652  19 GLU A N   
162 C CA  . GLU A 19 ? 0.89424 0.59256 0.64594 -0.11475 0.15803  0.28559  19 GLU A CA  
163 C C   . GLU A 19 ? 0.93896 0.57379 0.69338 -0.12711 0.14097  0.31066  19 GLU A C   
164 O O   . GLU A 19 ? 0.99753 0.60965 0.71843 -0.13121 0.14226  0.34463  19 GLU A O   
165 C CB  . GLU A 19 ? 0.88194 0.62907 0.67162 -0.13560 0.18162  0.28816  19 GLU A CB  
166 C CG  . GLU A 19 ? 0.93916 0.69176 0.72554 -0.16436 0.19879  0.32897  19 GLU A CG  
167 C CD  . GLU A 19 ? 0.92995 0.75322 0.74243 -0.17768 0.22927  0.33180  19 GLU A CD  
168 O OE1 . GLU A 19 ? 0.89027 0.74555 0.74988 -0.17760 0.23063  0.30952  19 GLU A OE1 
169 O OE2 . GLU A 19 ? 0.97249 0.82273 0.75797 -0.18688 0.25090  0.35549  19 GLU A OE2 
170 N N   . ALA A 20 ? 0.91847 0.52010 0.70877 -0.13213 0.12485  0.29412  20 ALA A N   
171 C CA  . ALA A 20 ? 0.96254 0.50261 0.75947 -0.13984 0.10639  0.31008  20 ALA A CA  
172 C C   . ALA A 20 ? 0.98130 0.48932 0.74695 -0.10970 0.08767  0.31313  20 ALA A C   
173 O O   . ALA A 20 ? 1.03083 0.51010 0.79661 -0.10866 0.07767  0.33729  20 ALA A O   
174 C CB  . ALA A 20 ? 0.93541 0.45621 0.77868 -0.14983 0.09298  0.28467  20 ALA A CB  
175 N N   . LEU A 21 ? 0.94347 0.46106 0.68733 -0.08382 0.08324  0.28924  21 LEU A N   
176 C CA  . LEU A 21 ? 0.98805 0.48786 0.69804 -0.05589 0.06749  0.29599  21 LEU A CA  
177 C C   . LEU A 21 ? 1.02744 0.54438 0.70095 -0.05802 0.07437  0.33279  21 LEU A C   
178 O O   . LEU A 21 ? 1.06678 0.56435 0.72791 -0.04405 0.05825  0.35333  21 LEU A O   
179 C CB  . LEU A 21 ? 0.97600 0.51546 0.68073 -0.03324 0.06100  0.25952  21 LEU A CB  
180 C CG  . LEU A 21 ? 0.97296 0.50813 0.64827 -0.00553 0.04286  0.26311  21 LEU A CG  
181 C CD1 . LEU A 21 ? 0.95189 0.43524 0.64738 0.00986  0.02313  0.25867  21 LEU A CD1 
182 C CD2 . LEU A 21 ? 0.96549 0.55058 0.62831 0.00692  0.04212  0.23069  21 LEU A CD2 
183 N N   . ARG A 22 ? 1.04330 0.60132 0.70171 -0.07457 0.09877  0.34130  22 ARG A N   
184 C CA  . ARG A 22 ? 1.08723 0.66913 0.71272 -0.08229 0.10723  0.37467  22 ARG A CA  
185 C C   . ARG A 22 ? 1.12758 0.70057 0.77939 -0.11376 0.11406  0.40239  22 ARG A C   
186 O O   . ARG A 22 ? 1.17588 0.71369 0.83395 -0.11579 0.09917  0.42753  22 ARG A O   
187 C CB  . ARG A 22 ? 1.07036 0.70912 0.66298 -0.08114 0.13105  0.36386  22 ARG A CB  
188 C CG  . ARG A 22 ? 1.04005 0.69833 0.60648 -0.05445 0.11778  0.33550  22 ARG A CG  
189 C CD  . ARG A 22 ? 0.99307 0.70125 0.56058 -0.05294 0.13531  0.29907  22 ARG A CD  
190 N NE  . ARG A 22 ? 0.96738 0.68754 0.51281 -0.03219 0.12006  0.26981  22 ARG A NE  
191 C CZ  . ARG A 22 ? 0.91607 0.62648 0.48958 -0.02036 0.10513  0.23715  22 ARG A CZ  
192 N NH1 . ARG A 22 ? 0.90719 0.59673 0.53021 -0.02535 0.10306  0.22629  22 ARG A NH1 
193 N NH2 . ARG A 22 ? 0.91642 0.64094 0.46608 -0.00557 0.09192  0.21476  22 ARG A NH2 
194 N N   . GLN A 31 ? 1.16402 0.48391 1.13472 -0.16695 0.04974  0.21729  31 GLN A N   
195 C CA  . GLN A 31 ? 1.10965 0.48355 1.08661 -0.18338 0.05415  0.20938  31 GLN A CA  
196 C C   . GLN A 31 ? 1.06422 0.46752 1.02836 -0.15585 0.04414  0.19410  31 GLN A C   
197 O O   . GLN A 31 ? 1.07489 0.51422 1.04890 -0.16115 0.04231  0.17473  31 GLN A O   
198 C CB  . GLN A 31 ? 1.18507 0.58215 1.15201 -0.20513 0.07217  0.24370  31 GLN A CB  
199 C CG  . GLN A 31 ? 1.22084 0.67678 1.20245 -0.22750 0.08036  0.23759  31 GLN A CG  
200 C CD  . GLN A 31 ? 1.23690 0.70024 1.25053 -0.26261 0.08171  0.22572  31 GLN A CD  
201 O OE1 . GLN A 31 ? 1.21669 0.63686 1.23737 -0.27430 0.08002  0.22541  31 GLN A OE1 
202 N NE2 . GLN A 31 ? 1.24799 0.76906 1.28317 -0.28001 0.08372  0.21701  31 GLN A NE2 
203 N N   . LEU A 32 ? 0.97813 0.43112 0.88428 -0.00397 0.00057  0.21956  32 LEU A N   
204 C CA  . LEU A 32 ? 0.92484 0.40649 0.83383 0.00512  -0.00199 0.22033  32 LEU A CA  
205 C C   . LEU A 32 ? 0.87659 0.35133 0.78156 0.01682  -0.00505 0.20784  32 LEU A C   
206 O O   . LEU A 32 ? 0.79778 0.28880 0.70490 0.01520  -0.00519 0.19940  32 LEU A O   
207 C CB  . LEU A 32 ? 0.91512 0.40520 0.81416 0.01256  -0.01102 0.23355  32 LEU A CB  
208 C CG  . LEU A 32 ? 0.85604 0.36700 0.74275 0.02068  -0.01063 0.23407  32 LEU A CG  
209 C CD1 . LEU A 32 ? 0.86255 0.39400 0.75449 0.00794  -0.00448 0.22825  32 LEU A CD1 
210 C CD2 . LEU A 32 ? 0.87789 0.39815 0.75696 0.02642  -0.01286 0.24994  32 LEU A CD2 
211 N N   . LEU A 33 ? 0.84486 0.29387 0.74073 0.03021  -0.00396 0.20596  33 LEU A N   
212 C CA  . LEU A 33 ? 0.85270 0.29293 0.74043 0.04521  -0.00001 0.19429  33 LEU A CA  
213 C C   . LEU A 33 ? 0.85978 0.28819 0.73856 0.03308  -0.00158 0.17659  33 LEU A C   
214 O O   . LEU A 33 ? 0.82791 0.26719 0.70535 0.03922  -0.00029 0.16779  33 LEU A O   
215 C CB  . LEU A 33 ? 0.89465 0.30267 0.76926 0.06104  0.00614  0.19497  33 LEU A CB  
216 C CG  . LEU A 33 ? 0.89795 0.32143 0.78246 0.08119  0.00986  0.21022  33 LEU A CG  
217 C CD1 . LEU A 33 ? 0.97326 0.36108 0.84357 0.09740  0.01993  0.20970  33 LEU A CD1 
218 C CD2 . LEU A 33 ? 0.86909 0.32828 0.76815 0.09342  0.01243  0.21146  33 LEU A CD2 
219 N N   . SER A 34 ? 0.86700 0.27385 0.73971 0.01492  -0.00576 0.17198  34 SER A N   
220 C CA  . SER A 34 ? 0.87193 0.27005 0.73710 -0.00058 -0.01254 0.15699  34 SER A CA  
221 C C   . SER A 34 ? 0.84276 0.27936 0.72631 -0.01020 -0.01521 0.15705  34 SER A C   
222 O O   . SER A 34 ? 0.81758 0.25787 0.69759 -0.01363 -0.01982 0.14518  34 SER A O   
223 C CB  . SER A 34 ? 0.95371 0.32683 0.81413 -0.02050 -0.01944 0.15605  34 SER A CB  
224 O OG  . SER A 34 ? 0.97936 0.38057 0.86348 -0.03827 -0.02126 0.16451  34 SER A OG  
225 N N   . GLY A 35 ? 0.83530 0.29878 0.73506 -0.01445 -0.01205 0.17031  35 GLY A N   
226 C CA  . GLY A 35 ? 0.79151 0.28929 0.70467 -0.02283 -0.01328 0.17073  35 GLY A CA  
227 C C   . GLY A 35 ? 0.75691 0.27204 0.66809 -0.00756 -0.01250 0.16805  35 GLY A C   
228 O O   . GLY A 35 ? 0.73081 0.26851 0.65021 -0.01317 -0.01553 0.16087  35 GLY A O   
229 N N   . ILE A 36 ? 0.74143 0.25339 0.64808 0.01214  -0.00790 0.17504  36 ILE A N   
230 C CA  . ILE A 36 ? 0.71983 0.25031 0.62910 0.02869  -0.00529 0.17453  36 ILE A CA  
231 C C   . ILE A 36 ? 0.72624 0.24096 0.62580 0.03416  -0.00404 0.15791  36 ILE A C   
232 O O   . ILE A 36 ? 0.72016 0.25760 0.62567 0.03720  -0.00377 0.15100  36 ILE A O   
233 C CB  . ILE A 36 ? 0.75159 0.29016 0.66738 0.04720  -0.00255 0.18857  36 ILE A CB  
234 C CG1 . ILE A 36 ? 0.73689 0.29604 0.65786 0.04056  -0.00690 0.20441  36 ILE A CG1 
235 C CG2 . ILE A 36 ? 0.76677 0.32724 0.69348 0.06542  0.00165  0.18834  36 ILE A CG2 
236 C CD1 . ILE A 36 ? 0.76794 0.32382 0.68882 0.05271  -0.00837 0.21806  36 ILE A CD1 
237 N N   . VAL A 37 ? 0.76413 0.24320 0.64827 0.03428  -0.00362 0.15001  37 VAL A N   
238 C CA  . VAL A 37 ? 0.78097 0.23816 0.64638 0.03817  -0.00279 0.13347  37 VAL A CA  
239 C C   . VAL A 37 ? 0.76225 0.22610 0.62840 0.01796  -0.01337 0.12261  37 VAL A C   
240 O O   . VAL A 37 ? 0.75013 0.21914 0.61085 0.02206  -0.01338 0.11273  37 VAL A O   
241 C CB  . VAL A 37 ? 0.83624 0.24760 0.67601 0.04165  -0.00051 0.12752  37 VAL A CB  
242 C CG1 . VAL A 37 ? 0.86164 0.24463 0.67276 0.03887  -0.00315 0.10929  37 VAL A CG1 
243 C CG2 . VAL A 37 ? 0.85476 0.26231 0.69453 0.06635  0.01239  0.13700  37 VAL A CG2 
244 N N   . GLN A 38 ? 0.75942 0.22682 0.63619 -0.00391 -0.02205 0.12590  38 GLN A N   
245 C CA  . GLN A 38 ? 0.73852 0.22142 0.62655 -0.02359 -0.03269 0.11941  38 GLN A CA  
246 C C   . GLN A 38 ? 0.69098 0.21419 0.59638 -0.02010 -0.03045 0.12088  38 GLN A C   
247 O O   . GLN A 38 ? 0.68101 0.21661 0.58936 -0.02399 -0.03502 0.11056  38 GLN A O   
248 C CB  . GLN A 38 ? 0.73971 0.23050 0.64714 -0.04554 -0.03861 0.12761  38 GLN A CB  
249 C CG  . GLN A 38 ? 0.78420 0.30379 0.71565 -0.06339 -0.04700 0.12586  38 GLN A CG  
250 C CD  . GLN A 38 ? 0.81395 0.34945 0.77294 -0.08320 -0.04929 0.13711  38 GLN A CD  
251 O OE1 . GLN A 38 ? 0.85896 0.37868 0.81512 -0.08613 -0.04667 0.14451  38 GLN A OE1 
252 N NE2 . GLN A 38 ? 0.82243 0.39125 0.81094 -0.09578 -0.05256 0.13980  38 GLN A NE2 
253 N N   . GLN A 39 ? 0.66723 0.22220 0.58724 -0.01259 -0.02223 0.13159  39 GLN A N   
254 C CA  . GLN A 39 ? 0.64913 0.25186 0.58617 -0.00925 -0.01860 0.13100  39 GLN A CA  
255 C C   . GLN A 39 ? 0.61852 0.22602 0.54957 0.00665  -0.01618 0.12202  39 GLN A C   
256 O O   . GLN A 39 ? 0.60303 0.24045 0.54441 0.00491  -0.01685 0.11535  39 GLN A O   
257 C CB  . GLN A 39 ? 0.63245 0.25458 0.57479 -0.00468 -0.01373 0.14532  39 GLN A CB  
258 C CG  . GLN A 39 ? 0.65687 0.31858 0.60745 -0.00142 -0.01242 0.14667  39 GLN A CG  
259 C CD  . GLN A 39 ? 0.67128 0.35465 0.63023 -0.01606 -0.01064 0.14323  39 GLN A CD  
260 O OE1 . GLN A 39 ? 0.66585 0.34511 0.63346 -0.02648 -0.01188 0.13666  39 GLN A OE1 
261 N NE2 . GLN A 39 ? 0.67668 0.38062 0.63182 -0.01709 -0.00802 0.14922  39 GLN A NE2 
262 N N   . GLN A 40 ? 0.64423 0.22049 0.55836 0.02357  -0.01106 0.12297  40 GLN A N   
263 C CA  . GLN A 40 ? 0.64991 0.22704 0.55837 0.04029  -0.00494 0.11631  40 GLN A CA  
264 C C   . GLN A 40 ? 0.64788 0.20715 0.54084 0.03119  -0.01093 0.09960  40 GLN A C   
265 O O   . GLN A 40 ? 0.63470 0.21348 0.53145 0.03694  -0.00871 0.09258  40 GLN A O   
266 C CB  . GLN A 40 ? 0.68831 0.23291 0.58249 0.06344  0.00681  0.12396  40 GLN A CB  
267 C CG  . GLN A 40 ? 0.68585 0.26494 0.60583 0.07593  0.01131  0.14265  40 GLN A CG  
268 C CD  . GLN A 40 ? 0.69078 0.25442 0.60920 0.09686  0.02185  0.15037  40 GLN A CD  
269 O OE1 . GLN A 40 ? 0.74715 0.27179 0.64298 0.09841  0.02521  0.14298  40 GLN A OE1 
270 N NE2 . GLN A 40 ? 0.68812 0.28789 0.63342 0.11111  0.02586  0.16492  40 GLN A NE2 
271 N N   . ASN A 41 ? 0.67990 0.20169 0.55584 0.01520  -0.02073 0.09463  41 ASN A N   
272 C CA  . ASN A 41 ? 0.68823 0.19439 0.55140 0.00204  -0.03201 0.08148  41 ASN A CA  
273 C C   . ASN A 41 ? 0.63579 0.19556 0.53293 -0.01208 -0.03777 0.08074  41 ASN A C   
274 O O   . ASN A 41 ? 0.63241 0.20049 0.52771 -0.01349 -0.04156 0.07107  41 ASN A O   
275 C CB  . ASN A 41 ? 0.73059 0.20146 0.57795 -0.01454 -0.04329 0.07751  41 ASN A CB  
276 C CG  . ASN A 41 ? 0.74950 0.20338 0.57792 -0.02546 -0.05583 0.06380  41 ASN A CG  
277 O OD1 . ASN A 41 ? 0.78195 0.21234 0.57956 -0.01185 -0.05013 0.05337  41 ASN A OD1 
278 N ND2 . ASN A 41 ? 0.76609 0.23463 0.61466 -0.04968 -0.07239 0.06574  41 ASN A ND2 
279 N N   . ASN A 42 ? 0.60937 0.20205 0.53445 -0.02146 -0.03661 0.09148  42 ASN A N   
280 C CA  . ASN A 42 ? 0.56563 0.20487 0.51928 -0.03117 -0.03671 0.09236  42 ASN A CA  
281 C C   . ASN A 42 ? 0.53959 0.20912 0.49590 -0.01721 -0.02961 0.08692  42 ASN A C   
282 O O   . ASN A 42 ? 0.52391 0.21315 0.48895 -0.02159 -0.03222 0.07986  42 ASN A O   
283 C CB  . ASN A 42 ? 0.59360 0.25527 0.56709 -0.03856 -0.03074 0.10591  42 ASN A CB  
284 C CG  . ASN A 42 ? 0.62077 0.26065 0.60124 -0.05516 -0.03698 0.11453  42 ASN A CG  
285 O OD1 . ASN A 42 ? 0.68895 0.30955 0.67043 -0.06834 -0.04979 0.11137  42 ASN A OD1 
286 N ND2 . ASN A 42 ? 0.68604 0.32801 0.67113 -0.05610 -0.02952 0.12710  42 ASN A ND2 
287 N N   . LEU A 43 ? 0.53384 0.20895 0.48596 -0.00123 -0.02170 0.09246  43 LEU A N   
288 C CA  . LEU A 43 ? 0.51045 0.21578 0.46930 0.01010  -0.01712 0.09088  43 LEU A CA  
289 C C   . LEU A 43 ? 0.53877 0.23058 0.48543 0.01903  -0.01640 0.07930  43 LEU A C   
290 O O   . LEU A 43 ? 0.51028 0.22737 0.46490 0.01935  -0.01631 0.07342  43 LEU A O   
291 C CB  . LEU A 43 ? 0.51459 0.22753 0.47635 0.02400  -0.01218 0.10365  43 LEU A CB  
292 C CG  . LEU A 43 ? 0.54997 0.27177 0.51628 0.01673  -0.01349 0.11634  43 LEU A CG  
293 C CD1 . LEU A 43 ? 0.59041 0.31821 0.56074 0.03052  -0.01256 0.13079  43 LEU A CD1 
294 C CD2 . LEU A 43 ? 0.51949 0.26909 0.49176 0.00438  -0.01454 0.11546  43 LEU A CD2 
295 N N   . LEU A 44 ? 0.56223 0.20914 0.48453 0.02723  -0.01454 0.07625  44 LEU A N   
296 C CA  . LEU A 44 ? 0.57270 0.19506 0.47256 0.03610  -0.01209 0.06502  44 LEU A CA  
297 C C   . LEU A 44 ? 0.59646 0.22303 0.49586 0.01862  -0.02439 0.05386  44 LEU A C   
298 O O   . LEU A 44 ? 0.54631 0.18423 0.44375 0.02341  -0.02273 0.04648  44 LEU A O   
299 C CB  . LEU A 44 ? 0.63431 0.19447 0.49671 0.04615  -0.00744 0.06317  44 LEU A CB  
300 C CG  . LEU A 44 ? 0.67250 0.19281 0.49822 0.05715  -0.00215 0.05158  44 LEU A CG  
301 C CD1 . LEU A 44 ? 0.68356 0.23545 0.52462 0.07789  0.01357  0.05518  44 LEU A CD1 
302 C CD2 . LEU A 44 ? 0.72546 0.19800 0.51729 0.06452  0.00417  0.04846  44 LEU A CD2 
303 N N   . ARG A 45 ? 0.56629 0.18605 0.47156 -0.00184 -0.03689 0.05496  45 ARG A N   
304 C CA  . ARG A 45 ? 0.55496 0.18416 0.46908 -0.01918 -0.04992 0.04915  45 ARG A CA  
305 C C   . ARG A 45 ? 0.52695 0.21080 0.47121 -0.01900 -0.04475 0.04979  45 ARG A C   
306 O O   . ARG A 45 ? 0.51460 0.20717 0.45963 -0.02187 -0.04948 0.04239  45 ARG A O   
307 C CB  . ARG A 45 ? 0.56840 0.18848 0.49547 -0.04112 -0.06310 0.05645  45 ARG A CB  
308 C CG  . ARG A 45 ? 0.64067 0.19807 0.53208 -0.04849 -0.07582 0.05351  45 ARG A CG  
309 C CD  . ARG A 45 ? 0.68703 0.24435 0.60042 -0.06926 -0.08646 0.06539  45 ARG A CD  
310 N NE  . ARG A 45 ? 0.79026 0.31344 0.68017 -0.08116 -0.10099 0.06042  45 ARG A NE  
311 C CZ  . ARG A 45 ? 0.78402 0.30303 0.68599 -0.09601 -0.10882 0.06922  45 ARG A CZ  
312 N NH1 . ARG A 45 ? 0.79457 0.34118 0.73128 -0.09959 -0.10064 0.08315  45 ARG A NH1 
313 N NH2 . ARG A 45 ? 0.81622 0.30039 0.69161 -0.10732 -0.12508 0.06470  45 ARG A NH2 
314 N N   . ALA A 46 ? 0.50520 0.22128 0.46958 -0.01620 -0.03573 0.05878  46 ALA A N   
315 C CA  . ALA A 46 ? 0.47746 0.23604 0.46086 -0.01582 -0.03027 0.05916  46 ALA A CA  
316 C C   . ALA A 46 ? 0.48158 0.24847 0.45665 -0.00191 -0.02625 0.05187  46 ALA A C   
317 O O   . ALA A 46 ? 0.44095 0.22680 0.42297 -0.00446 -0.02738 0.04594  46 ALA A O   
318 C CB  . ALA A 46 ? 0.47053 0.24879 0.46324 -0.01533 -0.02264 0.07005  46 ALA A CB  
319 N N   . ILE A 47 ? 0.46176 0.21577 0.42510 0.01373  -0.02017 0.05447  47 ILE A N   
320 C CA  . ILE A 47 ? 0.47503 0.23707 0.43505 0.02849  -0.01384 0.05131  47 ILE A CA  
321 C C   . ILE A 47 ? 0.49109 0.23142 0.43287 0.02775  -0.01715 0.03853  47 ILE A C   
322 O O   . ILE A 47 ? 0.46005 0.21882 0.40574 0.03124  -0.01515 0.03361  47 ILE A O   
323 C CB  . ILE A 47 ? 0.45884 0.20730 0.41403 0.04698  -0.00436 0.06064  47 ILE A CB  
324 C CG1 . ILE A 47 ? 0.48170 0.26123 0.45842 0.04738  -0.00444 0.07528  47 ILE A CG1 
325 C CG2 . ILE A 47 ? 0.46817 0.21144 0.41631 0.06459  0.00575  0.05834  47 ILE A CG2 
326 C CD1 . ILE A 47 ? 0.46812 0.23262 0.44541 0.06200  0.00204  0.08869  47 ILE A CD1 
327 N N   . GLU A 48 ? 0.48271 0.18038 0.40132 0.02153  -0.02422 0.03351  48 GLU A N   
328 C CA  . GLU A 48 ? 0.51240 0.17997 0.40474 0.01871  -0.03111 0.02200  48 GLU A CA  
329 C C   . GLU A 48 ? 0.50095 0.19787 0.41384 0.00243  -0.04242 0.01863  48 GLU A C   
330 O O   . GLU A 48 ? 0.51668 0.21288 0.41987 0.00436  -0.04426 0.01097  48 GLU A O   
331 C CB  . GLU A 48 ? 0.58577 0.19431 0.44342 0.01185  -0.04056 0.01882  48 GLU A CB  
332 C CG  . GLU A 48 ? 0.63009 0.19935 0.45988 0.03109  -0.02637 0.02142  48 GLU A CG  
333 C CD  . GLU A 48 ? 0.75731 0.26129 0.54686 0.02227  -0.03681 0.01795  48 GLU A CD  
334 O OE1 . GLU A 48 ? 0.80725 0.28182 0.57056 0.03770  -0.02334 0.01749  48 GLU A OE1 
335 O OE2 . GLU A 48 ? 0.81673 0.31777 0.61153 -0.00181 -0.05753 0.01665  48 GLU A OE2 
336 N N   . ALA A 49 ? 0.48389 0.20518 0.42531 -0.01252 -0.04825 0.02585  49 ALA A N   
337 C CA  . ALA A 49 ? 0.48404 0.23621 0.45108 -0.02526 -0.05474 0.02646  49 ALA A CA  
338 C C   . ALA A 49 ? 0.47367 0.26377 0.45340 -0.01575 -0.04364 0.02454  49 ALA A C   
339 O O   . ALA A 49 ? 0.43954 0.24211 0.42396 -0.01825 -0.04697 0.01960  49 ALA A O   
340 C CB  . ALA A 49 ? 0.48640 0.25511 0.48263 -0.03949 -0.05705 0.03815  49 ALA A CB  
341 N N   . GLN A 50 ? 0.44497 0.25149 0.42899 -0.00590 -0.03240 0.02945  50 GLN A N   
342 C CA  . GLN A 50 ? 0.41367 0.25048 0.40547 0.00125  -0.02504 0.02873  50 GLN A CA  
343 C C   . GLN A 50 ? 0.42327 0.25185 0.40080 0.01226  -0.02338 0.02090  50 GLN A C   
344 O O   . GLN A 50 ? 0.41037 0.25906 0.39405 0.01251  -0.02230 0.01700  50 GLN A O   
345 C CB  . GLN A 50 ? 0.39179 0.24153 0.38756 0.00737  -0.01855 0.03790  50 GLN A CB  
346 C CG  . GLN A 50 ? 0.43451 0.29841 0.44011 -0.00294 -0.01680 0.04473  50 GLN A CG  
347 C CD  . GLN A 50 ? 0.44718 0.31521 0.44911 0.00066  -0.01447 0.05458  50 GLN A CD  
348 O OE1 . GLN A 50 ? 0.44897 0.30780 0.44765 0.01003  -0.01502 0.05919  50 GLN A OE1 
349 N NE2 . GLN A 50 ? 0.42167 0.30004 0.42174 -0.00627 -0.01142 0.05945  50 GLN A NE2 
350 N N   . GLN A 51 ? 0.43159 0.22681 0.38712 0.02241  -0.02111 0.01905  51 GLN A N   
351 C CA  . GLN A 51 ? 0.47455 0.25544 0.41154 0.03513  -0.01537 0.01285  51 GLN A CA  
352 C C   . GLN A 51 ? 0.46942 0.24094 0.39545 0.02551  -0.02547 0.00280  51 GLN A C   
353 O O   . GLN A 51 ? 0.47100 0.25255 0.39457 0.03134  -0.02163 -0.00153 51 GLN A O   
354 C CB  . GLN A 51 ? 0.50498 0.24085 0.41268 0.04900  -0.00778 0.01324  51 GLN A CB  
355 C CG  . GLN A 51 ? 0.54687 0.26389 0.43247 0.06590  0.00413  0.00932  51 GLN A CG  
356 C CD  . GLN A 51 ? 0.53386 0.29563 0.44916 0.07631  0.01481  0.01741  51 GLN A CD  
357 O OE1 . GLN A 51 ? 0.51818 0.31686 0.46481 0.07400  0.01413  0.02789  51 GLN A OE1 
358 N NE2 . GLN A 51 ? 0.57800 0.33362 0.48102 0.08661  0.02338  0.01360  51 GLN A NE2 
359 N N   . HIS A 52 ? 0.46956 0.22280 0.39147 0.00979  -0.03980 0.00112  52 HIS A N   
360 C CA  . HIS A 52 ? 0.47747 0.22404 0.39434 -0.00208 -0.05374 -0.00465 52 HIS A CA  
361 C C   . HIS A 52 ? 0.47799 0.27275 0.42759 -0.00573 -0.05144 -0.00283 52 HIS A C   
362 O O   . HIS A 52 ? 0.48412 0.28199 0.42768 -0.00429 -0.05351 -0.00843 52 HIS A O   
363 C CB  . HIS A 52 ? 0.51720 0.24135 0.43410 -0.02092 -0.07209 -0.00123 52 HIS A CB  
364 C CG  . HIS A 52 ? 0.55620 0.27249 0.47161 -0.03588 -0.09136 -0.00308 52 HIS A CG  
365 N ND1 . HIS A 52 ? 0.56910 0.32700 0.52700 -0.04739 -0.09687 0.00459  52 HIS A ND1 
366 C CD2 . HIS A 52 ? 0.64273 0.31167 0.51753 -0.04104 -0.10673 -0.01009 52 HIS A CD2 
367 C CE1 . HIS A 52 ? 0.57931 0.32175 0.52991 -0.05949 -0.11647 0.00390  52 HIS A CE1 
368 N NE2 . HIS A 52 ? 0.62753 0.31423 0.52494 -0.05718 -0.12453 -0.00562 52 HIS A NE2 
369 N N   . LEU A 53 ? 0.44199 0.26988 0.42138 -0.00950 -0.04568 0.00507  53 LEU A N   
370 C CA  . LEU A 53 ? 0.38843 0.25368 0.39165 -0.01189 -0.04078 0.00701  53 LEU A CA  
371 C C   . LEU A 53 ? 0.40033 0.27897 0.39635 0.00064  -0.03121 0.00268  53 LEU A C   
372 O O   . LEU A 53 ? 0.37283 0.26754 0.37473 0.00019  -0.03060 -0.00047 53 LEU A O   
373 C CB  . LEU A 53 ? 0.35580 0.24171 0.38077 -0.01716 -0.03386 0.01662  53 LEU A CB  
374 C CG  . LEU A 53 ? 0.41956 0.33477 0.46173 -0.01866 -0.02494 0.01977  53 LEU A CG  
375 C CD1 . LEU A 53 ? 0.40814 0.33171 0.46490 -0.02436 -0.03098 0.01898  53 LEU A CD1 
376 C CD2 . LEU A 53 ? 0.40416 0.32665 0.45900 -0.02359 -0.01640 0.03019  53 LEU A CD2 
377 N N   . LEU A 54 ? 0.39456 0.26756 0.38116 0.01173  -0.02398 0.00469  54 LEU A N   
378 C CA  . LEU A 54 ? 0.39235 0.28001 0.37868 0.02294  -0.01588 0.00498  54 LEU A CA  
379 C C   . LEU A 54 ? 0.39897 0.27164 0.36851 0.02948  -0.01547 -0.00297 54 LEU A C   
380 O O   . LEU A 54 ? 0.42327 0.31436 0.39819 0.03206  -0.01223 -0.00464 54 LEU A O   
381 C CB  . LEU A 54 ? 0.39405 0.27760 0.37989 0.03364  -0.00930 0.01333  54 LEU A CB  
382 C CG  . LEU A 54 ? 0.38568 0.28925 0.38211 0.04445  -0.00201 0.02117  54 LEU A CG  
383 C CD1 . LEU A 54 ? 0.40620 0.33980 0.41557 0.03569  -0.00546 0.02261  54 LEU A CD1 
384 C CD2 . LEU A 54 ? 0.43044 0.33310 0.43465 0.05134  0.00110  0.03394  54 LEU A CD2 
385 N N   . GLN A 55 ? 0.39519 0.22939 0.33935 0.03108  -0.01946 -0.00800 55 GLN A N   
386 C CA  . GLN A 55 ? 0.44637 0.25603 0.36393 0.03677  -0.01949 -0.01586 55 GLN A CA  
387 C C   . GLN A 55 ? 0.45934 0.28522 0.38639 0.02503  -0.03001 -0.02019 55 GLN A C   
388 O O   . GLN A 55 ? 0.47229 0.30002 0.39084 0.03056  -0.02669 -0.02428 55 GLN A O   
389 C CB  . GLN A 55 ? 0.53867 0.29281 0.41676 0.03756  -0.02470 -0.02068 55 GLN A CB  
390 C CG  . GLN A 55 ? 0.65599 0.37124 0.49250 0.04835  -0.01955 -0.02795 55 GLN A CG  
391 C CD  . GLN A 55 ? 0.66576 0.40050 0.51066 0.06811  0.00215  -0.02334 55 GLN A CD  
392 O OE1 . GLN A 55 ? 0.71157 0.44409 0.56021 0.08325  0.01807  -0.01529 55 GLN A OE1 
393 N NE2 . GLN A 55 ? 0.64474 0.40037 0.49667 0.06781  0.00261  -0.02597 55 GLN A NE2 
394 N N   . LEU A 56 ? 0.41622 0.25521 0.36396 0.00983  -0.04105 -0.01716 56 LEU A N   
395 C CA  . LEU A 56 ? 0.44736 0.30470 0.41129 -0.00002 -0.04942 -0.01743 56 LEU A CA  
396 C C   . LEU A 56 ? 0.42280 0.31596 0.40465 0.00539  -0.03789 -0.01663 56 LEU A C   
397 O O   . LEU A 56 ? 0.41358 0.31419 0.39590 0.00512  -0.03976 -0.01974 56 LEU A O   
398 C CB  . LEU A 56 ? 0.45362 0.32125 0.44408 -0.01511 -0.05923 -0.00940 56 LEU A CB  
399 C CG  . LEU A 56 ? 0.49995 0.33306 0.47751 -0.02635 -0.07649 -0.00777 56 LEU A CG  
400 C CD1 . LEU A 56 ? 0.48275 0.33685 0.49933 -0.04155 -0.08474 0.00470  56 LEU A CD1 
401 C CD2 . LEU A 56 ? 0.57784 0.37499 0.52160 -0.02926 -0.09142 -0.01483 56 LEU A CD2 
402 N N   . THR A 57 ? 0.36549 0.27760 0.35913 0.00905  -0.02769 -0.01190 57 THR A N   
403 C CA  . THR A 57 ? 0.36169 0.30021 0.36539 0.01162  -0.01965 -0.01077 57 THR A CA  
404 C C   . THR A 57 ? 0.39226 0.32940 0.38421 0.02217  -0.01481 -0.01410 57 THR A C   
405 O O   . THR A 57 ? 0.35111 0.30277 0.34692 0.02233  -0.01256 -0.01580 57 THR A O   
406 C CB  . THR A 57 ? 0.36061 0.31200 0.37212 0.01040  -0.01389 -0.00383 57 THR A CB  
407 O OG1 . THR A 57 ? 0.39857 0.34190 0.40370 0.01809  -0.01198 -0.00035 57 THR A OG1 
408 C CG2 . THR A 57 ? 0.33327 0.28438 0.35525 0.00151  -0.01476 0.00081  57 THR A CG2 
409 N N   . VAL A 58 ? 0.38151 0.29988 0.35943 0.03215  -0.01096 -0.01356 58 VAL A N   
410 C CA  . VAL A 58 ? 0.39698 0.31143 0.36501 0.04469  -0.00231 -0.01390 58 VAL A CA  
411 C C   . VAL A 58 ? 0.41599 0.31722 0.36748 0.04355  -0.00644 -0.02237 58 VAL A C   
412 O O   . VAL A 58 ? 0.39287 0.30715 0.34700 0.04750  -0.00144 -0.02270 58 VAL A O   
413 C CB  . VAL A 58 ? 0.41690 0.30634 0.37033 0.05825  0.00658  -0.01011 58 VAL A CB  
414 C CG1 . VAL A 58 ? 0.46318 0.34079 0.40221 0.07337  0.01934  -0.00964 58 VAL A CG1 
415 C CG2 . VAL A 58 ? 0.41182 0.32105 0.38757 0.06055  0.01045  0.00178  58 VAL A CG2 
416 N N   . TRP A 59 ? 0.40523 0.27962 0.33965 0.03648  -0.01786 -0.02792 59 TRP A N   
417 C CA  . TRP A 59 ? 0.46623 0.32580 0.38375 0.03277  -0.02648 -0.03415 59 TRP A CA  
418 C C   . TRP A 59 ? 0.44988 0.34362 0.39495 0.02419  -0.03052 -0.03267 59 TRP A C   
419 O O   . TRP A 59 ? 0.42426 0.32001 0.36320 0.02621  -0.03047 -0.03561 59 TRP A O   
420 C CB  . TRP A 59 ? 0.53685 0.35716 0.42972 0.02355  -0.04303 -0.03756 59 TRP A CB  
421 C CG  . TRP A 59 ? 0.62789 0.39978 0.47857 0.03409  -0.03714 -0.04098 59 TRP A CG  
422 C CD1 . TRP A 59 ? 0.65423 0.40950 0.48184 0.05253  -0.01847 -0.04189 59 TRP A CD1 
423 C CD2 . TRP A 59 ? 0.69307 0.42429 0.51929 0.02803  -0.04743 -0.04215 59 TRP A CD2 
424 N NE1 . TRP A 59 ? 0.73522 0.43961 0.52289 0.06052  -0.01375 -0.04388 59 TRP A NE1 
425 C CE2 . TRP A 59 ? 0.72675 0.41326 0.50984 0.04486  -0.03268 -0.04520 59 TRP A CE2 
426 C CE3 . TRP A 59 ? 0.67070 0.39755 0.50791 0.01014  -0.06678 -0.03930 59 TRP A CE3 
427 C CZ2 . TRP A 59 ? 0.79441 0.42679 0.53846 0.04438  -0.03699 -0.04761 59 TRP A CZ2 
428 C CZ3 . TRP A 59 ? 0.71267 0.38917 0.51482 0.00730  -0.07404 -0.04114 59 TRP A CZ3 
429 C CH2 . TRP A 59 ? 0.76800 0.39548 0.52094 0.02433  -0.05936 -0.04630 59 TRP A CH2 
430 N N   . GLY A 60 ? 0.38867 0.30609 0.36148 0.01596  -0.03176 -0.02740 60 GLY A N   
431 C CA  . GLY A 60 ? 0.37606 0.32075 0.37145 0.01093  -0.03032 -0.02475 60 GLY A CA  
432 C C   . GLY A 60 ? 0.36130 0.32228 0.35644 0.01790  -0.01932 -0.02582 60 GLY A C   
433 O O   . GLY A 60 ? 0.30752 0.27811 0.30663 0.01724  -0.01871 -0.02702 60 GLY A O   
434 N N   . ILE A 61 ? 0.33986 0.30418 0.33240 0.02386  -0.01182 -0.02346 61 ILE A N   
435 C CA  . ILE A 61 ? 0.32804 0.30772 0.32328 0.02804  -0.00468 -0.02127 61 ILE A CA  
436 C C   . ILE A 61 ? 0.35027 0.32176 0.33305 0.03582  -0.00202 -0.02490 61 ILE A C   
437 O O   . ILE A 61 ? 0.31162 0.29500 0.29753 0.03563  0.00059  -0.02508 61 ILE A O   
438 C CB  . ILE A 61 ? 0.32454 0.31094 0.32560 0.03116  -0.00084 -0.01347 61 ILE A CB  
439 C CG1 . ILE A 61 ? 0.31754 0.31163 0.32532 0.02184  -0.00324 -0.00963 61 ILE A CG1 
440 C CG2 . ILE A 61 ? 0.33529 0.33492 0.34192 0.03611  0.00407  -0.00774 61 ILE A CG2 
441 C CD1 . ILE A 61 ? 0.33474 0.33281 0.34743 0.02284  -0.00373 -0.00024 61 ILE A CD1 
442 N N   . LYS A 62 ? 0.34527 0.29103 0.30863 0.04284  -0.00190 -0.02783 62 LYS A N   
443 C CA  . LYS A 62 ? 0.38899 0.31815 0.33154 0.05117  0.00234  -0.03137 62 LYS A CA  
444 C C   . LYS A 62 ? 0.38198 0.31082 0.32101 0.04367  -0.00731 -0.03667 62 LYS A C   
445 O O   . LYS A 62 ? 0.36071 0.29240 0.29428 0.04766  -0.00308 -0.03768 62 LYS A O   
446 C CB  . LYS A 62 ? 0.42193 0.31096 0.33251 0.05972  0.00462  -0.03424 62 LYS A CB  
447 C CG  . LYS A 62 ? 0.46612 0.35304 0.37871 0.07376  0.02071  -0.02635 62 LYS A CG  
448 C CD  . LYS A 62 ? 0.56478 0.40233 0.43821 0.08332  0.02531  -0.02976 62 LYS A CD  
449 C CE  . LYS A 62 ? 0.64898 0.44572 0.47777 0.08731  0.02488  -0.03793 62 LYS A CE  
450 N NZ  . LYS A 62 ? 0.70007 0.47788 0.51150 0.07022  0.00069  -0.04683 62 LYS A NZ  
451 N N   . GLN A 63 ? 0.35508 0.28230 0.30112 0.03285  -0.02013 -0.03767 63 GLN A N   
452 C CA  . GLN A 63 ? 0.36536 0.29650 0.31665 0.02570  -0.03015 -0.03842 63 GLN A CA  
453 C C   . GLN A 63 ? 0.32896 0.28948 0.30105 0.02563  -0.02200 -0.03601 63 GLN A C   
454 O O   . GLN A 63 ? 0.29907 0.26107 0.26757 0.02675  -0.02285 -0.03726 63 GLN A O   
455 C CB  . GLN A 63 ? 0.40120 0.33213 0.36809 0.01403  -0.04391 -0.03443 63 GLN A CB  
456 C CG  . GLN A 63 ? 0.49038 0.42612 0.46910 0.00641  -0.05656 -0.03066 63 GLN A CG  
457 C CD  . GLN A 63 ? 0.62144 0.53092 0.58928 -0.00393 -0.07809 -0.02847 63 GLN A CD  
458 O OE1 . GLN A 63 ? 0.70822 0.58610 0.64571 -0.00290 -0.08157 -0.03353 63 GLN A OE1 
459 N NE2 . GLN A 63 ? 0.62338 0.54359 0.61602 -0.01442 -0.09327 -0.01910 63 GLN A NE2 
460 N N   . LEU A 64 ? 0.30046 0.27936 0.28943 0.02380  -0.01467 -0.03242 64 LEU A N   
461 C CA  . LEU A 64 ? 0.28159 0.27820 0.28020 0.02281  -0.00701 -0.03058 64 LEU A CA  
462 C C   . LEU A 64 ? 0.29393 0.29236 0.28264 0.02865  -0.00130 -0.03170 64 LEU A C   
463 O O   . LEU A 64 ? 0.28915 0.29378 0.27845 0.02823  0.00140  -0.03208 64 LEU A O   
464 C CB  . LEU A 64 ? 0.27206 0.27675 0.27840 0.01886  -0.00179 -0.02661 64 LEU A CB  
465 C CG  . LEU A 64 ? 0.27960 0.28561 0.29971 0.01373  -0.00243 -0.02278 64 LEU A CG  
466 C CD1 . LEU A 64 ? 0.32017 0.32727 0.33820 0.01088  0.00459  -0.01919 64 LEU A CD1 
467 C CD2 . LEU A 64 ? 0.31689 0.32921 0.34920 0.01303  -0.00019 -0.02010 64 LEU A CD2 
468 N N   . GLN A 65 ? 0.28333 0.27659 0.26535 0.03486  0.00207  -0.03020 65 GLN A N   
469 C CA  . GLN A 65 ? 0.29024 0.28745 0.26918 0.04153  0.00945  -0.02727 65 GLN A CA  
470 C C   . GLN A 65 ? 0.29984 0.28534 0.26385 0.04555  0.00930  -0.03206 65 GLN A C   
471 O O   . GLN A 65 ? 0.30406 0.29827 0.27019 0.04604  0.01329  -0.03057 65 GLN A O   
472 C CB  . GLN A 65 ? 0.32144 0.31310 0.29901 0.05085  0.01635  -0.02169 65 GLN A CB  
473 C CG  . GLN A 65 ? 0.32837 0.33803 0.32557 0.04713  0.01644  -0.01223 65 GLN A CG  
474 C CD  . GLN A 65 ? 0.38057 0.38481 0.38120 0.05749  0.02343  -0.00462 65 GLN A CD  
475 O OE1 . GLN A 65 ? 0.42654 0.40736 0.40872 0.06833  0.03017  -0.00804 65 GLN A OE1 
476 N NE2 . GLN A 65 ? 0.40343 0.42492 0.42430 0.05426  0.02161  0.00669  65 GLN A NE2 
477 N N   . ALA A 66 ? 0.27694 0.23952 0.22304 0.04694  0.00274  -0.03716 66 ALA A N   
478 C CA  . ALA A 66 ? 0.33012 0.27599 0.25625 0.04917  -0.00091 -0.04107 66 ALA A CA  
479 C C   . ALA A 66 ? 0.31094 0.27328 0.25254 0.04191  -0.00663 -0.04083 66 ALA A C   
480 O O   . ALA A 66 ? 0.30595 0.26684 0.23996 0.04459  -0.00466 -0.04137 66 ALA A O   
481 C CB  . ALA A 66 ? 0.37354 0.28523 0.27235 0.04815  -0.01223 -0.04547 66 ALA A CB  
482 N N   . ARG A 67 ? 0.27637 0.25260 0.23933 0.03412  -0.01150 -0.03868 67 ARG A N   
483 C CA  . ARG A 67 ? 0.26750 0.25703 0.24641 0.03015  -0.01264 -0.03603 67 ARG A CA  
484 C C   . ARG A 67 ? 0.27074 0.27223 0.25208 0.03190  -0.00118 -0.03544 67 ARG A C   
485 O O   . ARG A 67 ? 0.26065 0.26405 0.24202 0.03284  0.00021  -0.03494 67 ARG A O   
486 C CB  . ARG A 67 ? 0.24060 0.24036 0.24277 0.02399  -0.01525 -0.03095 67 ARG A CB  
487 C CG  . ARG A 67 ? 0.27288 0.26358 0.28005 0.01861  -0.03099 -0.02786 67 ARG A CG  
488 C CD  . ARG A 67 ? 0.27888 0.28243 0.31393 0.01321  -0.03039 -0.02010 67 ARG A CD  
489 N NE  . ARG A 67 ? 0.25604 0.27662 0.31807 0.01337  -0.02432 -0.01096 67 ARG A NE  
490 C CZ  . ARG A 67 ? 0.27782 0.31057 0.36862 0.01091  -0.01967 -0.00044 67 ARG A CZ  
491 N NH1 . ARG A 67 ? 0.28996 0.32067 0.38578 0.00642  -0.02235 0.00128  67 ARG A NH1 
492 N NH2 . ARG A 67 ? 0.21596 0.26219 0.33192 0.01416  -0.01031 0.01020  67 ARG A NH2 
493 N N   . ILE A 68 ? 0.24510 0.25284 0.22797 0.03092  0.00515  -0.03420 68 ILE A N   
494 C CA  A ILE A 68 ? 0.26073 0.27473 0.24217 0.02910  0.01161  -0.03235 68 ILE A CA  
495 C CA  B ILE A 68 ? 0.26843 0.28254 0.24983 0.02909  0.01164  -0.03226 68 ILE A CA  
496 C C   . ILE A 68 ? 0.27276 0.28559 0.24648 0.03424  0.01422  -0.03189 68 ILE A C   
497 O O   . ILE A 68 ? 0.25016 0.26454 0.22146 0.03297  0.01716  -0.03115 68 ILE A O   
498 C CB  A ILE A 68 ? 0.26357 0.28170 0.24681 0.02344  0.01301  -0.02869 68 ILE A CB  
499 C CB  B ILE A 68 ? 0.25437 0.27305 0.23814 0.02437  0.01257  -0.02838 68 ILE A CB  
500 C CG1 A ILE A 68 ? 0.27017 0.28665 0.24569 0.01738  0.01547  -0.02642 68 ILE A CG1 
501 C CG1 B ILE A 68 ? 0.26639 0.28174 0.25075 0.01890  0.01375  -0.02823 68 ILE A CG1 
502 C CG2 A ILE A 68 ? 0.27047 0.29289 0.25743 0.02665  0.01216  -0.02467 68 ILE A CG2 
503 C CG2 B ILE A 68 ? 0.27626 0.29940 0.25776 0.02061  0.01388  -0.02355 68 ILE A CG2 
504 C CD1 A ILE A 68 ? 0.27277 0.28049 0.24168 0.01713  0.02081  -0.02912 68 ILE A CD1 
505 C CD1 B ILE A 68 ? 0.27104 0.28697 0.25571 0.01494  0.01139  -0.02482 68 ILE A CD1 
506 N N   . LEU A 69 ? 0.25270 0.25914 0.22006 0.04106  0.01522  -0.03159 69 LEU A N   
507 C CA  . LEU A 69 ? 0.27131 0.27345 0.22969 0.04846  0.02194  -0.02932 69 LEU A CA  
508 C C   . LEU A 69 ? 0.26800 0.25992 0.21343 0.04980  0.01902  -0.03368 69 LEU A C   
509 O O   . LEU A 69 ? 0.26601 0.26026 0.20899 0.05157  0.02428  -0.03134 69 LEU A O   
510 C CB  . LEU A 69 ? 0.26702 0.25515 0.21405 0.05834  0.02734  -0.02804 69 LEU A CB  
511 C CG  . LEU A 69 ? 0.28605 0.26311 0.21898 0.06962  0.03933  -0.02423 69 LEU A CG  
512 C CD1 . LEU A 69 ? 0.28592 0.28705 0.24227 0.06803  0.04676  -0.01339 69 LEU A CD1 
513 C CD2 . LEU A 69 ? 0.31048 0.26555 0.22621 0.08183  0.04871  -0.02254 69 LEU A CD2 
514 N N   . ALA A 70 ? 0.25954 0.24079 0.19907 0.04782  0.00901  -0.03802 70 ALA A N   
515 C CA  . ALA A 70 ? 0.28711 0.26009 0.21812 0.04770  0.00261  -0.03933 70 ALA A CA  
516 C C   . ALA A 70 ? 0.28278 0.27119 0.22916 0.04441  0.00646  -0.03695 70 ALA A C   
517 O O   . ALA A 70 ? 0.27845 0.26298 0.21745 0.04678  0.00749  -0.03634 70 ALA A O   
518 C CB  . ALA A 70 ? 0.30211 0.26506 0.23268 0.04294  -0.01283 -0.03998 70 ALA A CB  
519 N N   . VAL A 71 ? 0.24877 0.24939 0.21147 0.03946  0.00956  -0.03545 71 VAL A N   
520 C CA  . VAL A 71 ? 0.24740 0.25271 0.21545 0.03723  0.01590  -0.03352 71 VAL A CA  
521 C C   . VAL A 71 ? 0.28185 0.28719 0.24109 0.03626  0.02204  -0.03266 71 VAL A C   
522 O O   . VAL A 71 ? 0.25716 0.25900 0.21150 0.03676  0.02536  -0.03185 71 VAL A O   
523 C CB  . VAL A 71 ? 0.25603 0.26451 0.23402 0.03319  0.01991  -0.03186 71 VAL A CB  
524 C CG1 . VAL A 71 ? 0.27363 0.27513 0.24290 0.03099  0.02953  -0.03085 71 VAL A CG1 
525 C CG2 . VAL A 71 ? 0.21407 0.22636 0.20982 0.03435  0.01554  -0.02805 71 VAL A CG2 
526 N N   . GLU A 72 ? 0.23881 0.24892 0.19905 0.03450  0.02302  -0.03056 72 GLU A N   
527 C CA  . GLU A 72 ? 0.26260 0.27666 0.22240 0.03174  0.02658  -0.02524 72 GLU A CA  
528 C C   . GLU A 72 ? 0.27291 0.28343 0.22600 0.03889  0.03070  -0.02424 72 GLU A C   
529 O O   . GLU A 72 ? 0.29451 0.30518 0.24604 0.03615  0.03360  -0.02071 72 GLU A O   
530 C CB  . GLU A 72 ? 0.26394 0.28797 0.23447 0.02997  0.02616  -0.01862 72 GLU A CB  
531 C CG  . GLU A 72 ? 0.24916 0.27415 0.22233 0.02100  0.02084  -0.01799 72 GLU A CG  
532 C CD  . GLU A 72 ? 0.25339 0.28938 0.24049 0.02143  0.01911  -0.01040 72 GLU A CD  
533 O OE1 . GLU A 72 ? 0.24978 0.28735 0.23920 0.01211  0.01275  -0.00621 72 GLU A OE1 
534 O OE2 . GLU A 72 ? 0.24696 0.28645 0.23974 0.03177  0.02487  -0.00777 72 GLU A OE2 
535 N N   . ARG A 73 ? 0.25054 0.25298 0.19485 0.04745  0.03063  -0.02700 73 ARG A N   
536 C CA  . ARG A 73 ? 0.28722 0.27866 0.21626 0.05515  0.03530  -0.02622 73 ARG A CA  
537 C C   . ARG A 73 ? 0.29661 0.28222 0.21930 0.05369  0.03087  -0.02909 73 ARG A C   
538 O O   . ARG A 73 ? 0.31558 0.29732 0.23083 0.05618  0.03583  -0.02642 73 ARG A O   
539 C CB  . ARG A 73 ? 0.30092 0.27341 0.21011 0.06365  0.03496  -0.02929 73 ARG A CB  
540 C CG  . ARG A 73 ? 0.29721 0.27072 0.20908 0.07071  0.04630  -0.02333 73 ARG A CG  
541 C CD  . ARG A 73 ? 0.32502 0.27121 0.21029 0.07848  0.04582  -0.02811 73 ARG A CD  
542 N NE  . ARG A 73 ? 0.33941 0.27963 0.22179 0.09031  0.06269  -0.02056 73 ARG A NE  
543 C CZ  . ARG A 73 ? 0.36511 0.28043 0.22641 0.09685  0.06510  -0.02261 73 ARG A CZ  
544 N NH1 . ARG A 73 ? 0.37159 0.26552 0.21117 0.09234  0.05020  -0.03305 73 ARG A NH1 
545 N NH2 . ARG A 73 ? 0.35186 0.26343 0.21660 0.10616  0.08117  -0.01175 73 ARG A NH2 
546 N N   . TYR A 74 ? 0.25682 0.24251 0.18519 0.05054  0.02252  -0.03232 74 TYR A N   
547 C CA  . TYR A 74 ? 0.30474 0.28798 0.23434 0.05048  0.01947  -0.03151 74 TYR A CA  
548 C C   . TYR A 74 ? 0.31592 0.30238 0.24805 0.04759  0.02799  -0.02935 74 TYR A C   
549 O O   . TYR A 74 ? 0.32465 0.30526 0.25009 0.05001  0.02988  -0.02764 74 TYR A O   
550 C CB  . TYR A 74 ? 0.29072 0.27930 0.23686 0.04791  0.01269  -0.03056 74 TYR A CB  
551 C CG  . TYR A 74 ? 0.31644 0.30632 0.27270 0.04954  0.01221  -0.02562 74 TYR A CG  
552 C CD1 . TYR A 74 ? 0.36987 0.35381 0.32323 0.05168  0.00103  -0.02201 74 TYR A CD1 
553 C CD2 . TYR A 74 ? 0.31927 0.31205 0.28477 0.04937  0.02318  -0.02326 74 TYR A CD2 
554 C CE1 . TYR A 74 ? 0.36399 0.35201 0.33246 0.05416  0.00062  -0.01423 74 TYR A CE1 
555 C CE2 . TYR A 74 ? 0.33340 0.32588 0.30960 0.05372  0.02652  -0.01668 74 TYR A CE2 
556 C CZ  . TYR A 74 ? 0.35304 0.34666 0.33508 0.05638  0.01518  -0.01127 74 TYR A CZ  
557 O OH  . TYR A 74 ? 0.39924 0.39531 0.39751 0.06164  0.01895  -0.00169 74 TYR A OH  
558 N N   . LEU A 75 ? 0.28026 0.27167 0.21807 0.04134  0.03167  -0.02903 75 LEU A N   
559 C CA  . LEU A 75 ? 0.31410 0.29975 0.24633 0.03559  0.03688  -0.02709 75 LEU A CA  
560 C C   . LEU A 75 ? 0.35204 0.33920 0.28060 0.03401  0.03905  -0.02256 75 LEU A C   
561 O O   . LEU A 75 ? 0.37233 0.35107 0.29325 0.03149  0.04196  -0.02061 75 LEU A O   
562 C CB  . LEU A 75 ? 0.31884 0.30160 0.24983 0.02723  0.03698  -0.02732 75 LEU A CB  
563 C CG  . LEU A 75 ? 0.29856 0.27792 0.23334 0.02975  0.03935  -0.02959 75 LEU A CG  
564 C CD1 . LEU A 75 ? 0.31737 0.28891 0.24365 0.02167  0.03982  -0.02982 75 LEU A CD1 
565 C CD2 . LEU A 75 ? 0.31950 0.28786 0.25151 0.03521  0.04720  -0.02834 75 LEU A CD2 
566 N N   . ARG A 76 ? 0.31577 0.31250 0.25082 0.03624  0.03950  -0.01905 76 ARG A N   
567 C CA  . ARG A 76 ? 0.34650 0.34672 0.28327 0.03782  0.04526  -0.01122 76 ARG A CA  
568 C C   . ARG A 76 ? 0.38193 0.37104 0.30414 0.04631  0.04897  -0.01306 76 ARG A C   
569 O O   . ARG A 76 ? 0.40326 0.39002 0.32312 0.04499  0.05349  -0.00782 76 ARG A O   
570 C CB  . ARG A 76 ? 0.33238 0.34294 0.27993 0.04318  0.04991  -0.00487 76 ARG A CB  
571 C CG  . ARG A 76 ? 0.37031 0.39560 0.33776 0.03340  0.04585  0.00318  76 ARG A CG  
572 C CD  . ARG A 76 ? 0.40647 0.44555 0.39259 0.04055  0.05461  0.01602  76 ARG A CD  
573 N NE  . ARG A 76 ? 0.39032 0.42407 0.37015 0.05213  0.05915  0.01121  76 ARG A NE  
574 C CZ  . ARG A 76 ? 0.36047 0.39804 0.34590 0.04880  0.05238  0.00805  76 ARG A CZ  
575 N NH1 . ARG A 76 ? 0.34993 0.39407 0.34303 0.03496  0.04109  0.00789  76 ARG A NH1 
576 N NH2 . ARG A 76 ? 0.36976 0.39925 0.34790 0.05952  0.05738  0.00509  76 ARG A NH2 
577 N N   . ASP A 77 ? 0.36056 0.34087 0.27180 0.05365  0.04513  -0.01921 77 ASP A N   
578 C CA  . ASP A 77 ? 0.37839 0.34420 0.27116 0.06075  0.04532  -0.01976 77 ASP A CA  
579 C C   . ASP A 77 ? 0.44502 0.40790 0.33847 0.05803  0.04303  -0.01981 77 ASP A C   
580 O O   . ASP A 77 ? 0.49421 0.44767 0.37545 0.06180  0.04562  -0.01724 77 ASP A O   
581 C CB  . ASP A 77 ? 0.40586 0.35824 0.28352 0.06579  0.03641  -0.02466 77 ASP A CB  
582 C CG  . ASP A 77 ? 0.39233 0.33705 0.25896 0.07144  0.04167  -0.02482 77 ASP A CG  
583 O OD1 . ASP A 77 ? 0.36852 0.32125 0.24287 0.07411  0.05453  -0.01867 77 ASP A OD1 
584 O OD2 . ASP A 77 ? 0.38405 0.31324 0.23495 0.07319  0.03285  -0.02938 77 ASP A OD2 
585 N N   . GLN A 78 ? 0.40369 0.37141 0.30905 0.05296  0.04035  -0.02179 78 GLN A N   
586 C CA  . GLN A 78 ? 0.46341 0.42443 0.36842 0.05278  0.04246  -0.02043 78 GLN A CA  
587 C C   . GLN A 78 ? 0.53210 0.48692 0.42984 0.04764  0.04940  -0.01733 78 GLN A C   
588 O O   . GLN A 78 ? 0.59937 0.54359 0.49027 0.04940  0.05255  -0.01549 78 GLN A O   
589 C CB  . GLN A 78 ? 0.43863 0.40094 0.35458 0.05105  0.04322  -0.02164 78 GLN A CB  
590 C CG  . GLN A 78 ? 0.44061 0.41015 0.37073 0.05554  0.03544  -0.02057 78 GLN A CG  
591 C CD  . GLN A 78 ? 0.48331 0.44992 0.41452 0.06131  0.02842  -0.01553 78 GLN A CD  
592 O OE1 . GLN A 78 ? 0.53541 0.49928 0.45880 0.06222  0.01708  -0.01574 78 GLN A OE1 
593 N NE2 . GLN A 78 ? 0.52663 0.48925 0.46364 0.06520  0.03479  -0.01015 78 GLN A NE2 
594 N N   . GLN A 79 ? 0.51483 0.47611 0.41614 0.04057  0.05073  -0.01466 79 GLN A N   
595 C CA  . GLN A 79 ? 0.57646 0.53259 0.47439 0.03245  0.05369  -0.00868 79 GLN A CA  
596 C C   . GLN A 79 ? 0.67399 0.63036 0.56871 0.03838  0.05909  -0.00295 79 GLN A C   
597 O O   . GLN A 79 ? 0.78001 0.72791 0.66944 0.03385  0.06178  0.00173  79 GLN A O   
598 C CB  . GLN A 79 ? 0.55939 0.52434 0.46784 0.02055  0.04979  -0.00344 79 GLN A CB  
599 C CG  . GLN A 79 ? 0.54971 0.50625 0.45224 0.01323  0.04476  -0.00879 79 GLN A CG  
600 C CD  . GLN A 79 ? 0.61416 0.57301 0.52136 -0.00233 0.03656  -0.00164 79 GLN A CD  
601 O OE1 . GLN A 79 ? 0.67425 0.65374 0.60283 -0.00405 0.03467  0.00789  79 GLN A OE1 
602 N NE2 . GLN A 79 ? 0.63947 0.57401 0.52502 -0.01359 0.03180  -0.00439 79 GLN A NE2 
603 N N   . GLU A 80 ? 0.71634 0.67702 0.60931 0.04842  0.06145  -0.00303 80 GLU A N   
604 C CA  . GLU A 80 ? 0.78824 0.74122 0.66882 0.05675  0.06879  0.00175  80 GLU A CA  
605 C C   . GLU A 80 ? 0.90976 0.86951 0.80106 0.05203  0.07766  0.01399  80 GLU A C   
606 O O   . GLU A 80 ? 0.98023 0.95173 0.88478 0.05436  0.08530  0.02273  80 GLU A O   
607 C CB  . GLU A 80 ? 0.79001 0.72773 0.65455 0.06101  0.06517  -0.00176 80 GLU A CB  
608 C CG  . GLU A 80 ? 0.78693 0.71914 0.64402 0.06688  0.05515  -0.00825 80 GLU A CG  
609 C CD  . GLU A 80 ? 0.80407 0.73360 0.66680 0.06629  0.04920  -0.00932 80 GLU A CD  
610 O OE1 . GLU A 80 ? 0.82640 0.75023 0.68792 0.06441  0.05465  -0.00631 80 GLU A OE1 
611 O OE2 . GLU A 80 ? 0.78603 0.71856 0.65605 0.06800  0.04001  -0.01132 80 GLU A OE2 
# 
